data_9CI3
#
_entry.id   9CI3
#
_cell.length_a   1.00
_cell.length_b   1.00
_cell.length_c   1.00
_cell.angle_alpha   90.00
_cell.angle_beta   90.00
_cell.angle_gamma   90.00
#
_symmetry.space_group_name_H-M   'P 1'
#
loop_
_entity.id
_entity.type
_entity.pdbx_description
1 polymer '14-3-3 protein gamma'
2 polymer 'Leucine-rich repeat serine/threonine-protein kinase 2'
3 non-polymer "GUANOSINE-5'-DIPHOSPHATE"
#
loop_
_entity_poly.entity_id
_entity_poly.type
_entity_poly.pdbx_seq_one_letter_code
_entity_poly.pdbx_strand_id
1 'polypeptide(L)'
;MGSHHHHHHSGENLYFQGMVDREQLVQKARLAEQAERYDDMAAAMKNVTELNEPLSNEERNLLSVAYKNVVGARRSSWRV
ISSIEQKTSADGNEKKIEMVRAYREKIEKELEAVCQDVLSLLDNYLIKNCSETQYESKVFYLKMKGDYYRYLAEVATGEK
RATVVESSEKAYSEAHEISKEHMQPTHPIRLGLALNYSVFYYEIQNAPEQACHLAKTAFDDAIAELDTLNEDSYKDSTLI
MQLLRDNLTLWTSDQQDDDGGEGNN
;
C,B
2 'polypeptide(L)'
;MGSDYKDHDGDYKDHDIDYKDDDDKLGLEVLFQGPMASGSCQGCEEDEETLKKLIVRLNNVQEGKQIETLVQILEDLLVF
TYSEHASKLFQGKNIHVPLLIVLDSYMRVASVQQVGWSLLCKLIEVCPGTMQSLMGPQDVGNDWEVLGVHQLILKMLTVH
NASVNLSVIGLKTLDLLLTSGKITLLILDEESDIFMLIFDAMHSFPANDEVQKLGCKALHVLFERVSEEQLTEFVENKDY
MILLSALTNFKDEEEIVLHVLHCLHSLAIPCNNVEVLMSGNVRCYNIVVEAMKAFPMSERIQEVSCCLLHRLTLGNFFNI
LVLNEVHEFVVKAVQQYPENAALQISALSCLALLTETIFLNQDLEEKNENQENDDEGEEDKLFWLEACYKALTWHRKNKH
VQEAACWALNNLLMYQNSLHEKIGDEDGHFPAHREVMLSMLMHSSSKEVFQASANALSTLLEQNVNFRKILLSKGIHLNV
LELMQKHIHSPEVAESGCKMLNHLFEGSNTSLDIMAAVVPKILTVMKRHETSLPVQLEALRAILHFIVPGMPEESREDTE
FHHKLNMVKKQCFKNDIHKLVLAALNRFIGNPGIQKCGLKVISSIVHFPDALEMLSLEGAMDSVLHTLQMYPDDQEIQCL
GLSLIGYLITKKNVFIGTGHLLAKILVSSLYRFKDVAEIQTKGFQTILAILKLSASFSKLLVHHSFDLVIFHQMSSNIME
QKDQQFLNLCCKCFAKVAMDDYLKNVMLERACDQNNSIMVECLLLLGADANQAKEGSSLICQVCEKESSPKLVELLLNSG
SREQDVRKALTISIGKGDSQIISLLLRRLALDVANNSICLGGFCIGKVEPSWLGPLFPDKTSNLRKQTNIASTLARMVIR
YQMKSAVEEGTASGSDGNFSEDVLSKFDEWTFIPDSSMDSVFAQSDDLDSEGSEGSFLVKKKSN(SEP)ISVGEFYRDAV
LQRCSPNLQRHSN(SEP)LGPIFDHEDLLKRKRKILSSDDSLRSSKLQSHMRHSDSISSLASEREYITSLDLSANELRDI
DALSQKCCISVHLEHLEKLELHQNALTSFPQQLCETLKSLTHLDLHSNKFTSFPSYLLKMSCIANLDVSRNDIGPSVVLD
PTVKCPTLKQFNLSYNQLSFVPENLTDVVEKLEQLILEGNKISGICSPLRLKELKILNLSKNHISSLSENFLEACPKVES
FSARMNFLAAMPFLPPSMTILKLSQNKFSCIPEAILNLPHLRSLDMSSNDIQYLPGPAHWKSLNLRELLFSHNQISILDL
SEKAYLWSRVEKLHLSHNKLKEIPPEIGCLENLTSLDVSYNLELRSFPNEMGKLSKIWDLPLDELHLNFDFKHIGCKAKD
IIRFLQQRLKKAVPYNRMKLMIVGNTGSGKTTLLQQLMKTKKSDLGMQSATVGIDVKDWPIQIRDKRKRDLVLNVWDFAG
REEFYSTHPHFMTQRALYLAVYDLSKGQAEVDAMKPWLFNIKARASSSPVILVGTHLDVSDEKQRKACMSKITKELLNKR
GFPAIRDYHFVNATEESDALAKLRKTIINESLNFKIRDQLVVGQLIPDCYVELEKIILSERKNVPIEFPVIDRKRLLQLV
RENQLQLDENELPHAVHFLNESGVLLHFQDPALQLSDLYFVEPKWLCKIMAQILTVKVEGCPKHPKGIISRRDVEKFLSK
KRKFPKNYMSQYFKLLEKFQIALPIGEEYLLVPSSLSDHRPVIELPHCENSEIIIRLYEMPYFPMGFWSRLINRLLEISP
YMLSGRERALRPNRMYWRQGIYLNWSPEAYCLVGSEVLDNHPESFLKITVPSCRKGCILLGQVVDHIDSLMEEWFPGLLE
IDICGEGETLLKKWALYSFNDGEEHQKILLDDLMKKAEEGDLLVNPDQPRLTIPISQIAPDLILADLPRNIMLNNDELEF
EQAPEFLLGDGSFGSVYRAAYEGEEVAVKIFNKHTSLRLLRQELVVLCHLHHPSLISLLAAGIRPRMLVMELASKGSLDR
LLQQDKASLTRTLQHRIALHVADGLRYLHSAMIIYRDLKPHNVLLFTLYPNAAIIAKIADYGIAQYCCRMGIKTSEGTPG
FRAPEVARGNVIYNQQADVYSFGLLLYDILTTGGRIVEGLKFPNEFDELEIQGKLPDPVKEYGCAPWPMVEKLIKQCLKE
NPQERPTSAQVFDILNSAELVCLTRRILLPKNVIVECMVATHHNSRNASIWLGCGHTDRGQLSFLDLNTEGYTSEEVADS
RILCLALVHLPVEKESWIVSGTQSGTLLVINTEDGKKRHTLEKMTDSVTCLYCNSFSKQSKQKNFLLVGTADGKLAIFED
KTVKLKGAAPLKILNIGNVSTPLMCLSESTNSTERNVMWGGCGTKIFSFSNDFTIQKLIETRTSQLFSYAAFSDSNIITV
VVDTALYIAKQNSPVVEVWDKKTEKLCGLIDCVHFLREVMVKENKESKHKMSYSGRVKTLCLQKNTALWIGTGGGHILLL
DLSTRRLIRVIYNFCNSVRVMMTAQLGSLKNVMLVLGYNRKNTEGTQKQKEIQSCLTVWDINLPHEVQNLEKHIEVRKEL
AEKMRRTSVE
;
A
#
loop_
_chem_comp.id
_chem_comp.type
_chem_comp.name
_chem_comp.formula
GDP RNA linking GUANOSINE-5'-DIPHOSPHATE 'C10 H15 N5 O11 P2'
#
# COMPACT_ATOMS: atom_id res chain seq x y z
N GLY A 18 -49.08 -21.52 15.72
CA GLY A 18 -48.38 -21.92 14.52
C GLY A 18 -49.30 -22.42 13.42
N MET A 19 -50.33 -21.63 13.12
CA MET A 19 -51.29 -21.97 12.08
C MET A 19 -51.17 -21.11 10.83
N VAL A 20 -50.47 -19.99 10.90
CA VAL A 20 -50.24 -19.11 9.76
C VAL A 20 -48.75 -19.06 9.50
N ASP A 21 -48.35 -19.13 8.23
CA ASP A 21 -46.95 -19.22 7.87
C ASP A 21 -46.18 -17.97 8.27
N ARG A 22 -45.41 -18.07 9.34
CA ARG A 22 -44.60 -16.96 9.83
C ARG A 22 -43.47 -16.61 8.86
N GLU A 23 -42.85 -17.62 8.26
CA GLU A 23 -41.71 -17.38 7.37
C GLU A 23 -42.11 -16.56 6.16
N GLN A 24 -43.31 -16.82 5.62
CA GLN A 24 -43.79 -16.01 4.50
C GLN A 24 -43.92 -14.54 4.91
N LEU A 25 -44.46 -14.30 6.10
CA LEU A 25 -44.61 -12.92 6.57
C LEU A 25 -43.26 -12.25 6.76
N VAL A 26 -42.30 -12.95 7.36
CA VAL A 26 -41.01 -12.31 7.61
C VAL A 26 -40.25 -12.08 6.31
N GLN A 27 -40.37 -13.00 5.35
CA GLN A 27 -39.72 -12.78 4.06
C GLN A 27 -40.39 -11.64 3.30
N LYS A 28 -41.71 -11.51 3.45
CA LYS A 28 -42.40 -10.36 2.88
C LYS A 28 -41.91 -9.06 3.50
N ALA A 29 -41.71 -9.06 4.82
CA ALA A 29 -41.17 -7.88 5.48
C ALA A 29 -39.76 -7.57 4.99
N ARG A 30 -38.97 -8.61 4.72
CA ARG A 30 -37.62 -8.39 4.22
C ARG A 30 -37.63 -7.80 2.81
N LEU A 31 -38.44 -8.37 1.92
CA LEU A 31 -38.51 -7.82 0.59
C LEU A 31 -39.14 -6.43 0.59
N ALA A 32 -39.92 -6.12 1.63
CA ALA A 32 -40.44 -4.76 1.78
C ALA A 32 -39.34 -3.79 2.22
N GLU A 33 -38.54 -4.17 3.22
CA GLU A 33 -37.46 -3.30 3.66
C GLU A 33 -36.44 -3.10 2.55
N GLN A 34 -36.34 -4.07 1.64
CA GLN A 34 -35.56 -3.83 0.44
C GLN A 34 -36.31 -2.96 -0.56
N ALA A 35 -37.62 -2.84 -0.42
CA ALA A 35 -38.44 -2.11 -1.39
C ALA A 35 -39.04 -0.83 -0.81
N GLU A 36 -38.51 -0.33 0.31
CA GLU A 36 -39.01 0.85 1.02
C GLU A 36 -40.54 0.96 0.95
N ARG A 37 -41.23 -0.16 1.11
CA ARG A 37 -42.68 -0.15 1.29
C ARG A 37 -42.94 -0.37 2.78
N TYR A 38 -42.87 0.72 3.53
CA TYR A 38 -42.85 0.61 4.98
C TYR A 38 -44.22 0.25 5.55
N ASP A 39 -45.31 0.67 4.92
CA ASP A 39 -46.63 0.31 5.43
C ASP A 39 -46.82 -1.20 5.39
N ASP A 40 -46.36 -1.84 4.30
CA ASP A 40 -46.53 -3.27 4.15
C ASP A 40 -45.72 -4.04 5.19
N MET A 41 -44.46 -3.65 5.44
CA MET A 41 -43.74 -4.31 6.51
C MET A 41 -44.39 -4.03 7.86
N ALA A 42 -44.94 -2.84 8.05
CA ALA A 42 -45.60 -2.55 9.32
C ALA A 42 -46.75 -3.51 9.56
N ALA A 43 -47.59 -3.71 8.53
CA ALA A 43 -48.70 -4.64 8.67
C ALA A 43 -48.21 -6.07 8.89
N ALA A 44 -47.19 -6.49 8.14
CA ALA A 44 -46.71 -7.88 8.26
C ALA A 44 -46.11 -8.13 9.64
N MET A 45 -45.30 -7.20 10.12
CA MET A 45 -44.74 -7.29 11.47
C MET A 45 -45.85 -7.34 12.50
N LYS A 46 -46.86 -6.47 12.34
CA LYS A 46 -48.02 -6.48 13.21
C LYS A 46 -48.64 -7.87 13.27
N ASN A 47 -48.87 -8.47 12.11
CA ASN A 47 -49.51 -9.78 12.07
C ASN A 47 -48.66 -10.84 12.75
N VAL A 48 -47.36 -10.88 12.46
CA VAL A 48 -46.52 -11.96 12.99
C VAL A 48 -46.39 -11.81 14.49
N THR A 49 -46.44 -10.57 14.99
CA THR A 49 -46.45 -10.41 16.45
C THR A 49 -47.81 -10.79 17.04
N GLU A 50 -48.91 -10.55 16.31
CA GLU A 50 -50.19 -11.06 16.74
C GLU A 50 -50.24 -12.57 16.74
N LEU A 51 -49.33 -13.25 16.04
CA LEU A 51 -49.27 -14.70 16.07
C LEU A 51 -48.98 -15.26 17.47
N ASN A 52 -48.69 -14.40 18.45
CA ASN A 52 -48.61 -14.77 19.87
C ASN A 52 -47.42 -15.67 20.18
N GLU A 53 -46.28 -15.43 19.55
CA GLU A 53 -45.07 -16.12 19.95
C GLU A 53 -43.89 -15.15 19.97
N PRO A 54 -42.95 -15.33 20.90
CA PRO A 54 -41.90 -14.32 21.10
C PRO A 54 -41.07 -14.10 19.84
N LEU A 55 -40.77 -12.84 19.58
CA LEU A 55 -40.10 -12.42 18.35
C LEU A 55 -38.59 -12.52 18.50
N SER A 56 -37.93 -12.97 17.43
CA SER A 56 -36.48 -13.04 17.43
C SER A 56 -35.88 -11.64 17.31
N ASN A 57 -34.57 -11.56 17.55
CA ASN A 57 -33.90 -10.27 17.49
C ASN A 57 -34.03 -9.64 16.11
N GLU A 58 -33.88 -10.43 15.05
CA GLU A 58 -34.04 -9.90 13.71
C GLU A 58 -35.46 -9.42 13.47
N GLU A 59 -36.45 -10.25 13.81
CA GLU A 59 -37.85 -9.84 13.66
C GLU A 59 -38.18 -8.66 14.56
N ARG A 60 -37.68 -8.68 15.80
CA ARG A 60 -37.94 -7.60 16.73
C ARG A 60 -37.40 -6.27 16.20
N ASN A 61 -36.15 -6.26 15.73
CA ASN A 61 -35.57 -5.03 15.23
C ASN A 61 -36.17 -4.61 13.90
N LEU A 62 -36.58 -5.57 13.06
CA LEU A 62 -37.28 -5.21 11.83
C LEU A 62 -38.59 -4.50 12.15
N LEU A 63 -39.34 -5.03 13.12
CA LEU A 63 -40.53 -4.34 13.60
C LEU A 63 -40.17 -2.94 14.06
N SER A 64 -39.09 -2.83 14.84
CA SER A 64 -38.68 -1.54 15.36
C SER A 64 -38.41 -0.55 14.24
N VAL A 65 -37.62 -0.95 13.24
CA VAL A 65 -37.22 -0.01 12.21
C VAL A 65 -38.39 0.35 11.32
N ALA A 66 -39.24 -0.62 11.00
CA ALA A 66 -40.39 -0.35 10.15
C ALA A 66 -41.33 0.66 10.81
N TYR A 67 -41.73 0.38 12.05
CA TYR A 67 -42.62 1.32 12.71
C TYR A 67 -41.94 2.64 13.01
N LYS A 68 -40.63 2.62 13.28
CA LYS A 68 -39.92 3.88 13.48
C LYS A 68 -39.95 4.72 12.22
N ASN A 69 -39.78 4.08 11.06
CA ASN A 69 -39.82 4.81 9.80
C ASN A 69 -41.19 5.42 9.54
N VAL A 70 -42.24 4.61 9.73
CA VAL A 70 -43.57 5.15 9.41
C VAL A 70 -43.93 6.26 10.38
N VAL A 71 -43.58 6.12 11.66
CA VAL A 71 -43.86 7.20 12.58
C VAL A 71 -42.95 8.41 12.31
N GLY A 72 -41.73 8.19 11.82
CA GLY A 72 -40.80 9.28 11.65
C GLY A 72 -41.10 10.16 10.46
N ALA A 73 -41.60 9.58 9.37
CA ALA A 73 -42.05 10.41 8.26
C ALA A 73 -43.15 11.36 8.73
N ARG A 74 -44.11 10.83 9.47
CA ARG A 74 -45.18 11.67 10.01
C ARG A 74 -44.66 12.69 11.00
N ARG A 75 -43.69 12.31 11.83
CA ARG A 75 -43.10 13.28 12.76
C ARG A 75 -42.49 14.44 11.98
N SER A 76 -41.75 14.13 10.92
CA SER A 76 -41.14 15.18 10.11
C SER A 76 -42.21 16.08 9.49
N SER A 77 -43.27 15.47 8.98
CA SER A 77 -44.36 16.25 8.40
C SER A 77 -44.97 17.17 9.45
N TRP A 78 -45.17 16.66 10.67
CA TRP A 78 -45.73 17.47 11.73
C TRP A 78 -44.80 18.63 12.07
N ARG A 79 -43.50 18.37 12.13
CA ARG A 79 -42.55 19.43 12.43
C ARG A 79 -42.59 20.54 11.38
N VAL A 80 -42.57 20.17 10.10
CA VAL A 80 -42.52 21.22 9.08
C VAL A 80 -43.83 22.00 9.07
N ILE A 81 -44.97 21.32 9.20
CA ILE A 81 -46.22 22.05 9.16
C ILE A 81 -46.39 22.93 10.39
N SER A 82 -45.93 22.48 11.56
CA SER A 82 -46.00 23.32 12.74
C SER A 82 -45.11 24.54 12.59
N SER A 83 -43.92 24.36 11.99
CA SER A 83 -43.05 25.49 11.74
C SER A 83 -43.71 26.52 10.83
N ILE A 84 -44.34 26.06 9.75
CA ILE A 84 -44.99 27.01 8.84
C ILE A 84 -46.21 27.64 9.51
N GLU A 85 -46.90 26.90 10.39
CA GLU A 85 -48.01 27.48 11.13
C GLU A 85 -47.54 28.63 12.01
N GLN A 86 -46.45 28.41 12.76
CA GLN A 86 -45.93 29.46 13.61
C GLN A 86 -45.42 30.65 12.80
N LYS A 87 -44.83 30.40 11.63
CA LYS A 87 -44.34 31.51 10.81
C LYS A 87 -45.46 32.26 10.11
N THR A 88 -46.62 31.63 9.91
CA THR A 88 -47.72 32.29 9.21
C THR A 88 -48.78 32.87 10.15
N SER A 89 -48.79 32.47 11.42
CA SER A 89 -49.79 32.99 12.34
C SER A 89 -49.63 34.49 12.59
N ALA A 90 -48.43 35.04 12.37
CA ALA A 90 -48.23 36.47 12.59
C ALA A 90 -48.87 37.30 11.48
N ASP A 91 -49.07 36.72 10.30
CA ASP A 91 -49.65 37.44 9.17
C ASP A 91 -51.13 37.72 9.34
N GLY A 92 -51.81 37.03 10.25
CA GLY A 92 -53.22 37.27 10.51
C GLY A 92 -54.14 36.96 9.35
N ASN A 93 -53.92 35.82 8.70
CA ASN A 93 -54.77 35.35 7.61
C ASN A 93 -55.62 34.20 8.13
N GLU A 94 -56.93 34.43 8.23
CA GLU A 94 -57.81 33.42 8.80
C GLU A 94 -57.86 32.16 7.94
N LYS A 95 -57.89 32.33 6.62
CA LYS A 95 -57.96 31.18 5.72
C LYS A 95 -56.70 30.34 5.83
N LYS A 96 -55.52 30.99 5.76
CA LYS A 96 -54.26 30.29 5.89
C LYS A 96 -54.17 29.56 7.22
N ILE A 97 -54.48 30.26 8.31
CA ILE A 97 -54.34 29.66 9.64
C ILE A 97 -55.28 28.47 9.79
N GLU A 98 -56.54 28.63 9.37
CA GLU A 98 -57.51 27.54 9.51
C GLU A 98 -57.10 26.34 8.68
N MET A 99 -56.65 26.56 7.44
CA MET A 99 -56.25 25.46 6.59
C MET A 99 -55.06 24.73 7.17
N VAL A 100 -54.05 25.47 7.62
CA VAL A 100 -52.87 24.84 8.20
C VAL A 100 -53.23 24.09 9.47
N ARG A 101 -54.16 24.65 10.26
CA ARG A 101 -54.58 23.99 11.49
C ARG A 101 -55.29 22.68 11.18
N ALA A 102 -56.15 22.67 10.19
CA ALA A 102 -56.82 21.42 9.80
C ALA A 102 -55.80 20.40 9.33
N TYR A 103 -54.84 20.83 8.51
CA TYR A 103 -53.83 19.90 8.01
C TYR A 103 -52.97 19.34 9.13
N ARG A 104 -52.59 20.18 10.10
CA ARG A 104 -51.74 19.70 11.19
C ARG A 104 -52.52 18.78 12.11
N GLU A 105 -53.82 19.05 12.34
CA GLU A 105 -54.62 18.10 13.10
C GLU A 105 -54.77 16.78 12.35
N LYS A 106 -54.84 16.81 11.02
CA LYS A 106 -54.90 15.57 10.27
C LYS A 106 -53.60 14.78 10.39
N ILE A 107 -52.46 15.47 10.32
CA ILE A 107 -51.19 14.81 10.55
C ILE A 107 -51.15 14.21 11.95
N GLU A 108 -51.62 14.97 12.94
CA GLU A 108 -51.64 14.47 14.31
C GLU A 108 -52.53 13.25 14.46
N LYS A 109 -53.68 13.23 13.79
CA LYS A 109 -54.56 12.09 13.93
C LYS A 109 -53.98 10.85 13.24
N GLU A 110 -53.26 11.03 12.14
CA GLU A 110 -52.55 9.90 11.55
C GLU A 110 -51.48 9.38 12.51
N LEU A 111 -50.73 10.31 13.12
CA LEU A 111 -49.74 9.92 14.11
C LEU A 111 -50.38 9.16 15.27
N GLU A 112 -51.54 9.64 15.73
CA GLU A 112 -52.22 9.01 16.85
C GLU A 112 -52.72 7.62 16.47
N ALA A 113 -53.22 7.46 15.25
CA ALA A 113 -53.61 6.12 14.81
C ALA A 113 -52.42 5.18 14.85
N VAL A 114 -51.31 5.58 14.23
CA VAL A 114 -50.12 4.73 14.21
C VAL A 114 -49.64 4.44 15.63
N CYS A 115 -49.70 5.45 16.50
CA CYS A 115 -49.13 5.33 17.82
C CYS A 115 -49.99 4.46 18.73
N GLN A 116 -51.31 4.63 18.69
CA GLN A 116 -52.18 3.74 19.43
C GLN A 116 -52.02 2.32 18.92
N ASP A 117 -51.82 2.16 17.62
CA ASP A 117 -51.57 0.83 17.08
C ASP A 117 -50.32 0.22 17.69
N VAL A 118 -49.21 0.96 17.69
CA VAL A 118 -47.95 0.39 18.18
C VAL A 118 -48.01 0.19 19.69
N LEU A 119 -48.70 1.08 20.40
CA LEU A 119 -48.83 0.94 21.85
C LEU A 119 -49.66 -0.28 22.21
N SER A 120 -50.78 -0.49 21.53
CA SER A 120 -51.57 -1.69 21.76
C SER A 120 -50.77 -2.94 21.39
N LEU A 121 -50.03 -2.87 20.28
CA LEU A 121 -49.20 -4.00 19.88
C LEU A 121 -48.16 -4.32 20.95
N LEU A 122 -47.58 -3.29 21.55
CA LEU A 122 -46.54 -3.50 22.55
C LEU A 122 -47.14 -4.06 23.84
N ASP A 123 -48.03 -3.29 24.48
CA ASP A 123 -48.52 -3.68 25.80
C ASP A 123 -49.40 -4.93 25.74
N ASN A 124 -50.27 -5.04 24.72
CA ASN A 124 -51.17 -6.17 24.63
C ASN A 124 -50.42 -7.47 24.30
N TYR A 125 -49.37 -7.40 23.49
CA TYR A 125 -48.70 -8.59 23.03
C TYR A 125 -47.25 -8.70 23.50
N LEU A 126 -46.44 -7.67 23.27
CA LEU A 126 -45.00 -7.89 23.29
C LEU A 126 -44.45 -7.91 24.71
N ILE A 127 -44.89 -6.99 25.55
CA ILE A 127 -44.43 -6.97 26.94
C ILE A 127 -45.05 -8.11 27.73
N LYS A 128 -46.29 -8.49 27.38
CA LYS A 128 -47.03 -9.45 28.19
C LYS A 128 -46.36 -10.81 28.22
N ASN A 129 -45.82 -11.26 27.08
CA ASN A 129 -45.22 -12.59 26.98
C ASN A 129 -43.72 -12.58 27.28
N CYS A 130 -43.24 -11.65 28.10
CA CYS A 130 -41.85 -11.58 28.49
C CYS A 130 -41.66 -12.28 29.83
N SER A 131 -40.71 -13.22 29.87
CA SER A 131 -40.42 -13.93 31.11
C SER A 131 -39.65 -13.03 32.07
N GLU A 132 -39.56 -13.47 33.33
CA GLU A 132 -38.88 -12.68 34.35
C GLU A 132 -37.40 -12.56 34.07
N THR A 133 -36.77 -13.59 33.51
CA THR A 133 -35.35 -13.60 33.22
C THR A 133 -35.02 -13.03 31.84
N GLN A 134 -36.02 -12.65 31.05
CA GLN A 134 -35.79 -12.11 29.71
C GLN A 134 -35.60 -10.59 29.81
N TYR A 135 -34.42 -10.22 30.31
CA TYR A 135 -34.11 -8.81 30.55
C TYR A 135 -34.07 -8.01 29.24
N GLU A 136 -33.43 -8.57 28.20
CA GLU A 136 -33.19 -7.80 26.99
C GLU A 136 -34.50 -7.45 26.29
N SER A 137 -35.42 -8.41 26.20
CA SER A 137 -36.68 -8.15 25.52
C SER A 137 -37.51 -7.10 26.26
N LYS A 138 -37.68 -7.27 27.57
CA LYS A 138 -38.49 -6.32 28.33
C LYS A 138 -37.87 -4.94 28.31
N VAL A 139 -36.54 -4.85 28.38
CA VAL A 139 -35.86 -3.57 28.29
C VAL A 139 -36.15 -2.93 26.95
N PHE A 140 -36.03 -3.72 25.87
CA PHE A 140 -36.24 -3.18 24.53
C PHE A 140 -37.67 -2.69 24.36
N TYR A 141 -38.64 -3.43 24.88
CA TYR A 141 -40.04 -3.07 24.68
C TYR A 141 -40.43 -1.87 25.54
N LEU A 142 -39.87 -1.78 26.74
CA LEU A 142 -40.05 -0.56 27.52
C LEU A 142 -39.41 0.64 26.83
N LYS A 143 -38.25 0.44 26.21
CA LYS A 143 -37.64 1.50 25.42
C LYS A 143 -38.56 1.94 24.30
N MET A 144 -39.16 0.97 23.62
CA MET A 144 -40.07 1.30 22.53
C MET A 144 -41.29 2.07 23.03
N LYS A 145 -41.91 1.61 24.12
CA LYS A 145 -43.11 2.30 24.58
C LYS A 145 -42.76 3.71 25.04
N GLY A 146 -41.63 3.87 25.72
CA GLY A 146 -41.20 5.21 26.09
C GLY A 146 -40.97 6.10 24.88
N ASP A 147 -40.35 5.55 23.84
CA ASP A 147 -40.12 6.31 22.62
C ASP A 147 -41.44 6.74 22.00
N TYR A 148 -42.40 5.84 21.91
CA TYR A 148 -43.66 6.22 21.29
C TYR A 148 -44.46 7.17 22.17
N TYR A 149 -44.35 7.02 23.49
CA TYR A 149 -45.05 7.92 24.39
C TYR A 149 -44.50 9.34 24.26
N ARG A 150 -43.18 9.49 24.15
CA ARG A 150 -42.64 10.84 23.91
C ARG A 150 -42.98 11.31 22.51
N TYR A 151 -43.14 10.38 21.56
CA TYR A 151 -43.64 10.78 20.25
C TYR A 151 -45.01 11.42 20.37
N LEU A 152 -45.87 10.86 21.21
CA LEU A 152 -47.16 11.50 21.45
C LEU A 152 -46.98 12.85 22.13
N ALA A 153 -46.11 12.90 23.14
CA ALA A 153 -45.88 14.14 23.86
C ALA A 153 -45.43 15.25 22.90
N GLU A 154 -44.73 14.89 21.83
CA GLU A 154 -44.39 15.90 20.83
C GLU A 154 -45.62 16.52 20.22
N VAL A 155 -46.75 15.80 20.20
CA VAL A 155 -47.98 16.31 19.60
C VAL A 155 -49.11 16.46 20.61
N ALA A 156 -48.93 16.03 21.85
CA ALA A 156 -49.97 16.15 22.86
C ALA A 156 -49.85 17.47 23.62
N THR A 157 -51.00 17.97 24.07
CA THR A 157 -51.05 19.22 24.84
C THR A 157 -52.05 19.05 25.97
N GLY A 158 -51.87 19.85 27.03
CA GLY A 158 -52.82 19.86 28.13
C GLY A 158 -52.68 18.65 29.03
N GLU A 159 -53.81 18.24 29.62
CA GLU A 159 -53.80 17.11 30.55
C GLU A 159 -53.37 15.82 29.85
N LYS A 160 -53.77 15.65 28.59
CA LYS A 160 -53.31 14.51 27.82
C LYS A 160 -51.79 14.49 27.73
N ARG A 161 -51.19 15.66 27.48
CA ARG A 161 -49.74 15.78 27.46
C ARG A 161 -49.13 15.28 28.76
N ALA A 162 -49.70 15.71 29.89
CA ALA A 162 -49.19 15.27 31.19
C ALA A 162 -49.32 13.76 31.36
N THR A 163 -50.45 13.19 30.95
CA THR A 163 -50.66 11.75 31.12
C THR A 163 -49.64 10.96 30.30
N VAL A 164 -49.43 11.37 29.04
CA VAL A 164 -48.46 10.68 28.21
C VAL A 164 -47.05 10.79 28.76
N VAL A 165 -46.63 11.98 29.22
CA VAL A 165 -45.27 12.08 29.74
C VAL A 165 -45.13 11.33 31.05
N GLU A 166 -46.19 11.24 31.84
CA GLU A 166 -46.14 10.40 33.04
C GLU A 166 -45.90 8.95 32.67
N SER A 167 -46.65 8.44 31.69
CA SER A 167 -46.45 7.07 31.24
C SER A 167 -45.04 6.87 30.69
N SER A 168 -44.54 7.84 29.92
CA SER A 168 -43.21 7.70 29.34
C SER A 168 -42.14 7.67 30.42
N GLU A 169 -42.28 8.54 31.42
CA GLU A 169 -41.31 8.55 32.52
C GLU A 169 -41.35 7.24 33.30
N LYS A 170 -42.54 6.70 33.53
CA LYS A 170 -42.66 5.42 34.23
C LYS A 170 -41.97 4.31 33.44
N ALA A 171 -42.29 4.20 32.15
CA ALA A 171 -41.70 3.13 31.33
C ALA A 171 -40.19 3.28 31.23
N TYR A 172 -39.71 4.52 31.03
CA TYR A 172 -38.28 4.76 30.99
C TYR A 172 -37.62 4.36 32.31
N SER A 173 -38.25 4.70 33.43
CA SER A 173 -37.67 4.37 34.72
C SER A 173 -37.56 2.86 34.89
N GLU A 174 -38.62 2.13 34.51
CA GLU A 174 -38.56 0.67 34.60
C GLU A 174 -37.47 0.09 33.71
N ALA A 175 -37.39 0.57 32.47
CA ALA A 175 -36.38 0.06 31.54
C ALA A 175 -34.97 0.34 32.03
N HIS A 176 -34.73 1.58 32.48
CA HIS A 176 -33.43 1.95 33.01
C HIS A 176 -33.07 1.10 34.21
N GLU A 177 -34.04 0.89 35.11
CA GLU A 177 -33.75 0.13 36.33
C GLU A 177 -33.41 -1.32 35.99
N ILE A 178 -34.19 -1.94 35.10
CA ILE A 178 -33.88 -3.30 34.69
C ILE A 178 -32.50 -3.38 34.05
N SER A 179 -32.22 -2.47 33.10
CA SER A 179 -30.96 -2.54 32.37
C SER A 179 -29.76 -2.35 33.30
N LYS A 180 -29.83 -1.35 34.18
CA LYS A 180 -28.72 -1.09 35.08
C LYS A 180 -28.57 -2.16 36.14
N GLU A 181 -29.66 -2.81 36.56
CA GLU A 181 -29.55 -3.86 37.56
C GLU A 181 -29.01 -5.15 36.96
N HIS A 182 -29.32 -5.43 35.70
CA HIS A 182 -29.06 -6.75 35.13
C HIS A 182 -27.92 -6.78 34.11
N MET A 183 -27.69 -5.70 33.37
CA MET A 183 -26.72 -5.80 32.28
C MET A 183 -25.77 -4.61 32.28
N GLN A 184 -24.69 -4.75 31.52
CA GLN A 184 -23.58 -3.82 31.56
C GLN A 184 -23.89 -2.55 30.79
N PRO A 185 -23.21 -1.45 31.12
CA PRO A 185 -23.45 -0.19 30.40
C PRO A 185 -23.16 -0.24 28.90
N THR A 186 -22.15 -1.01 28.48
CA THR A 186 -21.71 -0.96 27.09
C THR A 186 -22.62 -1.70 26.13
N HIS A 187 -23.66 -2.38 26.61
CA HIS A 187 -24.60 -3.03 25.72
C HIS A 187 -25.30 -1.98 24.86
N PRO A 188 -25.43 -2.22 23.55
CA PRO A 188 -26.06 -1.21 22.69
C PRO A 188 -27.47 -0.83 23.13
N ILE A 189 -28.26 -1.80 23.59
CA ILE A 189 -29.63 -1.48 23.98
C ILE A 189 -29.65 -0.59 25.20
N ARG A 190 -28.74 -0.81 26.15
CA ARG A 190 -28.73 0.01 27.35
C ARG A 190 -28.31 1.44 27.06
N LEU A 191 -27.30 1.63 26.22
CA LEU A 191 -26.89 3.00 25.90
C LEU A 191 -27.90 3.70 25.02
N GLY A 192 -28.58 2.96 24.14
CA GLY A 192 -29.69 3.55 23.41
C GLY A 192 -30.83 3.95 24.34
N LEU A 193 -31.07 3.12 25.35
CA LEU A 193 -32.02 3.46 26.39
C LEU A 193 -31.62 4.77 27.07
N ALA A 194 -30.33 4.90 27.38
CA ALA A 194 -29.85 6.12 28.01
C ALA A 194 -30.03 7.32 27.09
N LEU A 195 -29.75 7.14 25.79
CA LEU A 195 -29.93 8.23 24.85
C LEU A 195 -31.38 8.68 24.80
N ASN A 196 -32.31 7.73 24.70
CA ASN A 196 -33.72 8.08 24.65
C ASN A 196 -34.18 8.70 25.96
N TYR A 197 -33.69 8.20 27.09
CA TYR A 197 -34.03 8.80 28.38
C TYR A 197 -33.54 10.25 28.46
N SER A 198 -32.30 10.48 28.01
CA SER A 198 -31.74 11.82 28.05
C SER A 198 -32.50 12.78 27.15
N VAL A 199 -32.84 12.34 25.94
CA VAL A 199 -33.54 13.25 25.05
C VAL A 199 -34.95 13.50 25.56
N PHE A 200 -35.54 12.52 26.25
CA PHE A 200 -36.84 12.75 26.86
C PHE A 200 -36.73 13.78 27.97
N TYR A 201 -35.65 13.72 28.76
CA TYR A 201 -35.47 14.71 29.82
C TYR A 201 -35.25 16.11 29.24
N TYR A 202 -34.47 16.22 28.17
CA TYR A 202 -34.15 17.56 27.67
C TYR A 202 -35.32 18.15 26.89
N GLU A 203 -35.85 17.40 25.91
CA GLU A 203 -36.80 17.97 24.97
C GLU A 203 -38.23 18.00 25.48
N ILE A 204 -38.65 16.99 26.24
CA ILE A 204 -40.01 16.90 26.75
C ILE A 204 -40.13 17.48 28.15
N GLN A 205 -39.27 17.03 29.07
CA GLN A 205 -39.27 17.56 30.43
C GLN A 205 -38.72 18.98 30.51
N ASN A 206 -37.94 19.40 29.51
CA ASN A 206 -37.26 20.69 29.53
C ASN A 206 -36.39 20.83 30.79
N ALA A 207 -35.61 19.79 31.06
CA ALA A 207 -34.72 19.74 32.22
C ALA A 207 -33.33 19.38 31.75
N PRO A 208 -32.59 20.35 31.21
CA PRO A 208 -31.27 20.05 30.64
C PRO A 208 -30.29 19.44 31.64
N GLU A 209 -30.35 19.85 32.91
CA GLU A 209 -29.40 19.34 33.89
C GLU A 209 -29.58 17.84 34.11
N GLN A 210 -30.83 17.39 34.21
CA GLN A 210 -31.09 15.96 34.36
C GLN A 210 -30.61 15.17 33.15
N ALA A 211 -30.92 15.69 31.95
CA ALA A 211 -30.51 15.02 30.73
C ALA A 211 -29.00 14.89 30.66
N CYS A 212 -28.30 15.97 30.99
CA CYS A 212 -26.84 15.94 30.99
C CYS A 212 -26.33 14.95 32.03
N HIS A 213 -26.97 14.89 33.20
CA HIS A 213 -26.50 14.00 34.26
C HIS A 213 -26.60 12.54 33.86
N LEU A 214 -27.78 12.11 33.38
CA LEU A 214 -27.90 10.74 32.91
C LEU A 214 -27.01 10.47 31.71
N ALA A 215 -26.88 11.43 30.79
CA ALA A 215 -26.03 11.21 29.63
C ALA A 215 -24.58 11.00 30.02
N LYS A 216 -24.06 11.82 30.93
CA LYS A 216 -22.68 11.65 31.38
C LYS A 216 -22.52 10.37 32.20
N THR A 217 -23.54 9.99 32.99
CA THR A 217 -23.46 8.74 33.72
C THR A 217 -23.33 7.56 32.77
N ALA A 218 -24.18 7.52 31.74
CA ALA A 218 -24.08 6.46 30.76
C ALA A 218 -22.73 6.50 30.05
N PHE A 219 -22.29 7.70 29.67
CA PHE A 219 -21.00 7.88 29.03
C PHE A 219 -19.87 7.23 29.84
N ASP A 220 -19.67 7.70 31.06
CA ASP A 220 -18.50 7.24 31.80
C ASP A 220 -18.67 5.80 32.28
N ASP A 221 -19.91 5.34 32.47
CA ASP A 221 -20.12 3.93 32.78
C ASP A 221 -19.68 3.06 31.62
N ALA A 222 -19.97 3.48 30.39
CA ALA A 222 -19.45 2.75 29.23
C ALA A 222 -17.95 2.84 29.13
N ILE A 223 -17.37 4.02 29.36
CA ILE A 223 -15.92 4.18 29.24
C ILE A 223 -15.19 3.32 30.26
N ALA A 224 -15.81 3.10 31.43
CA ALA A 224 -15.13 2.38 32.49
C ALA A 224 -14.78 0.95 32.10
N GLU A 225 -15.42 0.41 31.06
CA GLU A 225 -15.23 -0.99 30.69
C GLU A 225 -15.02 -1.18 29.19
N LEU A 226 -14.57 -0.15 28.47
CA LEU A 226 -14.32 -0.34 27.04
C LEU A 226 -13.10 -1.20 26.77
N ASP A 227 -12.24 -1.40 27.77
CA ASP A 227 -10.98 -2.11 27.53
C ASP A 227 -11.21 -3.55 27.11
N THR A 228 -12.17 -4.22 27.72
CA THR A 228 -12.43 -5.64 27.46
C THR A 228 -13.68 -5.84 26.60
N LEU A 229 -13.95 -4.89 25.71
CA LEU A 229 -15.06 -5.01 24.78
C LEU A 229 -14.60 -5.73 23.52
N ASN A 230 -15.41 -6.69 23.08
CA ASN A 230 -15.13 -7.39 21.84
C ASN A 230 -15.22 -6.43 20.66
N GLU A 231 -14.39 -6.68 19.65
CA GLU A 231 -14.39 -5.84 18.46
C GLU A 231 -15.74 -5.86 17.75
N ASP A 232 -16.46 -6.98 17.83
CA ASP A 232 -17.77 -7.07 17.19
C ASP A 232 -18.75 -6.07 17.81
N SER A 233 -18.74 -5.95 19.14
CA SER A 233 -19.60 -4.99 19.81
C SER A 233 -18.98 -3.60 19.90
N TYR A 234 -17.72 -3.45 19.49
CA TYR A 234 -17.04 -2.16 19.65
C TYR A 234 -17.70 -1.08 18.81
N LYS A 235 -17.92 -1.35 17.52
CA LYS A 235 -18.60 -0.36 16.70
C LYS A 235 -20.05 -0.20 17.12
N ASP A 236 -20.70 -1.31 17.52
CA ASP A 236 -22.09 -1.21 17.96
C ASP A 236 -22.23 -0.24 19.14
N SER A 237 -21.26 -0.27 20.06
CA SER A 237 -21.28 0.70 21.15
C SER A 237 -20.90 2.09 20.68
N THR A 238 -19.81 2.21 19.91
CA THR A 238 -19.23 3.53 19.68
C THR A 238 -20.02 4.35 18.68
N LEU A 239 -20.71 3.71 17.73
CA LEU A 239 -21.46 4.46 16.73
C LEU A 239 -22.61 5.22 17.35
N ILE A 240 -23.12 4.73 18.49
CA ILE A 240 -24.13 5.47 19.25
C ILE A 240 -23.53 6.27 20.40
N MET A 241 -22.37 5.85 20.91
CA MET A 241 -21.69 6.70 21.89
C MET A 241 -21.31 8.03 21.28
N GLN A 242 -21.00 8.04 19.98
CA GLN A 242 -20.84 9.29 19.26
C GLN A 242 -22.08 10.16 19.42
N LEU A 243 -23.27 9.55 19.34
CA LEU A 243 -24.49 10.32 19.49
C LEU A 243 -24.65 10.87 20.90
N LEU A 244 -24.38 10.04 21.92
CA LEU A 244 -24.39 10.57 23.29
C LEU A 244 -23.47 11.77 23.42
N ARG A 245 -22.23 11.64 22.95
CA ARG A 245 -21.28 12.73 23.14
C ARG A 245 -21.69 13.95 22.31
N ASP A 246 -22.30 13.72 21.15
CA ASP A 246 -22.75 14.84 20.33
C ASP A 246 -23.85 15.63 21.03
N ASN A 247 -24.85 14.94 21.59
CA ASN A 247 -25.89 15.70 22.29
C ASN A 247 -25.36 16.30 23.58
N LEU A 248 -24.39 15.64 24.23
CA LEU A 248 -23.78 16.23 25.41
C LEU A 248 -23.08 17.54 25.05
N THR A 249 -22.35 17.55 23.94
CA THR A 249 -21.70 18.77 23.48
C THR A 249 -22.72 19.84 23.12
N LEU A 250 -23.78 19.45 22.41
CA LEU A 250 -24.78 20.43 21.99
C LEU A 250 -25.50 21.04 23.19
N TRP A 251 -25.84 20.22 24.17
CA TRP A 251 -26.65 20.70 25.29
C TRP A 251 -25.89 21.70 26.15
N THR A 252 -24.62 21.41 26.45
CA THR A 252 -23.80 22.31 27.24
C THR A 252 -23.05 23.30 26.34
N SER A 253 -23.83 24.14 25.66
CA SER A 253 -23.28 25.13 24.75
C SER A 253 -23.93 26.49 24.98
N ASP A 254 -24.08 26.87 26.24
CA ASP A 254 -24.68 28.15 26.58
C ASP A 254 -24.13 28.69 27.90
N GLY B 18 -62.46 19.41 4.85
CA GLY B 18 -63.67 19.38 4.04
C GLY B 18 -63.68 20.51 3.03
N MET B 19 -62.48 21.03 2.73
CA MET B 19 -62.34 22.18 1.84
C MET B 19 -62.40 21.75 0.38
N VAL B 20 -63.24 22.41 -0.40
CA VAL B 20 -63.58 21.92 -1.73
C VAL B 20 -63.13 22.88 -2.84
N ASP B 21 -63.12 24.18 -2.56
CA ASP B 21 -62.93 25.13 -3.66
C ASP B 21 -61.48 25.13 -4.14
N ARG B 22 -61.26 25.76 -5.29
CA ARG B 22 -59.98 25.65 -6.00
C ARG B 22 -58.82 26.18 -5.17
N GLU B 23 -58.99 27.35 -4.56
CA GLU B 23 -57.90 27.97 -3.82
C GLU B 23 -57.46 27.12 -2.65
N GLN B 24 -58.43 26.58 -1.89
CA GLN B 24 -58.08 25.69 -0.79
C GLN B 24 -57.39 24.44 -1.31
N LEU B 25 -57.79 23.94 -2.47
CA LEU B 25 -57.15 22.76 -3.04
C LEU B 25 -55.70 23.03 -3.38
N VAL B 26 -55.42 24.14 -4.08
CA VAL B 26 -54.05 24.40 -4.49
C VAL B 26 -53.19 24.71 -3.27
N GLN B 27 -53.76 25.39 -2.27
CA GLN B 27 -52.98 25.67 -1.07
C GLN B 27 -52.72 24.41 -0.27
N LYS B 28 -53.67 23.47 -0.27
CA LYS B 28 -53.43 22.17 0.32
C LYS B 28 -52.32 21.42 -0.40
N ALA B 29 -52.29 21.54 -1.73
CA ALA B 29 -51.19 20.96 -2.50
C ALA B 29 -49.86 21.60 -2.11
N ARG B 30 -49.85 22.92 -1.90
CA ARG B 30 -48.64 23.61 -1.48
C ARG B 30 -48.18 23.10 -0.11
N LEU B 31 -49.12 22.96 0.82
CA LEU B 31 -48.77 22.40 2.12
C LEU B 31 -48.23 20.99 1.98
N ALA B 32 -48.82 20.19 1.09
CA ALA B 32 -48.37 18.83 0.88
C ALA B 32 -46.94 18.81 0.37
N GLU B 33 -46.61 19.67 -0.60
CA GLU B 33 -45.25 19.69 -1.12
C GLU B 33 -44.28 20.26 -0.10
N GLN B 34 -44.78 21.06 0.85
CA GLN B 34 -43.95 21.37 2.01
C GLN B 34 -43.97 20.26 3.05
N ALA B 35 -44.87 19.27 2.91
CA ALA B 35 -45.03 18.23 3.92
C ALA B 35 -44.52 16.87 3.49
N GLU B 36 -44.05 16.74 2.24
CA GLU B 36 -43.55 15.46 1.74
C GLU B 36 -44.59 14.36 1.89
N ARG B 37 -45.82 14.67 1.49
CA ARG B 37 -46.95 13.74 1.47
C ARG B 37 -47.63 13.89 0.11
N TYR B 38 -47.25 13.01 -0.83
CA TYR B 38 -47.61 13.25 -2.21
C TYR B 38 -48.99 12.70 -2.59
N ASP B 39 -49.51 11.73 -1.85
CA ASP B 39 -50.82 11.18 -2.19
C ASP B 39 -51.91 12.25 -2.09
N ASP B 40 -51.87 13.02 -1.00
CA ASP B 40 -52.84 14.09 -0.82
C ASP B 40 -52.68 15.15 -1.90
N MET B 41 -51.44 15.43 -2.29
CA MET B 41 -51.21 16.35 -3.40
C MET B 41 -51.86 15.84 -4.67
N ALA B 42 -51.69 14.55 -4.96
CA ALA B 42 -52.28 13.98 -6.17
C ALA B 42 -53.80 14.07 -6.14
N ALA B 43 -54.40 13.82 -4.98
CA ALA B 43 -55.85 13.97 -4.86
C ALA B 43 -56.26 15.43 -5.10
N ALA B 44 -55.49 16.36 -4.54
CA ALA B 44 -55.82 17.78 -4.71
C ALA B 44 -55.78 18.17 -6.17
N MET B 45 -54.76 17.73 -6.91
CA MET B 45 -54.74 17.99 -8.35
C MET B 45 -55.83 17.24 -9.10
N LYS B 46 -56.21 16.05 -8.63
CA LYS B 46 -57.34 15.37 -9.24
C LYS B 46 -58.53 16.31 -9.24
N ASN B 47 -58.84 16.88 -8.07
CA ASN B 47 -59.98 17.76 -7.91
C ASN B 47 -59.80 19.06 -8.68
N VAL B 48 -58.59 19.63 -8.67
CA VAL B 48 -58.37 20.89 -9.38
C VAL B 48 -58.62 20.72 -10.87
N THR B 49 -58.09 19.65 -11.45
CA THR B 49 -58.34 19.39 -12.86
C THR B 49 -59.82 19.05 -13.10
N GLU B 50 -60.44 18.36 -12.15
CA GLU B 50 -61.86 18.06 -12.28
C GLU B 50 -62.73 19.30 -12.18
N LEU B 51 -62.17 20.42 -11.69
CA LEU B 51 -62.87 21.69 -11.80
C LEU B 51 -63.01 22.13 -13.26
N ASN B 52 -62.28 21.47 -14.17
CA ASN B 52 -62.40 21.69 -15.61
C ASN B 52 -62.02 23.11 -16.01
N GLU B 53 -61.04 23.69 -15.32
CA GLU B 53 -60.50 24.98 -15.69
C GLU B 53 -59.07 24.82 -16.18
N PRO B 54 -58.66 25.57 -17.22
CA PRO B 54 -57.27 25.49 -17.67
C PRO B 54 -56.31 25.82 -16.53
N LEU B 55 -55.23 25.05 -16.46
CA LEU B 55 -54.28 25.17 -15.36
C LEU B 55 -53.19 26.17 -15.68
N SER B 56 -52.91 27.06 -14.73
CA SER B 56 -51.81 27.98 -14.88
C SER B 56 -50.48 27.25 -14.71
N ASN B 57 -49.38 27.99 -14.86
CA ASN B 57 -48.06 27.38 -14.79
C ASN B 57 -47.78 26.77 -13.42
N GLU B 58 -48.18 27.46 -12.35
CA GLU B 58 -47.87 26.97 -11.01
C GLU B 58 -48.66 25.71 -10.68
N GLU B 59 -49.98 25.72 -10.92
CA GLU B 59 -50.78 24.54 -10.65
C GLU B 59 -50.36 23.38 -11.53
N ARG B 60 -50.02 23.66 -12.78
CA ARG B 60 -49.51 22.64 -13.68
C ARG B 60 -48.23 22.03 -13.12
N ASN B 61 -47.33 22.88 -12.62
CA ASN B 61 -46.09 22.39 -12.06
C ASN B 61 -46.37 21.51 -10.84
N LEU B 62 -47.30 21.94 -9.98
CA LEU B 62 -47.65 21.15 -8.81
C LEU B 62 -48.19 19.79 -9.20
N LEU B 63 -49.11 19.76 -10.17
CA LEU B 63 -49.65 18.48 -10.63
C LEU B 63 -48.53 17.60 -11.15
N SER B 64 -47.64 18.18 -11.95
CA SER B 64 -46.55 17.41 -12.54
C SER B 64 -45.66 16.81 -11.47
N VAL B 65 -45.23 17.62 -10.49
CA VAL B 65 -44.28 17.11 -9.49
C VAL B 65 -44.96 16.07 -8.61
N ALA B 66 -46.21 16.33 -8.21
CA ALA B 66 -46.91 15.39 -7.34
C ALA B 66 -47.04 14.03 -8.01
N TYR B 67 -47.57 14.01 -9.25
CA TYR B 67 -47.70 12.72 -9.90
C TYR B 67 -46.37 12.12 -10.31
N LYS B 68 -45.35 12.93 -10.58
CA LYS B 68 -44.05 12.37 -10.88
C LYS B 68 -43.49 11.64 -9.67
N ASN B 69 -43.63 12.24 -8.48
CA ASN B 69 -43.15 11.59 -7.27
C ASN B 69 -43.93 10.31 -6.99
N VAL B 70 -45.26 10.37 -7.12
CA VAL B 70 -46.02 9.17 -6.78
C VAL B 70 -45.74 8.04 -7.76
N VAL B 71 -45.41 8.37 -9.02
CA VAL B 71 -45.07 7.28 -9.93
C VAL B 71 -43.63 6.83 -9.69
N GLY B 72 -42.74 7.74 -9.29
CA GLY B 72 -41.34 7.37 -9.09
C GLY B 72 -41.14 6.46 -7.89
N ALA B 73 -41.90 6.70 -6.82
CA ALA B 73 -41.79 5.82 -5.66
C ALA B 73 -42.08 4.37 -6.05
N ARG B 74 -43.23 4.16 -6.70
CA ARG B 74 -43.62 2.82 -7.10
C ARG B 74 -42.66 2.26 -8.14
N ARG B 75 -42.10 3.12 -9.00
CA ARG B 75 -41.14 2.64 -9.99
C ARG B 75 -39.86 2.15 -9.33
N SER B 76 -39.39 2.86 -8.30
CA SER B 76 -38.22 2.39 -7.57
C SER B 76 -38.50 1.06 -6.89
N SER B 77 -39.67 0.96 -6.25
CA SER B 77 -40.06 -0.32 -5.68
C SER B 77 -40.08 -1.41 -6.74
N TRP B 78 -40.60 -1.09 -7.93
CA TRP B 78 -40.72 -2.09 -8.99
C TRP B 78 -39.37 -2.56 -9.49
N ARG B 79 -38.44 -1.65 -9.79
CA ARG B 79 -37.17 -2.15 -10.31
C ARG B 79 -36.38 -2.87 -9.23
N VAL B 80 -36.50 -2.43 -7.97
CA VAL B 80 -35.85 -3.19 -6.90
C VAL B 80 -36.39 -4.62 -6.84
N ILE B 81 -37.72 -4.76 -6.85
CA ILE B 81 -38.32 -6.08 -6.75
C ILE B 81 -38.00 -6.92 -7.98
N SER B 82 -37.95 -6.30 -9.15
CA SER B 82 -37.62 -7.03 -10.36
C SER B 82 -36.18 -7.53 -10.34
N SER B 83 -35.25 -6.71 -9.84
CA SER B 83 -33.88 -7.17 -9.70
C SER B 83 -33.80 -8.33 -8.72
N ILE B 84 -34.51 -8.23 -7.60
CA ILE B 84 -34.52 -9.33 -6.62
C ILE B 84 -35.08 -10.59 -7.26
N GLU B 85 -36.15 -10.46 -8.05
CA GLU B 85 -36.75 -11.62 -8.70
C GLU B 85 -35.78 -12.26 -9.68
N GLN B 86 -35.08 -11.44 -10.47
CA GLN B 86 -34.11 -11.99 -11.41
C GLN B 86 -32.99 -12.72 -10.70
N LYS B 87 -32.51 -12.17 -9.58
CA LYS B 87 -31.47 -12.86 -8.82
C LYS B 87 -31.98 -14.16 -8.22
N THR B 88 -33.22 -14.16 -7.71
CA THR B 88 -33.74 -15.34 -7.02
C THR B 88 -34.18 -16.43 -7.98
N SER B 89 -34.43 -16.08 -9.25
CA SER B 89 -34.89 -17.09 -10.21
C SER B 89 -33.83 -18.17 -10.44
N ALA B 90 -32.55 -17.81 -10.32
CA ALA B 90 -31.49 -18.80 -10.53
C ALA B 90 -31.50 -19.88 -9.45
N ASP B 91 -31.72 -19.48 -8.20
CA ASP B 91 -31.71 -20.46 -7.10
C ASP B 91 -32.83 -21.48 -7.23
N GLY B 92 -34.03 -21.04 -7.62
CA GLY B 92 -35.12 -21.95 -7.87
C GLY B 92 -35.79 -22.53 -6.64
N ASN B 93 -36.43 -21.67 -5.83
CA ASN B 93 -37.27 -22.09 -4.73
C ASN B 93 -38.69 -21.63 -5.03
N GLU B 94 -39.63 -22.56 -5.02
CA GLU B 94 -40.98 -22.28 -5.49
C GLU B 94 -41.67 -21.21 -4.64
N LYS B 95 -41.58 -21.33 -3.31
CA LYS B 95 -42.33 -20.42 -2.45
C LYS B 95 -41.82 -18.99 -2.55
N LYS B 96 -40.50 -18.79 -2.53
CA LYS B 96 -39.97 -17.43 -2.57
C LYS B 96 -40.28 -16.76 -3.91
N ILE B 97 -40.16 -17.51 -5.00
CA ILE B 97 -40.52 -16.97 -6.31
C ILE B 97 -42.01 -16.65 -6.35
N GLU B 98 -42.84 -17.49 -5.72
CA GLU B 98 -44.28 -17.24 -5.71
C GLU B 98 -44.62 -15.93 -5.02
N MET B 99 -44.11 -15.74 -3.79
CA MET B 99 -44.43 -14.49 -3.10
C MET B 99 -43.80 -13.28 -3.78
N VAL B 100 -42.60 -13.44 -4.33
CA VAL B 100 -41.97 -12.33 -5.04
C VAL B 100 -42.81 -11.93 -6.25
N ARG B 101 -43.29 -12.92 -7.00
CA ARG B 101 -44.14 -12.64 -8.16
C ARG B 101 -45.44 -11.98 -7.73
N ALA B 102 -46.03 -12.45 -6.63
CA ALA B 102 -47.28 -11.86 -6.15
C ALA B 102 -47.09 -10.40 -5.74
N TYR B 103 -46.01 -10.11 -5.01
CA TYR B 103 -45.76 -8.73 -4.60
C TYR B 103 -45.45 -7.84 -5.81
N ARG B 104 -44.69 -8.36 -6.76
CA ARG B 104 -44.41 -7.60 -7.98
C ARG B 104 -45.70 -7.30 -8.73
N GLU B 105 -46.62 -8.28 -8.77
CA GLU B 105 -47.91 -8.05 -9.40
C GLU B 105 -48.70 -6.99 -8.66
N LYS B 106 -48.63 -6.99 -7.32
CA LYS B 106 -49.33 -5.97 -6.54
C LYS B 106 -48.81 -4.58 -6.89
N ILE B 107 -47.48 -4.42 -6.92
CA ILE B 107 -46.91 -3.14 -7.31
C ILE B 107 -47.28 -2.78 -8.74
N GLU B 108 -47.31 -3.77 -9.62
CA GLU B 108 -47.68 -3.53 -11.01
C GLU B 108 -49.11 -3.04 -11.13
N LYS B 109 -50.02 -3.64 -10.36
CA LYS B 109 -51.41 -3.18 -10.35
C LYS B 109 -51.50 -1.76 -9.80
N GLU B 110 -50.74 -1.44 -8.77
CA GLU B 110 -50.74 -0.08 -8.25
C GLU B 110 -50.27 0.91 -9.30
N LEU B 111 -49.17 0.60 -9.99
CA LEU B 111 -48.69 1.46 -11.06
C LEU B 111 -49.73 1.60 -12.16
N GLU B 112 -50.38 0.50 -12.52
CA GLU B 112 -51.37 0.54 -13.58
C GLU B 112 -52.55 1.42 -13.17
N ALA B 113 -52.97 1.33 -11.90
CA ALA B 113 -54.06 2.17 -11.43
C ALA B 113 -53.68 3.65 -11.52
N VAL B 114 -52.52 4.03 -10.98
CA VAL B 114 -52.14 5.44 -10.97
C VAL B 114 -51.95 5.97 -12.39
N CYS B 115 -51.24 5.22 -13.23
CA CYS B 115 -51.02 5.67 -14.60
C CYS B 115 -52.32 5.77 -15.38
N GLN B 116 -53.24 4.82 -15.20
CA GLN B 116 -54.53 4.91 -15.87
C GLN B 116 -55.29 6.15 -15.41
N ASP B 117 -55.25 6.44 -14.12
CA ASP B 117 -55.89 7.66 -13.63
C ASP B 117 -55.28 8.89 -14.30
N VAL B 118 -53.95 8.93 -14.38
CA VAL B 118 -53.27 10.09 -14.98
C VAL B 118 -53.68 10.24 -16.44
N LEU B 119 -53.60 9.15 -17.21
CA LEU B 119 -53.86 9.26 -18.63
C LEU B 119 -55.33 9.56 -18.90
N SER B 120 -56.24 9.04 -18.08
CA SER B 120 -57.64 9.42 -18.21
C SER B 120 -57.81 10.91 -17.94
N LEU B 121 -57.07 11.43 -16.97
CA LEU B 121 -57.14 12.85 -16.65
C LEU B 121 -56.68 13.71 -17.82
N LEU B 122 -55.52 13.37 -18.41
CA LEU B 122 -55.05 14.14 -19.57
C LEU B 122 -55.96 13.98 -20.78
N ASP B 123 -56.41 12.76 -21.08
CA ASP B 123 -57.26 12.57 -22.25
C ASP B 123 -58.58 13.31 -22.09
N ASN B 124 -59.16 13.27 -20.89
CA ASN B 124 -60.52 13.77 -20.70
C ASN B 124 -60.57 15.24 -20.32
N TYR B 125 -59.52 15.78 -19.71
CA TYR B 125 -59.60 17.15 -19.18
C TYR B 125 -58.59 18.10 -19.79
N LEU B 126 -57.31 17.74 -19.85
CA LEU B 126 -56.30 18.76 -20.16
C LEU B 126 -56.13 18.96 -21.65
N ILE B 127 -55.98 17.88 -22.42
CA ILE B 127 -55.80 18.08 -23.87
C ILE B 127 -57.09 18.59 -24.50
N LYS B 128 -58.24 18.24 -23.92
CA LYS B 128 -59.52 18.60 -24.53
C LYS B 128 -59.77 20.10 -24.44
N ASN B 129 -59.50 20.72 -23.29
CA ASN B 129 -59.78 22.14 -23.08
C ASN B 129 -58.62 23.03 -23.50
N CYS B 130 -57.63 22.49 -24.20
CA CYS B 130 -56.51 23.27 -24.70
C CYS B 130 -56.87 23.82 -26.08
N SER B 131 -56.80 25.14 -26.22
CA SER B 131 -57.07 25.77 -27.51
C SER B 131 -55.93 25.51 -28.48
N GLU B 132 -56.19 25.76 -29.77
CA GLU B 132 -55.19 25.56 -30.80
C GLU B 132 -54.00 26.48 -30.63
N THR B 133 -54.16 27.62 -29.95
CA THR B 133 -53.06 28.54 -29.69
C THR B 133 -52.32 28.26 -28.40
N GLN B 134 -52.81 27.33 -27.57
CA GLN B 134 -52.14 26.94 -26.34
C GLN B 134 -51.13 25.82 -26.61
N TYR B 135 -50.14 26.17 -27.43
CA TYR B 135 -49.19 25.17 -27.92
C TYR B 135 -48.38 24.57 -26.78
N GLU B 136 -47.90 25.42 -25.87
CA GLU B 136 -47.07 24.94 -24.77
C GLU B 136 -47.85 23.99 -23.88
N SER B 137 -49.11 24.30 -23.60
CA SER B 137 -49.92 23.46 -22.72
C SER B 137 -50.13 22.09 -23.34
N LYS B 138 -50.52 22.05 -24.62
CA LYS B 138 -50.76 20.77 -25.27
C LYS B 138 -49.47 19.95 -25.37
N VAL B 139 -48.33 20.60 -25.62
CA VAL B 139 -47.07 19.88 -25.67
C VAL B 139 -46.73 19.30 -24.31
N PHE B 140 -46.93 20.09 -23.25
CA PHE B 140 -46.61 19.64 -21.90
C PHE B 140 -47.48 18.45 -21.52
N TYR B 141 -48.76 18.49 -21.90
CA TYR B 141 -49.67 17.39 -21.60
C TYR B 141 -49.30 16.14 -22.39
N LEU B 142 -49.08 16.29 -23.70
CA LEU B 142 -48.59 15.17 -24.50
C LEU B 142 -47.30 14.62 -23.92
N LYS B 143 -46.50 15.50 -23.32
CA LYS B 143 -45.22 15.08 -22.75
C LYS B 143 -45.44 14.13 -21.58
N MET B 144 -46.27 14.51 -20.61
CA MET B 144 -46.42 13.56 -19.51
C MET B 144 -47.18 12.32 -19.98
N LYS B 145 -48.09 12.46 -20.95
CA LYS B 145 -48.82 11.27 -21.37
C LYS B 145 -47.88 10.25 -22.00
N GLY B 146 -46.93 10.73 -22.81
CA GLY B 146 -45.89 9.84 -23.29
C GLY B 146 -45.08 9.25 -22.16
N ASP B 147 -44.75 10.08 -21.16
CA ASP B 147 -43.97 9.60 -20.03
C ASP B 147 -44.69 8.48 -19.29
N TYR B 148 -45.98 8.63 -19.06
CA TYR B 148 -46.72 7.65 -18.28
C TYR B 148 -47.04 6.40 -19.08
N TYR B 149 -47.23 6.53 -20.40
CA TYR B 149 -47.27 5.31 -21.21
C TYR B 149 -45.93 4.59 -21.17
N ARG B 150 -44.83 5.33 -21.13
CA ARG B 150 -43.53 4.70 -20.93
C ARG B 150 -43.47 3.97 -19.60
N TYR B 151 -44.00 4.59 -18.55
CA TYR B 151 -44.01 3.93 -17.24
C TYR B 151 -44.83 2.66 -17.27
N LEU B 152 -45.96 2.68 -18.00
CA LEU B 152 -46.75 1.46 -18.18
C LEU B 152 -45.95 0.40 -18.91
N ALA B 153 -45.27 0.78 -20.00
CA ALA B 153 -44.49 -0.18 -20.77
C ALA B 153 -43.35 -0.76 -19.95
N GLU B 154 -42.82 0.01 -19.00
CA GLU B 154 -41.72 -0.47 -18.18
C GLU B 154 -42.11 -1.69 -17.36
N VAL B 155 -43.41 -1.94 -17.18
CA VAL B 155 -43.90 -3.14 -16.52
C VAL B 155 -44.75 -4.00 -17.42
N ALA B 156 -45.02 -3.56 -18.65
CA ALA B 156 -45.88 -4.30 -19.57
C ALA B 156 -45.06 -5.16 -20.51
N THR B 157 -45.59 -6.34 -20.83
CA THR B 157 -44.96 -7.27 -21.75
C THR B 157 -46.01 -7.88 -22.66
N GLY B 158 -45.70 -7.96 -23.95
CA GLY B 158 -46.58 -8.58 -24.91
C GLY B 158 -47.44 -7.61 -25.70
N GLU B 159 -48.69 -7.98 -25.95
CA GLU B 159 -49.59 -7.12 -26.73
C GLU B 159 -49.91 -5.83 -26.00
N LYS B 160 -50.08 -5.89 -24.67
CA LYS B 160 -50.28 -4.67 -23.90
C LYS B 160 -49.06 -3.75 -24.02
N ARG B 161 -47.86 -4.32 -23.97
CA ARG B 161 -46.65 -3.54 -24.18
C ARG B 161 -46.65 -2.91 -25.55
N ALA B 162 -47.03 -3.67 -26.58
CA ALA B 162 -47.06 -3.14 -27.94
C ALA B 162 -48.04 -1.97 -28.05
N THR B 163 -49.22 -2.12 -27.46
CA THR B 163 -50.21 -1.05 -27.50
C THR B 163 -49.68 0.21 -26.81
N VAL B 164 -49.06 0.04 -25.64
CA VAL B 164 -48.62 1.22 -24.90
C VAL B 164 -47.44 1.89 -25.60
N VAL B 165 -46.53 1.11 -26.21
CA VAL B 165 -45.41 1.75 -26.88
C VAL B 165 -45.91 2.48 -28.13
N GLU B 166 -46.88 1.90 -28.84
CA GLU B 166 -47.46 2.61 -29.97
C GLU B 166 -48.13 3.91 -29.53
N SER B 167 -48.87 3.86 -28.42
CA SER B 167 -49.52 5.07 -27.91
C SER B 167 -48.50 6.13 -27.54
N SER B 168 -47.45 5.73 -26.83
CA SER B 168 -46.42 6.67 -26.40
C SER B 168 -45.67 7.23 -27.60
N GLU B 169 -45.40 6.41 -28.60
CA GLU B 169 -44.72 6.89 -29.79
C GLU B 169 -45.58 7.90 -30.54
N LYS B 170 -46.87 7.63 -30.68
CA LYS B 170 -47.76 8.59 -31.34
C LYS B 170 -47.80 9.90 -30.57
N ALA B 171 -47.96 9.83 -29.25
CA ALA B 171 -48.00 11.04 -28.44
C ALA B 171 -46.69 11.81 -28.53
N TYR B 172 -45.56 11.08 -28.49
CA TYR B 172 -44.26 11.73 -28.54
C TYR B 172 -44.01 12.38 -29.89
N SER B 173 -44.40 11.72 -30.97
CA SER B 173 -44.24 12.30 -32.30
C SER B 173 -45.08 13.57 -32.43
N GLU B 174 -46.33 13.52 -31.95
CA GLU B 174 -47.16 14.73 -31.98
C GLU B 174 -46.51 15.85 -31.17
N ALA B 175 -46.05 15.54 -29.96
CA ALA B 175 -45.46 16.55 -29.11
C ALA B 175 -44.20 17.13 -29.74
N HIS B 176 -43.37 16.28 -30.34
CA HIS B 176 -42.15 16.74 -31.00
C HIS B 176 -42.49 17.64 -32.18
N GLU B 177 -43.53 17.30 -32.94
CA GLU B 177 -43.89 18.12 -34.09
C GLU B 177 -44.39 19.50 -33.66
N ILE B 178 -45.25 19.56 -32.64
CA ILE B 178 -45.70 20.87 -32.15
C ILE B 178 -44.52 21.65 -31.58
N SER B 179 -43.63 20.96 -30.86
CA SER B 179 -42.47 21.62 -30.29
C SER B 179 -41.60 22.24 -31.37
N LYS B 180 -41.36 21.50 -32.45
CA LYS B 180 -40.58 22.04 -33.55
C LYS B 180 -41.31 23.19 -34.22
N GLU B 181 -42.63 23.12 -34.33
CA GLU B 181 -43.33 24.11 -35.13
C GLU B 181 -43.49 25.44 -34.41
N HIS B 182 -43.67 25.47 -33.08
CA HIS B 182 -43.90 26.77 -32.47
C HIS B 182 -42.94 27.13 -31.34
N MET B 183 -42.44 26.18 -30.54
CA MET B 183 -41.43 26.49 -29.55
C MET B 183 -40.11 26.80 -30.22
N GLN B 184 -39.33 27.69 -29.60
CA GLN B 184 -37.93 27.79 -29.95
C GLN B 184 -37.14 26.71 -29.21
N PRO B 185 -36.03 26.24 -29.79
CA PRO B 185 -35.37 25.03 -29.26
C PRO B 185 -34.85 25.16 -27.84
N THR B 186 -34.62 26.37 -27.35
CA THR B 186 -34.08 26.55 -26.00
C THR B 186 -35.14 26.54 -24.93
N HIS B 187 -36.43 26.40 -25.28
CA HIS B 187 -37.47 26.30 -24.28
C HIS B 187 -37.26 25.06 -23.42
N PRO B 188 -37.30 25.20 -22.09
CA PRO B 188 -37.05 24.01 -21.23
C PRO B 188 -38.05 22.90 -21.45
N ILE B 189 -39.31 23.22 -21.75
CA ILE B 189 -40.31 22.17 -21.98
C ILE B 189 -39.91 21.32 -23.17
N ARG B 190 -39.48 21.96 -24.25
CA ARG B 190 -39.06 21.22 -25.43
C ARG B 190 -37.84 20.37 -25.15
N LEU B 191 -36.89 20.88 -24.36
CA LEU B 191 -35.72 20.08 -24.03
C LEU B 191 -36.10 18.86 -23.20
N GLY B 192 -36.97 19.04 -22.21
CA GLY B 192 -37.41 17.90 -21.43
C GLY B 192 -38.14 16.88 -22.28
N LEU B 193 -38.94 17.35 -23.22
CA LEU B 193 -39.59 16.45 -24.18
C LEU B 193 -38.55 15.68 -24.97
N ALA B 194 -37.48 16.36 -25.40
CA ALA B 194 -36.42 15.69 -26.14
C ALA B 194 -35.75 14.63 -25.28
N LEU B 195 -35.46 14.95 -24.01
CA LEU B 195 -34.81 13.98 -23.14
C LEU B 195 -35.68 12.76 -22.93
N ASN B 196 -36.97 12.96 -22.67
CA ASN B 196 -37.84 11.82 -22.41
C ASN B 196 -38.11 11.01 -23.68
N TYR B 197 -38.19 11.69 -24.84
CA TYR B 197 -38.28 10.98 -26.11
C TYR B 197 -37.06 10.12 -26.35
N SER B 198 -35.86 10.67 -26.09
CA SER B 198 -34.64 9.92 -26.29
C SER B 198 -34.55 8.75 -25.32
N VAL B 199 -34.98 8.96 -24.08
CA VAL B 199 -35.00 7.86 -23.11
C VAL B 199 -35.95 6.78 -23.57
N PHE B 200 -37.09 7.18 -24.14
CA PHE B 200 -38.02 6.21 -24.72
C PHE B 200 -37.38 5.43 -25.86
N TYR B 201 -36.68 6.14 -26.76
CA TYR B 201 -36.02 5.47 -27.88
C TYR B 201 -34.95 4.50 -27.41
N TYR B 202 -34.15 4.91 -26.42
CA TYR B 202 -33.03 4.09 -25.96
C TYR B 202 -33.50 2.90 -25.14
N GLU B 203 -34.49 3.10 -24.27
CA GLU B 203 -34.88 2.07 -23.32
C GLU B 203 -35.99 1.17 -23.88
N ILE B 204 -37.01 1.77 -24.49
CA ILE B 204 -38.13 0.98 -25.00
C ILE B 204 -37.88 0.54 -26.44
N GLN B 205 -37.60 1.49 -27.33
CA GLN B 205 -37.42 1.14 -28.74
C GLN B 205 -36.11 0.41 -29.00
N ASN B 206 -35.16 0.48 -28.06
CA ASN B 206 -33.85 -0.18 -28.21
C ASN B 206 -33.18 0.24 -29.52
N ALA B 207 -33.26 1.53 -29.83
CA ALA B 207 -32.66 2.11 -31.03
C ALA B 207 -31.79 3.28 -30.60
N PRO B 208 -30.63 3.02 -30.00
CA PRO B 208 -29.80 4.11 -29.47
C PRO B 208 -29.36 5.10 -30.53
N GLU B 209 -29.28 4.68 -31.80
CA GLU B 209 -28.90 5.60 -32.86
C GLU B 209 -29.92 6.73 -33.01
N GLN B 210 -31.20 6.37 -33.02
CA GLN B 210 -32.24 7.39 -33.15
C GLN B 210 -32.24 8.34 -31.97
N ALA B 211 -32.12 7.81 -30.75
CA ALA B 211 -32.09 8.66 -29.57
C ALA B 211 -30.88 9.58 -29.59
N CYS B 212 -29.72 9.05 -29.96
CA CYS B 212 -28.52 9.88 -30.05
C CYS B 212 -28.69 10.97 -31.08
N HIS B 213 -29.26 10.64 -32.25
CA HIS B 213 -29.46 11.64 -33.29
C HIS B 213 -30.41 12.74 -32.82
N LEU B 214 -31.53 12.36 -32.20
CA LEU B 214 -32.48 13.36 -31.72
C LEU B 214 -31.87 14.24 -30.63
N ALA B 215 -31.15 13.61 -29.70
CA ALA B 215 -30.53 14.37 -28.62
C ALA B 215 -29.45 15.31 -29.15
N LYS B 216 -28.65 14.86 -30.10
CA LYS B 216 -27.63 15.73 -30.68
C LYS B 216 -28.26 16.87 -31.47
N THR B 217 -29.36 16.59 -32.18
CA THR B 217 -30.04 17.65 -32.91
C THR B 217 -30.57 18.72 -31.96
N ALA B 218 -31.23 18.29 -30.88
CA ALA B 218 -31.72 19.25 -29.90
C ALA B 218 -30.57 20.00 -29.25
N PHE B 219 -29.47 19.30 -28.96
CA PHE B 219 -28.29 19.92 -28.37
C PHE B 219 -27.75 21.03 -29.27
N ASP B 220 -27.54 20.71 -30.55
CA ASP B 220 -27.02 21.70 -31.48
C ASP B 220 -27.98 22.86 -31.66
N ASP B 221 -29.28 22.58 -31.73
CA ASP B 221 -30.26 23.65 -31.89
C ASP B 221 -30.23 24.60 -30.70
N ALA B 222 -30.08 24.07 -29.49
CA ALA B 222 -30.01 24.93 -28.31
C ALA B 222 -28.68 25.66 -28.22
N ILE B 223 -27.61 25.07 -28.81
CA ILE B 223 -26.39 25.84 -29.00
C ILE B 223 -26.65 27.03 -29.92
N ALA B 224 -27.48 26.84 -30.94
CA ALA B 224 -27.69 27.89 -31.93
C ALA B 224 -28.28 29.15 -31.31
N GLU B 225 -28.99 29.02 -30.18
CA GLU B 225 -29.74 30.13 -29.62
C GLU B 225 -29.22 30.59 -28.26
N LEU B 226 -28.19 29.97 -27.71
CA LEU B 226 -27.74 30.38 -26.37
C LEU B 226 -27.09 31.76 -26.38
N ASP B 227 -26.78 32.30 -27.55
CA ASP B 227 -26.16 33.62 -27.61
C ASP B 227 -27.08 34.70 -27.08
N THR B 228 -28.38 34.59 -27.36
CA THR B 228 -29.35 35.62 -27.02
C THR B 228 -30.39 35.11 -26.02
N LEU B 229 -29.94 34.37 -25.01
CA LEU B 229 -30.81 33.88 -23.95
C LEU B 229 -30.67 34.76 -22.71
N ASN B 230 -31.81 35.17 -22.16
CA ASN B 230 -31.81 35.88 -20.89
C ASN B 230 -31.36 34.94 -19.78
N GLU B 231 -30.69 35.50 -18.77
CA GLU B 231 -30.10 34.69 -17.71
C GLU B 231 -31.14 33.82 -17.01
N ASP B 232 -32.34 34.37 -16.78
CA ASP B 232 -33.41 33.59 -16.17
C ASP B 232 -33.73 32.37 -17.02
N SER B 233 -33.90 32.56 -18.33
CA SER B 233 -34.03 31.42 -19.23
C SER B 233 -32.71 30.70 -19.45
N TYR B 234 -31.58 31.39 -19.26
CA TYR B 234 -30.28 30.77 -19.52
C TYR B 234 -30.04 29.59 -18.57
N LYS B 235 -30.18 29.81 -17.25
CA LYS B 235 -29.90 28.71 -16.35
C LYS B 235 -30.93 27.60 -16.50
N ASP B 236 -32.18 27.96 -16.83
CA ASP B 236 -33.18 26.93 -17.11
C ASP B 236 -32.76 26.07 -18.28
N SER B 237 -32.17 26.69 -19.32
CA SER B 237 -31.66 25.90 -20.44
C SER B 237 -30.51 25.01 -20.01
N THR B 238 -29.55 25.56 -19.25
CA THR B 238 -28.39 24.76 -18.87
C THR B 238 -28.79 23.57 -18.01
N LEU B 239 -29.54 23.82 -16.92
CA LEU B 239 -29.80 22.76 -15.94
C LEU B 239 -30.52 21.57 -16.56
N ILE B 240 -30.98 21.71 -17.80
CA ILE B 240 -31.40 20.54 -18.56
C ILE B 240 -30.29 20.11 -19.52
N MET B 241 -29.53 21.06 -20.04
CA MET B 241 -28.52 20.76 -21.05
C MET B 241 -27.42 19.85 -20.52
N GLN B 242 -26.94 20.10 -19.29
CA GLN B 242 -25.81 19.27 -18.84
C GLN B 242 -26.26 17.84 -18.65
N LEU B 243 -27.50 17.64 -18.18
CA LEU B 243 -28.06 16.30 -18.07
C LEU B 243 -28.20 15.66 -19.44
N LEU B 244 -28.63 16.44 -20.44
CA LEU B 244 -28.73 15.93 -21.80
C LEU B 244 -27.36 15.48 -22.31
N ARG B 245 -26.33 16.29 -22.04
CA ARG B 245 -24.97 15.93 -22.45
C ARG B 245 -24.47 14.71 -21.72
N ASP B 246 -24.83 14.55 -20.44
CA ASP B 246 -24.48 13.34 -19.72
C ASP B 246 -25.15 12.12 -20.34
N ASN B 247 -26.41 12.25 -20.75
CA ASN B 247 -27.09 11.14 -21.41
C ASN B 247 -26.40 10.79 -22.73
N LEU B 248 -26.02 11.81 -23.51
CA LEU B 248 -25.30 11.57 -24.75
C LEU B 248 -23.97 10.88 -24.50
N THR B 249 -23.21 11.36 -23.50
CA THR B 249 -21.90 10.77 -23.21
C THR B 249 -22.04 9.33 -22.76
N LEU B 250 -23.03 9.05 -21.90
CA LEU B 250 -23.26 7.68 -21.48
C LEU B 250 -23.65 6.79 -22.65
N TRP B 251 -24.47 7.31 -23.57
CA TRP B 251 -24.88 6.51 -24.72
C TRP B 251 -23.78 6.37 -25.76
N THR B 252 -22.84 7.32 -25.81
CA THR B 252 -21.77 7.28 -26.80
C THR B 252 -20.47 6.69 -26.24
N SER B 253 -20.48 6.23 -24.99
CA SER B 253 -19.29 5.64 -24.39
C SER B 253 -19.27 4.12 -24.48
N ASP B 254 -20.31 3.51 -25.06
CA ASP B 254 -20.40 2.05 -25.17
C ASP B 254 -20.82 1.67 -26.59
N GLN B 255 -20.15 2.27 -27.58
CA GLN B 255 -20.45 2.00 -28.98
C GLN B 255 -19.83 0.68 -29.40
N GLN B 256 -19.83 0.40 -30.70
CA GLN B 256 -19.24 -0.82 -31.23
C GLN B 256 -17.77 -0.92 -30.86
N ASP B 257 -17.42 -1.98 -30.12
CA ASP B 257 -16.06 -2.18 -29.66
C ASP B 257 -15.64 -3.63 -29.84
N LYS C 942 -29.25 3.67 -14.97
CA LYS C 942 -30.52 4.22 -15.41
C LYS C 942 -30.32 5.58 -16.09
N SER C 943 -30.99 5.78 -17.22
CA SER C 943 -30.86 7.02 -17.95
C SER C 943 -31.50 8.17 -17.16
N ASN C 944 -31.00 9.37 -17.42
CA ASN C 944 -31.47 10.56 -16.72
C ASN C 944 -32.80 11.05 -17.30
N SEP C 945 -33.89 10.75 -16.60
CA SEP C 945 -35.20 11.25 -16.97
CB SEP C 945 -36.24 10.13 -16.94
OG SEP C 945 -36.30 9.53 -15.66
C SEP C 945 -35.61 12.37 -16.02
O SEP C 945 -35.36 12.30 -14.82
P SEP C 945 -37.71 8.79 -15.53
O1P SEP C 945 -38.13 8.68 -13.98
O2P SEP C 945 -38.83 9.63 -16.33
O3P SEP C 945 -37.61 7.32 -16.17
N ILE C 946 -36.22 13.40 -16.58
CA ILE C 946 -36.53 14.59 -15.79
C ILE C 946 -37.99 14.98 -15.94
N SER C 947 -38.64 15.29 -14.82
CA SER C 947 -39.95 15.92 -14.83
C SER C 947 -39.77 17.42 -14.81
N VAL C 948 -40.17 18.08 -15.90
CA VAL C 948 -39.93 19.51 -16.03
C VAL C 948 -40.65 20.28 -14.92
N GLY C 949 -41.74 19.74 -14.40
CA GLY C 949 -42.35 20.34 -13.22
C GLY C 949 -41.44 20.27 -12.01
N GLU C 950 -40.83 19.10 -11.78
CA GLU C 950 -39.80 18.99 -10.75
C GLU C 950 -38.65 19.94 -11.02
N PHE C 951 -38.33 20.15 -12.30
CA PHE C 951 -37.29 21.10 -12.67
C PHE C 951 -37.67 22.51 -12.24
N TYR C 952 -38.92 22.91 -12.48
CA TYR C 952 -39.36 24.22 -12.06
C TYR C 952 -39.37 24.35 -10.53
N ARG C 953 -39.76 23.29 -9.83
CA ARG C 953 -39.73 23.32 -8.37
C ARG C 953 -38.32 23.41 -7.80
N ASP C 954 -37.30 23.04 -8.57
CA ASP C 954 -35.92 23.18 -8.12
C ASP C 954 -35.22 24.30 -8.86
N GLN C 965 -32.01 22.87 11.35
CA GLN C 965 -31.24 22.65 12.56
C GLN C 965 -31.29 21.18 12.96
N ARG C 966 -30.18 20.68 13.49
CA ARG C 966 -30.13 19.30 13.97
C ARG C 966 -31.11 19.09 15.11
N HIS C 967 -31.01 19.92 16.15
CA HIS C 967 -32.01 20.10 17.21
C HIS C 967 -32.19 18.86 18.09
N SER C 968 -31.52 17.77 17.76
CA SER C 968 -31.62 16.51 18.51
C SER C 968 -30.67 15.51 17.86
N ASN C 969 -30.65 14.31 18.43
CA ASN C 969 -29.92 13.18 17.85
C ASN C 969 -30.32 11.90 18.57
N SEP C 970 -31.47 11.32 18.22
CA SEP C 970 -31.93 10.11 18.88
CB SEP C 970 -33.46 10.11 18.98
OG SEP C 970 -34.04 9.27 17.99
C SEP C 970 -31.45 8.87 18.17
O SEP C 970 -30.56 8.94 17.31
P SEP C 970 -35.00 10.16 17.06
O1P SEP C 970 -34.46 10.09 15.55
O2P SEP C 970 -36.50 9.59 17.13
O3P SEP C 970 -34.98 11.68 17.57
N LEU C 971 -32.02 7.72 18.51
CA LEU C 971 -31.51 6.44 18.03
C LEU C 971 -31.59 6.31 16.51
N GLY C 972 -30.49 5.94 15.87
CA GLY C 972 -30.49 5.93 14.39
C GLY C 972 -30.49 4.56 13.72
N PRO C 973 -31.18 3.49 14.20
CA PRO C 973 -31.29 2.21 13.50
C PRO C 973 -29.98 1.62 12.99
N ILE C 974 -28.96 1.56 13.85
CA ILE C 974 -27.63 1.06 13.39
C ILE C 974 -27.84 -0.39 12.93
N PHE C 975 -28.65 -1.17 13.66
CA PHE C 975 -29.01 -2.56 13.25
C PHE C 975 -27.83 -3.21 12.49
N ASP C 976 -26.83 -3.67 13.24
CA ASP C 976 -25.71 -4.35 12.61
C ASP C 976 -26.24 -5.48 11.74
N HIS C 977 -25.85 -5.48 10.47
CA HIS C 977 -26.31 -6.46 9.48
C HIS C 977 -27.84 -6.47 9.38
N GLU C 1017 27.08 -41.98 6.88
CA GLU C 1017 26.67 -40.59 6.75
C GLU C 1017 26.76 -39.84 8.08
N TYR C 1018 27.99 -39.68 8.57
CA TYR C 1018 28.20 -38.95 9.82
C TYR C 1018 27.84 -37.48 9.65
N ILE C 1019 27.17 -36.92 10.66
CA ILE C 1019 26.82 -35.51 10.60
C ILE C 1019 28.09 -34.67 10.70
N THR C 1020 28.06 -33.50 10.06
CA THR C 1020 29.25 -32.67 9.90
C THR C 1020 29.17 -31.37 10.69
N SER C 1021 28.13 -30.56 10.47
CA SER C 1021 28.07 -29.23 11.08
C SER C 1021 27.29 -29.28 12.38
N LEU C 1022 27.97 -29.02 13.49
CA LEU C 1022 27.34 -28.90 14.81
C LEU C 1022 27.59 -27.48 15.31
N ASP C 1023 26.55 -26.83 15.79
CA ASP C 1023 26.62 -25.43 16.22
C ASP C 1023 26.46 -25.36 17.73
N LEU C 1024 27.52 -24.95 18.43
CA LEU C 1024 27.55 -24.84 19.88
C LEU C 1024 27.92 -23.42 20.29
N SER C 1025 27.34 -22.44 19.60
CA SER C 1025 27.70 -21.05 19.83
C SER C 1025 26.85 -20.41 20.93
N ALA C 1026 25.53 -20.63 20.86
CA ALA C 1026 24.59 -19.97 21.77
C ALA C 1026 24.70 -20.45 23.21
N ASN C 1027 25.22 -21.64 23.45
CA ASN C 1027 25.32 -22.17 24.81
C ASN C 1027 26.61 -21.68 25.46
N GLU C 1028 26.49 -21.21 26.71
CA GLU C 1028 27.62 -20.68 27.47
C GLU C 1028 28.46 -21.85 27.99
N LEU C 1029 29.51 -22.18 27.24
CA LEU C 1029 30.41 -23.28 27.58
C LEU C 1029 31.70 -22.72 28.17
N ARG C 1030 31.86 -22.88 29.48
CA ARG C 1030 33.10 -22.48 30.14
C ARG C 1030 34.22 -23.48 29.89
N ASP C 1031 33.90 -24.71 29.51
CA ASP C 1031 34.90 -25.74 29.28
C ASP C 1031 34.33 -26.79 28.34
N ILE C 1032 35.17 -27.30 27.45
CA ILE C 1032 34.79 -28.34 26.50
C ILE C 1032 35.50 -29.66 26.79
N ASP C 1033 36.12 -29.78 27.97
CA ASP C 1033 36.88 -30.97 28.33
C ASP C 1033 36.01 -32.21 28.47
N ALA C 1034 34.69 -32.06 28.55
CA ALA C 1034 33.82 -33.23 28.66
C ALA C 1034 33.89 -34.08 27.41
N LEU C 1035 33.96 -33.46 26.24
CA LEU C 1035 34.00 -34.18 24.97
C LEU C 1035 35.40 -34.70 24.63
N SER C 1036 36.42 -34.34 25.40
CA SER C 1036 37.77 -34.78 25.11
C SER C 1036 38.04 -36.21 25.55
N GLN C 1037 37.17 -36.79 26.37
CA GLN C 1037 37.40 -38.13 26.91
C GLN C 1037 37.05 -39.17 25.84
N LYS C 1038 37.04 -40.44 26.25
CA LYS C 1038 36.80 -41.56 25.35
C LYS C 1038 35.35 -42.04 25.42
N CYS C 1039 34.41 -41.12 25.54
CA CYS C 1039 33.00 -41.45 25.67
C CYS C 1039 32.47 -42.00 24.34
N CYS C 1040 31.16 -42.25 24.30
CA CYS C 1040 30.55 -42.89 23.13
C CYS C 1040 30.62 -42.03 21.88
N ILE C 1041 30.84 -40.72 22.02
CA ILE C 1041 30.88 -39.81 20.88
C ILE C 1041 32.31 -39.48 20.47
N SER C 1042 33.31 -40.15 21.06
CA SER C 1042 34.70 -39.84 20.74
C SER C 1042 35.12 -40.36 19.39
N VAL C 1043 34.41 -41.34 18.83
CA VAL C 1043 34.78 -41.93 17.55
C VAL C 1043 34.04 -41.22 16.43
N HIS C 1044 32.87 -40.66 16.74
CA HIS C 1044 32.08 -39.98 15.72
C HIS C 1044 32.67 -38.64 15.31
N LEU C 1045 33.48 -38.02 16.19
CA LEU C 1045 34.03 -36.71 15.91
C LEU C 1045 35.10 -36.73 14.82
N GLU C 1046 35.53 -37.92 14.38
CA GLU C 1046 36.64 -38.03 13.43
C GLU C 1046 36.32 -37.37 12.09
N HIS C 1047 35.03 -37.21 11.78
CA HIS C 1047 34.63 -36.74 10.45
C HIS C 1047 33.76 -35.50 10.55
N LEU C 1048 34.21 -34.49 11.30
CA LEU C 1048 33.39 -33.33 11.59
C LEU C 1048 33.42 -32.30 10.45
N GLU C 1049 34.60 -31.75 10.16
CA GLU C 1049 34.83 -30.82 9.05
C GLU C 1049 34.18 -29.46 9.28
N LYS C 1050 33.43 -29.31 10.37
CA LYS C 1050 32.71 -28.06 10.61
C LYS C 1050 32.31 -27.94 12.08
N LEU C 1051 32.80 -26.91 12.76
CA LEU C 1051 32.36 -26.68 14.13
C LEU C 1051 32.42 -25.18 14.43
N GLU C 1052 31.53 -24.76 15.33
CA GLU C 1052 31.42 -23.36 15.74
C GLU C 1052 31.35 -23.32 17.26
N LEU C 1053 32.48 -22.95 17.88
CA LEU C 1053 32.57 -22.83 19.34
C LEU C 1053 32.72 -21.37 19.74
N HIS C 1054 32.22 -20.45 18.91
CA HIS C 1054 32.36 -19.03 19.18
C HIS C 1054 31.29 -18.57 20.18
N GLN C 1055 31.48 -17.35 20.69
CA GLN C 1055 30.56 -16.63 21.56
C GLN C 1055 30.46 -17.23 22.96
N ASN C 1056 31.12 -18.36 23.22
CA ASN C 1056 31.11 -18.99 24.54
C ASN C 1056 32.30 -18.48 25.36
N ALA C 1057 32.59 -19.16 26.46
CA ALA C 1057 33.66 -18.75 27.37
C ALA C 1057 34.64 -19.90 27.56
N LEU C 1058 35.07 -20.49 26.45
CA LEU C 1058 36.11 -21.51 26.51
C LEU C 1058 37.45 -20.88 26.88
N THR C 1059 38.29 -21.69 27.55
CA THR C 1059 39.63 -21.28 27.92
C THR C 1059 40.57 -22.45 27.75
N SER C 1060 41.62 -22.25 26.95
CA SER C 1060 42.70 -23.24 26.79
C SER C 1060 42.16 -24.57 26.28
N PHE C 1061 41.69 -24.52 25.03
CA PHE C 1061 41.16 -25.69 24.32
C PHE C 1061 42.04 -26.92 24.56
N PRO C 1062 41.44 -28.04 24.97
CA PRO C 1062 42.26 -29.20 25.35
C PRO C 1062 43.07 -29.76 24.19
N GLN C 1063 44.27 -30.24 24.51
CA GLN C 1063 45.11 -30.88 23.51
C GLN C 1063 44.53 -32.20 23.05
N GLN C 1064 43.76 -32.87 23.91
CA GLN C 1064 43.19 -34.17 23.54
C GLN C 1064 42.16 -34.02 22.43
N LEU C 1065 41.33 -32.98 22.50
CA LEU C 1065 40.29 -32.80 21.49
C LEU C 1065 40.89 -32.47 20.13
N CYS C 1066 41.89 -31.60 20.08
CA CYS C 1066 42.48 -31.24 18.80
C CYS C 1066 43.18 -32.42 18.13
N GLU C 1067 43.66 -33.39 18.90
CA GLU C 1067 44.18 -34.63 18.34
C GLU C 1067 43.12 -35.71 18.18
N THR C 1068 41.90 -35.48 18.71
CA THR C 1068 40.85 -36.48 18.59
C THR C 1068 40.38 -36.64 17.15
N LEU C 1069 40.22 -35.54 16.44
CA LEU C 1069 39.69 -35.54 15.08
C LEU C 1069 40.78 -35.07 14.11
N LYS C 1070 40.82 -35.71 12.93
CA LYS C 1070 41.89 -35.48 11.97
C LYS C 1070 41.38 -35.20 10.56
N SER C 1071 40.18 -34.62 10.42
CA SER C 1071 39.67 -34.24 9.11
C SER C 1071 38.97 -32.88 9.14
N LEU C 1072 39.09 -32.18 10.26
CA LEU C 1072 38.38 -30.91 10.48
C LEU C 1072 39.01 -29.84 9.61
N THR C 1073 38.16 -29.07 8.92
CA THR C 1073 38.65 -28.11 7.95
C THR C 1073 38.00 -26.74 8.09
N HIS C 1074 37.15 -26.53 9.09
CA HIS C 1074 36.45 -25.26 9.27
C HIS C 1074 36.41 -24.88 10.75
N LEU C 1075 37.56 -24.99 11.42
CA LEU C 1075 37.66 -24.67 12.84
C LEU C 1075 37.37 -23.19 13.05
N ASP C 1076 36.17 -22.88 13.54
CA ASP C 1076 35.76 -21.51 13.82
C ASP C 1076 35.36 -21.40 15.28
N LEU C 1077 35.99 -20.47 16.00
CA LEU C 1077 35.57 -20.13 17.35
C LEU C 1077 36.20 -18.80 17.71
N HIS C 1078 35.38 -17.87 18.20
CA HIS C 1078 35.84 -16.58 18.67
C HIS C 1078 35.10 -16.23 19.95
N SER C 1079 35.51 -15.13 20.57
CA SER C 1079 34.98 -14.67 21.86
C SER C 1079 35.21 -15.68 22.98
N ASN C 1080 36.03 -16.70 22.76
CA ASN C 1080 36.40 -17.58 23.85
C ASN C 1080 37.53 -16.94 24.66
N LYS C 1081 37.50 -17.18 25.97
CA LYS C 1081 38.41 -16.50 26.89
C LYS C 1081 39.72 -17.27 27.04
N PHE C 1082 40.44 -17.40 25.93
CA PHE C 1082 41.80 -17.91 25.99
C PHE C 1082 42.75 -16.78 26.37
N THR C 1083 43.99 -17.13 26.64
CA THR C 1083 45.04 -16.16 26.93
C THR C 1083 46.14 -16.14 25.89
N SER C 1084 46.63 -17.29 25.46
CA SER C 1084 47.68 -17.36 24.45
C SER C 1084 47.33 -18.49 23.48
N PHE C 1085 47.88 -18.41 22.28
CA PHE C 1085 47.57 -19.38 21.23
C PHE C 1085 48.07 -20.75 21.65
N PRO C 1086 47.24 -21.81 21.59
CA PRO C 1086 47.70 -23.12 22.04
C PRO C 1086 48.91 -23.64 21.29
N SER C 1087 49.03 -23.31 20.00
CA SER C 1087 50.12 -23.75 19.13
C SER C 1087 50.08 -25.27 18.94
N TYR C 1088 49.12 -25.92 19.59
CA TYR C 1088 48.86 -27.34 19.40
C TYR C 1088 47.60 -27.59 18.60
N LEU C 1089 46.93 -26.52 18.14
CA LEU C 1089 45.73 -26.66 17.33
C LEU C 1089 46.05 -26.78 15.84
N LEU C 1090 47.33 -26.85 15.47
CA LEU C 1090 47.73 -27.02 14.08
C LEU C 1090 48.32 -28.39 13.79
N LYS C 1091 48.20 -29.34 14.71
CA LYS C 1091 48.89 -30.62 14.55
C LYS C 1091 48.08 -31.63 13.72
N MET C 1092 46.78 -31.42 13.56
CA MET C 1092 45.99 -32.36 12.78
C MET C 1092 46.38 -32.27 11.30
N SER C 1093 45.83 -33.20 10.51
CA SER C 1093 46.34 -33.43 9.15
C SER C 1093 45.97 -32.28 8.22
N CYS C 1094 44.68 -32.08 7.97
CA CYS C 1094 44.22 -31.12 6.96
C CYS C 1094 43.18 -30.21 7.59
N ILE C 1095 43.60 -28.99 7.94
CA ILE C 1095 42.72 -28.01 8.56
C ILE C 1095 42.88 -26.67 7.87
N ALA C 1096 41.75 -26.04 7.58
CA ALA C 1096 41.71 -24.69 7.03
C ALA C 1096 40.65 -23.91 7.79
N ASN C 1097 40.46 -22.65 7.40
CA ASN C 1097 39.41 -21.80 7.97
C ASN C 1097 39.51 -21.72 9.49
N LEU C 1098 40.74 -21.68 10.01
CA LEU C 1098 40.94 -21.57 11.45
C LEU C 1098 40.65 -20.14 11.89
N ASP C 1099 39.48 -19.93 12.49
CA ASP C 1099 39.02 -18.59 12.84
C ASP C 1099 39.14 -18.38 14.35
N VAL C 1100 39.89 -17.35 14.73
CA VAL C 1100 39.91 -16.84 16.09
C VAL C 1100 39.87 -15.32 15.99
N SER C 1101 38.66 -14.75 16.06
CA SER C 1101 38.46 -13.37 15.63
C SER C 1101 38.24 -12.37 16.75
N ARG C 1102 38.20 -12.80 18.00
CA ARG C 1102 38.01 -11.86 19.09
C ARG C 1102 38.83 -12.21 20.33
N ASN C 1103 39.68 -13.22 20.28
CA ASN C 1103 40.28 -13.73 21.50
C ASN C 1103 41.26 -12.75 22.11
N ASP C 1104 41.40 -12.81 23.43
CA ASP C 1104 42.38 -12.03 24.16
C ASP C 1104 43.72 -12.78 24.19
N ILE C 1105 44.26 -13.01 22.99
CA ILE C 1105 45.55 -13.66 22.88
C ILE C 1105 46.63 -12.77 23.50
N GLY C 1106 47.65 -13.41 24.08
CA GLY C 1106 48.70 -12.71 24.77
C GLY C 1106 49.47 -11.74 23.90
N PRO C 1107 50.39 -10.99 24.51
CA PRO C 1107 51.19 -10.03 23.73
C PRO C 1107 51.96 -10.66 22.59
N SER C 1108 52.43 -11.89 22.76
CA SER C 1108 53.14 -12.61 21.72
C SER C 1108 52.44 -13.93 21.44
N VAL C 1109 52.42 -14.30 20.15
CA VAL C 1109 51.69 -15.46 19.68
C VAL C 1109 52.65 -16.39 18.95
N VAL C 1110 53.92 -16.38 19.37
CA VAL C 1110 54.99 -17.07 18.66
C VAL C 1110 54.60 -18.50 18.38
N LEU C 1111 54.87 -18.96 17.15
CA LEU C 1111 54.42 -20.27 16.70
C LEU C 1111 55.51 -21.29 16.96
N ASP C 1112 55.13 -22.40 17.60
CA ASP C 1112 56.08 -23.45 17.91
C ASP C 1112 56.60 -24.06 16.61
N PRO C 1113 57.91 -24.09 16.38
CA PRO C 1113 58.42 -24.56 15.08
C PRO C 1113 58.45 -26.07 14.97
N THR C 1114 57.77 -26.77 15.87
CA THR C 1114 57.74 -28.23 15.85
C THR C 1114 56.57 -28.79 15.04
N VAL C 1115 55.77 -27.94 14.41
CA VAL C 1115 54.65 -28.38 13.58
C VAL C 1115 54.83 -27.82 12.18
N LYS C 1116 54.50 -28.61 11.18
CA LYS C 1116 54.70 -28.27 9.77
C LYS C 1116 53.42 -28.42 8.96
N CYS C 1117 52.32 -27.88 9.48
CA CYS C 1117 51.03 -28.01 8.81
C CYS C 1117 50.84 -26.88 7.80
N PRO C 1118 50.73 -27.17 6.50
CA PRO C 1118 50.51 -26.11 5.52
C PRO C 1118 49.05 -25.94 5.13
N THR C 1119 48.17 -26.84 5.58
CA THR C 1119 46.80 -26.86 5.10
C THR C 1119 46.03 -25.59 5.46
N LEU C 1120 46.53 -24.81 6.41
CA LEU C 1120 45.79 -23.64 6.87
C LEU C 1120 45.59 -22.65 5.73
N LYS C 1121 44.35 -22.18 5.60
CA LYS C 1121 43.97 -21.27 4.52
C LYS C 1121 43.42 -19.95 5.00
N GLN C 1122 42.82 -19.89 6.19
CA GLN C 1122 42.44 -18.63 6.83
C GLN C 1122 43.04 -18.64 8.24
N PHE C 1123 44.07 -17.84 8.46
CA PHE C 1123 44.64 -17.64 9.78
C PHE C 1123 44.09 -16.31 10.27
N ASN C 1124 42.86 -16.35 10.79
CA ASN C 1124 42.16 -15.14 11.19
C ASN C 1124 42.61 -14.74 12.60
N LEU C 1125 43.35 -13.65 12.69
CA LEU C 1125 43.80 -13.10 13.98
C LEU C 1125 43.20 -11.73 14.18
N SER C 1126 41.90 -11.62 13.91
CA SER C 1126 41.21 -10.36 14.08
C SER C 1126 41.15 -9.97 15.55
N TYR C 1127 41.46 -8.69 15.81
CA TYR C 1127 41.07 -8.03 17.05
C TYR C 1127 41.67 -8.69 18.28
N ASN C 1128 42.98 -8.85 18.29
CA ASN C 1128 43.66 -9.42 19.44
C ASN C 1128 44.52 -8.37 20.12
N GLN C 1129 45.04 -8.70 21.30
CA GLN C 1129 45.97 -7.84 22.02
C GLN C 1129 47.41 -8.08 21.58
N LEU C 1130 47.61 -8.47 20.32
CA LEU C 1130 48.92 -8.82 19.79
C LEU C 1130 49.87 -7.63 19.84
N SER C 1131 51.14 -7.94 20.11
CA SER C 1131 52.20 -6.96 20.00
C SER C 1131 53.18 -7.24 18.88
N PHE C 1132 53.22 -8.46 18.35
CA PHE C 1132 54.12 -8.75 17.24
C PHE C 1132 53.51 -9.86 16.38
N VAL C 1133 53.69 -9.73 15.07
CA VAL C 1133 53.12 -10.70 14.13
C VAL C 1133 53.71 -12.07 14.42
N PRO C 1134 52.93 -13.15 14.33
CA PRO C 1134 53.47 -14.48 14.63
C PRO C 1134 54.77 -14.74 13.88
N GLU C 1135 55.81 -15.12 14.63
CA GLU C 1135 57.16 -15.14 14.08
C GLU C 1135 57.38 -16.31 13.13
N ASN C 1136 56.78 -17.46 13.41
CA ASN C 1136 57.05 -18.69 12.66
C ASN C 1136 55.97 -18.98 11.63
N LEU C 1137 55.39 -17.94 11.03
CA LEU C 1137 54.45 -18.15 9.93
C LEU C 1137 55.15 -18.72 8.71
N THR C 1138 56.36 -18.23 8.40
CA THR C 1138 57.06 -18.68 7.21
C THR C 1138 57.43 -20.16 7.28
N ASP C 1139 57.88 -20.63 8.45
CA ASP C 1139 58.43 -21.97 8.58
C ASP C 1139 57.40 -23.02 8.97
N VAL C 1140 56.13 -22.65 9.16
CA VAL C 1140 55.14 -23.60 9.63
C VAL C 1140 54.00 -23.71 8.62
N VAL C 1141 53.32 -22.61 8.37
CA VAL C 1141 52.19 -22.58 7.45
C VAL C 1141 52.68 -21.95 6.15
N GLU C 1142 52.75 -22.74 5.09
CA GLU C 1142 53.27 -22.27 3.82
C GLU C 1142 52.18 -21.88 2.83
N LYS C 1143 51.05 -22.58 2.84
CA LYS C 1143 49.96 -22.35 1.90
C LYS C 1143 48.96 -21.31 2.40
N LEU C 1144 49.34 -20.53 3.42
CA LEU C 1144 48.41 -19.57 4.00
C LEU C 1144 48.00 -18.51 2.97
N GLU C 1145 46.70 -18.26 2.89
CA GLU C 1145 46.16 -17.30 1.95
C GLU C 1145 45.59 -16.07 2.64
N GLN C 1146 44.71 -16.25 3.63
CA GLN C 1146 44.03 -15.13 4.27
C GLN C 1146 44.52 -14.98 5.70
N LEU C 1147 45.57 -14.17 5.86
CA LEU C 1147 46.05 -13.78 7.18
C LEU C 1147 45.43 -12.43 7.53
N ILE C 1148 44.42 -12.45 8.38
CA ILE C 1148 43.72 -11.23 8.80
C ILE C 1148 44.02 -11.00 10.26
N LEU C 1149 44.70 -9.88 10.56
CA LEU C 1149 45.07 -9.56 11.93
C LEU C 1149 44.66 -8.13 12.28
N GLU C 1150 43.56 -7.65 11.70
CA GLU C 1150 43.15 -6.26 11.88
C GLU C 1150 42.75 -6.00 13.32
N GLY C 1151 42.83 -4.72 13.71
CA GLY C 1151 42.47 -4.31 15.04
C GLY C 1151 43.37 -4.83 16.13
N ASN C 1152 44.68 -4.77 15.93
CA ASN C 1152 45.61 -5.27 16.93
C ASN C 1152 46.54 -4.14 17.37
N LYS C 1153 47.40 -4.44 18.34
CA LYS C 1153 48.29 -3.45 18.93
C LYS C 1153 49.76 -3.72 18.59
N ILE C 1154 50.01 -4.25 17.40
CA ILE C 1154 51.38 -4.61 17.01
C ILE C 1154 52.15 -3.32 16.71
N SER C 1155 53.00 -2.91 17.65
CA SER C 1155 53.68 -1.63 17.60
C SER C 1155 54.99 -1.68 16.82
N GLY C 1156 55.86 -2.63 17.13
CA GLY C 1156 57.14 -2.70 16.48
C GLY C 1156 57.04 -3.13 15.03
N ILE C 1157 58.08 -2.84 14.27
CA ILE C 1157 58.13 -3.23 12.88
C ILE C 1157 58.23 -4.75 12.79
N CYS C 1158 57.48 -5.35 11.87
CA CYS C 1158 57.29 -6.79 11.87
C CYS C 1158 58.36 -7.47 11.01
N SER C 1159 58.23 -8.80 10.94
CA SER C 1159 59.18 -9.63 10.20
C SER C 1159 59.03 -9.40 8.70
N PRO C 1160 60.10 -9.68 7.92
CA PRO C 1160 60.01 -9.51 6.46
C PRO C 1160 58.91 -10.34 5.80
N LEU C 1161 58.31 -11.27 6.55
CA LEU C 1161 57.14 -12.04 6.11
C LEU C 1161 57.49 -12.84 4.83
N ARG C 1162 58.36 -13.82 5.03
CA ARG C 1162 58.77 -14.71 3.94
C ARG C 1162 57.71 -15.79 3.71
N LEU C 1163 56.53 -15.34 3.29
CA LEU C 1163 55.44 -16.21 2.88
C LEU C 1163 55.06 -15.89 1.45
N LYS C 1164 54.72 -16.92 0.67
CA LYS C 1164 54.58 -16.77 -0.77
C LYS C 1164 53.17 -16.98 -1.30
N GLU C 1165 52.20 -17.31 -0.46
CA GLU C 1165 50.89 -17.73 -0.96
C GLU C 1165 49.78 -16.78 -0.50
N LEU C 1166 50.12 -15.55 -0.12
CA LEU C 1166 49.08 -14.64 0.34
C LEU C 1166 48.14 -14.24 -0.79
N LYS C 1167 46.90 -14.01 -0.44
CA LYS C 1167 45.92 -13.39 -1.31
C LYS C 1167 45.44 -12.05 -0.79
N ILE C 1168 45.12 -11.95 0.50
CA ILE C 1168 44.56 -10.74 1.08
C ILE C 1168 45.28 -10.47 2.40
N LEU C 1169 45.77 -9.24 2.57
CA LEU C 1169 46.44 -8.81 3.78
C LEU C 1169 45.63 -7.73 4.47
N ASN C 1170 45.62 -7.74 5.80
CA ASN C 1170 44.83 -6.77 6.55
C ASN C 1170 45.59 -6.34 7.80
N LEU C 1171 46.02 -5.08 7.82
CA LEU C 1171 46.65 -4.48 8.99
C LEU C 1171 45.79 -3.38 9.58
N SER C 1172 44.47 -3.51 9.46
CA SER C 1172 43.57 -2.44 9.87
C SER C 1172 43.60 -2.23 11.38
N LYS C 1173 43.45 -0.97 11.79
CA LYS C 1173 43.34 -0.59 13.19
C LYS C 1173 44.54 -1.08 14.02
N ASN C 1174 45.73 -1.00 13.46
CA ASN C 1174 46.94 -1.33 14.19
C ASN C 1174 47.76 -0.06 14.45
N HIS C 1175 48.64 -0.14 15.45
CA HIS C 1175 49.50 0.98 15.81
C HIS C 1175 50.88 0.68 15.21
N ILE C 1176 51.04 1.02 13.94
CA ILE C 1176 52.25 0.71 13.18
C ILE C 1176 53.02 2.00 12.92
N SER C 1177 54.33 1.93 13.08
CA SER C 1177 55.17 3.08 12.77
C SER C 1177 55.48 3.15 11.27
N SER C 1178 55.98 2.05 10.71
CA SER C 1178 56.29 1.99 9.28
C SER C 1178 56.48 0.53 8.90
N LEU C 1179 56.72 0.30 7.61
CA LEU C 1179 56.94 -1.03 7.07
C LEU C 1179 58.35 -1.12 6.48
N SER C 1180 59.02 -2.23 6.77
CA SER C 1180 60.39 -2.41 6.31
C SER C 1180 60.43 -2.60 4.80
N GLU C 1181 61.56 -2.24 4.20
CA GLU C 1181 61.71 -2.34 2.75
C GLU C 1181 61.59 -3.78 2.25
N ASN C 1182 61.79 -4.76 3.14
CA ASN C 1182 61.59 -6.17 2.81
C ASN C 1182 60.31 -6.74 3.40
N PHE C 1183 59.34 -5.87 3.72
CA PHE C 1183 58.07 -6.33 4.27
C PHE C 1183 57.32 -7.22 3.29
N LEU C 1184 57.21 -6.78 2.03
CA LEU C 1184 56.37 -7.46 1.05
C LEU C 1184 57.16 -7.89 -0.18
N GLU C 1185 58.49 -7.97 -0.06
CA GLU C 1185 59.33 -8.34 -1.19
C GLU C 1185 59.37 -9.84 -1.44
N ALA C 1186 58.79 -10.65 -0.55
CA ALA C 1186 58.77 -12.10 -0.70
C ALA C 1186 57.35 -12.62 -0.86
N CYS C 1187 56.42 -11.74 -1.24
CA CYS C 1187 55.01 -12.08 -1.41
C CYS C 1187 54.57 -11.61 -2.78
N PRO C 1188 54.82 -12.41 -3.83
CA PRO C 1188 54.45 -12.02 -5.19
C PRO C 1188 53.02 -12.36 -5.58
N LYS C 1189 52.12 -12.63 -4.62
CA LYS C 1189 50.77 -13.08 -4.95
C LYS C 1189 49.68 -12.31 -4.20
N VAL C 1190 50.05 -11.31 -3.41
CA VAL C 1190 49.06 -10.56 -2.65
C VAL C 1190 48.18 -9.78 -3.61
N GLU C 1191 46.92 -9.63 -3.26
CA GLU C 1191 45.97 -8.89 -4.10
C GLU C 1191 45.13 -7.90 -3.32
N SER C 1192 44.95 -8.10 -2.02
CA SER C 1192 44.02 -7.30 -1.22
C SER C 1192 44.65 -6.87 0.10
N PHE C 1193 45.87 -6.31 0.03
CA PHE C 1193 46.48 -5.72 1.22
C PHE C 1193 45.68 -4.49 1.66
N SER C 1194 45.35 -4.45 2.95
CA SER C 1194 44.48 -3.40 3.50
C SER C 1194 45.00 -2.99 4.86
N ALA C 1195 45.50 -1.76 4.98
CA ALA C 1195 45.98 -1.20 6.24
C ALA C 1195 45.11 0.01 6.58
N ARG C 1196 44.31 -0.10 7.63
CA ARG C 1196 43.37 0.95 8.01
C ARG C 1196 43.64 1.42 9.44
N MET C 1197 43.44 2.72 9.66
CA MET C 1197 43.55 3.33 10.98
C MET C 1197 44.92 3.07 11.61
N ASN C 1198 45.98 3.33 10.85
CA ASN C 1198 47.34 3.21 11.31
C ASN C 1198 48.05 4.54 11.12
N PHE C 1199 49.36 4.55 11.40
CA PHE C 1199 50.22 5.71 11.15
C PHE C 1199 51.36 5.25 10.24
N LEU C 1200 51.09 5.26 8.93
CA LEU C 1200 52.06 4.81 7.93
C LEU C 1200 52.50 5.98 7.07
N ALA C 1201 53.66 5.81 6.42
CA ALA C 1201 54.25 6.86 5.61
C ALA C 1201 54.40 6.47 4.15
N ALA C 1202 55.00 5.32 3.86
CA ALA C 1202 55.31 4.97 2.48
C ALA C 1202 55.24 3.47 2.28
N MET C 1203 55.02 3.07 1.03
CA MET C 1203 54.97 1.67 0.64
C MET C 1203 56.36 1.16 0.31
N PRO C 1204 56.80 0.07 0.92
CA PRO C 1204 58.12 -0.53 0.61
C PRO C 1204 58.08 -1.54 -0.54
N PHE C 1205 58.07 -1.03 -1.76
CA PHE C 1205 58.17 -1.82 -2.99
C PHE C 1205 57.04 -2.85 -3.07
N LEU C 1206 55.83 -2.32 -3.20
CA LEU C 1206 54.67 -3.17 -3.38
C LEU C 1206 54.79 -3.99 -4.66
N PRO C 1207 54.53 -5.30 -4.61
CA PRO C 1207 54.70 -6.14 -5.79
C PRO C 1207 53.67 -5.82 -6.86
N PRO C 1208 53.95 -6.15 -8.11
CA PRO C 1208 52.98 -5.91 -9.19
C PRO C 1208 51.70 -6.72 -9.07
N SER C 1209 51.63 -7.67 -8.13
CA SER C 1209 50.49 -8.56 -7.98
C SER C 1209 49.28 -7.90 -7.33
N MET C 1210 49.40 -6.65 -6.88
CA MET C 1210 48.35 -6.03 -6.08
C MET C 1210 47.09 -5.83 -6.91
N THR C 1211 45.95 -6.08 -6.27
CA THR C 1211 44.64 -5.83 -6.88
C THR C 1211 43.82 -4.82 -6.09
N ILE C 1212 43.67 -5.02 -4.79
CA ILE C 1212 42.89 -4.15 -3.92
C ILE C 1212 43.81 -3.64 -2.82
N LEU C 1213 43.77 -2.33 -2.57
CA LEU C 1213 44.56 -1.71 -1.52
C LEU C 1213 43.68 -0.75 -0.74
N LYS C 1214 43.54 -1.01 0.56
CA LYS C 1214 42.77 -0.15 1.45
C LYS C 1214 43.72 0.48 2.45
N LEU C 1215 43.80 1.80 2.45
CA LEU C 1215 44.80 2.52 3.23
C LEU C 1215 44.22 3.81 3.81
N SER C 1216 42.91 3.85 3.98
CA SER C 1216 42.29 5.04 4.54
C SER C 1216 42.71 5.21 6.00
N GLN C 1217 42.42 6.41 6.53
CA GLN C 1217 42.76 6.75 7.91
C GLN C 1217 44.27 6.65 8.14
N ASN C 1218 45.03 7.51 7.48
CA ASN C 1218 46.47 7.59 7.66
C ASN C 1218 46.91 9.06 7.62
N LYS C 1219 48.21 9.27 7.88
CA LYS C 1219 48.82 10.59 7.90
C LYS C 1219 49.85 10.67 6.77
N PHE C 1220 49.53 11.43 5.74
CA PHE C 1220 50.35 11.55 4.54
C PHE C 1220 50.62 13.01 4.19
N SER C 1221 51.35 13.18 3.09
CA SER C 1221 51.41 14.44 2.37
C SER C 1221 51.23 14.27 0.88
N CYS C 1222 51.50 13.08 0.33
CA CYS C 1222 51.22 12.74 -1.06
C CYS C 1222 51.27 11.22 -1.17
N ILE C 1223 50.64 10.70 -2.22
CA ILE C 1223 50.70 9.26 -2.43
C ILE C 1223 52.08 8.87 -2.98
N PRO C 1224 52.82 8.00 -2.31
CA PRO C 1224 54.15 7.62 -2.82
C PRO C 1224 54.06 6.82 -4.10
N GLU C 1225 55.14 6.92 -4.90
CA GLU C 1225 55.17 6.36 -6.24
C GLU C 1225 55.08 4.84 -6.27
N ALA C 1226 55.30 4.16 -5.15
CA ALA C 1226 55.22 2.70 -5.12
C ALA C 1226 53.81 2.20 -5.44
N ILE C 1227 52.79 3.00 -5.19
CA ILE C 1227 51.42 2.66 -5.56
C ILE C 1227 51.22 3.06 -7.02
N LEU C 1228 51.93 4.09 -7.45
CA LEU C 1228 51.76 4.70 -8.75
C LEU C 1228 52.36 3.88 -9.88
N ASN C 1229 52.89 2.68 -9.61
CA ASN C 1229 53.47 1.85 -10.64
C ASN C 1229 52.96 0.42 -10.62
N LEU C 1230 51.87 0.15 -9.91
CA LEU C 1230 51.34 -1.21 -9.84
C LEU C 1230 50.55 -1.50 -11.11
N PRO C 1231 50.96 -2.50 -11.91
CA PRO C 1231 50.30 -2.72 -13.20
C PRO C 1231 48.98 -3.46 -13.12
N HIS C 1232 48.51 -3.83 -11.92
CA HIS C 1232 47.27 -4.58 -11.78
C HIS C 1232 46.40 -4.05 -10.66
N LEU C 1233 46.69 -2.85 -10.14
CA LEU C 1233 45.86 -2.27 -9.10
C LEU C 1233 44.48 -1.95 -9.64
N ARG C 1234 43.45 -2.27 -8.86
CA ARG C 1234 42.07 -2.12 -9.29
C ARG C 1234 41.28 -1.10 -8.47
N SER C 1235 41.61 -0.94 -7.19
CA SER C 1235 40.91 0.02 -6.33
C SER C 1235 41.89 0.53 -5.29
N LEU C 1236 41.58 1.72 -4.75
CA LEU C 1236 42.46 2.37 -3.79
C LEU C 1236 41.61 3.25 -2.89
N ASP C 1237 41.48 2.88 -1.63
CA ASP C 1237 40.74 3.67 -0.65
C ASP C 1237 41.76 4.50 0.14
N MET C 1238 41.65 5.82 0.02
CA MET C 1238 42.64 6.74 0.57
C MET C 1238 41.93 7.85 1.34
N SER C 1239 40.80 7.51 1.96
CA SER C 1239 39.98 8.49 2.65
C SER C 1239 40.56 8.81 4.02
N SER C 1240 40.03 9.86 4.64
CA SER C 1240 40.46 10.32 5.97
C SER C 1240 41.96 10.59 6.03
N ASN C 1241 42.53 11.12 4.96
CA ASN C 1241 43.94 11.41 4.85
C ASN C 1241 44.15 12.91 4.72
N ASP C 1242 45.42 13.32 4.68
CA ASP C 1242 45.81 14.70 4.47
C ASP C 1242 46.81 14.75 3.33
N ILE C 1243 46.30 14.80 2.10
CA ILE C 1243 47.14 14.94 0.91
C ILE C 1243 46.86 16.29 0.28
N GLN C 1244 47.65 16.62 -0.73
CA GLN C 1244 47.54 17.91 -1.40
C GLN C 1244 47.42 17.82 -2.91
N TYR C 1245 48.07 16.84 -3.55
CA TYR C 1245 48.11 16.76 -4.99
C TYR C 1245 47.84 15.34 -5.45
N LEU C 1246 46.94 15.18 -6.43
CA LEU C 1246 46.72 13.91 -7.07
C LEU C 1246 47.43 13.89 -8.41
N PRO C 1247 48.42 13.01 -8.61
CA PRO C 1247 49.07 12.93 -9.93
C PRO C 1247 48.07 12.55 -11.01
N GLY C 1248 48.23 13.17 -12.17
CA GLY C 1248 47.36 12.94 -13.30
C GLY C 1248 47.48 11.53 -13.84
N PRO C 1249 46.78 11.29 -14.95
CA PRO C 1249 46.71 9.93 -15.49
C PRO C 1249 48.05 9.34 -15.88
N ALA C 1250 49.02 10.15 -16.30
CA ALA C 1250 50.31 9.68 -16.80
C ALA C 1250 51.26 9.22 -15.70
N HIS C 1251 50.82 9.12 -14.46
CA HIS C 1251 51.68 8.72 -13.36
C HIS C 1251 51.15 7.51 -12.59
N TRP C 1252 50.11 6.84 -13.07
CA TRP C 1252 49.58 5.66 -12.40
C TRP C 1252 49.99 4.34 -13.04
N LYS C 1253 50.32 4.34 -14.33
CA LYS C 1253 50.85 3.17 -15.02
C LYS C 1253 49.95 1.95 -14.89
N SER C 1254 48.63 2.17 -14.85
CA SER C 1254 47.68 1.09 -14.68
C SER C 1254 46.55 1.25 -15.70
N LEU C 1255 45.98 0.12 -16.10
CA LEU C 1255 44.88 0.08 -17.06
C LEU C 1255 43.62 -0.52 -16.48
N ASN C 1256 43.56 -0.69 -15.15
CA ASN C 1256 42.41 -1.33 -14.53
C ASN C 1256 42.00 -0.64 -13.23
N LEU C 1257 42.28 0.66 -13.11
CA LEU C 1257 41.75 1.43 -11.99
C LEU C 1257 40.24 1.58 -12.10
N ARG C 1258 39.52 1.19 -11.05
CA ARG C 1258 38.06 1.26 -11.03
C ARG C 1258 37.53 2.17 -9.95
N GLU C 1259 37.95 1.98 -8.71
CA GLU C 1259 37.48 2.75 -7.56
C GLU C 1259 38.60 3.62 -7.02
N LEU C 1260 38.33 4.92 -6.87
CA LEU C 1260 39.29 5.88 -6.34
C LEU C 1260 38.61 6.64 -5.20
N LEU C 1261 38.98 6.30 -3.97
CA LEU C 1261 38.43 6.93 -2.78
C LEU C 1261 39.45 7.91 -2.22
N PHE C 1262 39.12 9.21 -2.25
CA PHE C 1262 40.02 10.24 -1.78
C PHE C 1262 39.27 11.30 -0.98
N SER C 1263 38.39 10.84 -0.08
CA SER C 1263 37.55 11.76 0.68
C SER C 1263 38.26 12.28 1.91
N HIS C 1264 37.70 13.34 2.50
CA HIS C 1264 38.12 13.89 3.79
C HIS C 1264 39.52 14.48 3.72
N ASN C 1265 40.07 14.64 2.52
CA ASN C 1265 41.40 15.17 2.32
C ASN C 1265 41.33 16.62 1.83
N GLN C 1266 42.48 17.19 1.45
CA GLN C 1266 42.56 18.58 1.00
C GLN C 1266 43.16 18.61 -0.41
N ILE C 1267 42.29 18.48 -1.42
CA ILE C 1267 42.70 18.49 -2.82
C ILE C 1267 42.25 19.81 -3.45
N SER C 1268 43.18 20.49 -4.12
CA SER C 1268 42.88 21.75 -4.78
C SER C 1268 42.63 21.61 -6.28
N ILE C 1269 43.32 20.68 -6.94
CA ILE C 1269 43.21 20.50 -8.37
C ILE C 1269 42.87 19.04 -8.66
N LEU C 1270 42.17 18.82 -9.78
CA LEU C 1270 41.74 17.50 -10.21
C LEU C 1270 42.26 17.21 -11.60
N ASP C 1271 43.57 17.40 -11.80
CA ASP C 1271 44.20 17.35 -13.12
C ASP C 1271 43.69 16.19 -13.96
N LEU C 1272 43.16 16.53 -15.14
CA LEU C 1272 42.68 15.54 -16.10
C LEU C 1272 43.01 15.91 -17.54
N SER C 1273 43.77 16.99 -17.77
CA SER C 1273 43.93 17.53 -19.12
C SER C 1273 44.92 16.72 -19.95
N GLU C 1274 45.93 16.12 -19.32
CA GLU C 1274 47.03 15.55 -20.08
C GLU C 1274 46.60 14.33 -20.89
N LYS C 1275 45.89 13.39 -20.26
CA LYS C 1275 45.39 12.22 -20.98
C LYS C 1275 44.09 11.79 -20.30
N ALA C 1276 42.97 12.29 -20.81
CA ALA C 1276 41.68 12.07 -20.18
C ALA C 1276 41.19 10.63 -20.34
N TYR C 1277 41.54 9.98 -21.45
CA TYR C 1277 41.12 8.61 -21.70
C TYR C 1277 41.92 7.58 -20.91
N LEU C 1278 42.92 8.00 -20.13
CA LEU C 1278 43.78 7.02 -19.48
C LEU C 1278 43.13 6.38 -18.26
N TRP C 1279 42.02 6.95 -17.74
CA TRP C 1279 41.15 6.27 -16.78
C TRP C 1279 39.79 5.95 -17.40
N SER C 1280 39.78 5.38 -18.61
CA SER C 1280 38.51 5.15 -19.28
C SER C 1280 37.61 4.17 -18.54
N ARG C 1281 38.19 3.34 -17.65
CA ARG C 1281 37.43 2.34 -16.92
C ARG C 1281 37.24 2.64 -15.45
N VAL C 1282 37.54 3.85 -14.99
CA VAL C 1282 37.25 4.21 -13.60
C VAL C 1282 35.75 4.35 -13.41
N GLU C 1283 35.22 3.68 -12.39
CA GLU C 1283 33.79 3.67 -12.12
C GLU C 1283 33.38 4.43 -10.88
N LYS C 1284 34.24 4.49 -9.85
CA LYS C 1284 33.93 5.18 -8.61
C LYS C 1284 34.97 6.26 -8.36
N LEU C 1285 34.50 7.42 -7.92
CA LEU C 1285 35.39 8.57 -7.66
C LEU C 1285 34.71 9.43 -6.59
N HIS C 1286 35.20 9.34 -5.36
CA HIS C 1286 34.64 10.09 -4.24
C HIS C 1286 35.62 11.20 -3.87
N LEU C 1287 35.17 12.44 -3.94
CA LEU C 1287 35.98 13.61 -3.63
C LEU C 1287 35.31 14.48 -2.57
N SER C 1288 34.57 13.86 -1.66
CA SER C 1288 33.79 14.62 -0.69
C SER C 1288 34.69 15.19 0.40
N HIS C 1289 34.23 16.29 1.00
CA HIS C 1289 34.91 16.97 2.10
C HIS C 1289 36.33 17.38 1.71
N ASN C 1290 36.48 17.87 0.48
CA ASN C 1290 37.77 18.33 -0.01
C ASN C 1290 37.61 19.76 -0.53
N LYS C 1291 38.75 20.42 -0.74
CA LYS C 1291 38.77 21.82 -1.13
C LYS C 1291 38.83 21.97 -2.66
N LEU C 1292 37.90 21.31 -3.33
CA LEU C 1292 37.88 21.32 -4.79
C LEU C 1292 37.53 22.70 -5.30
N LYS C 1293 38.29 23.18 -6.28
CA LYS C 1293 38.00 24.48 -6.89
C LYS C 1293 36.96 24.35 -8.00
N GLU C 1294 37.29 23.60 -9.05
CA GLU C 1294 36.36 23.39 -10.15
C GLU C 1294 36.63 22.03 -10.77
N ILE C 1295 35.59 21.42 -11.32
CA ILE C 1295 35.72 20.14 -12.00
C ILE C 1295 36.18 20.40 -13.43
N PRO C 1296 37.31 19.84 -13.85
CA PRO C 1296 37.82 20.17 -15.18
C PRO C 1296 36.90 19.62 -16.25
N PRO C 1297 36.87 20.25 -17.43
CA PRO C 1297 35.99 19.76 -18.50
C PRO C 1297 36.35 18.38 -19.00
N GLU C 1298 37.56 17.90 -18.73
CA GLU C 1298 37.99 16.59 -19.20
C GLU C 1298 37.32 15.44 -18.48
N ILE C 1299 36.56 15.70 -17.41
CA ILE C 1299 35.85 14.64 -16.71
C ILE C 1299 34.70 14.09 -17.56
N GLY C 1300 34.49 14.64 -18.76
CA GLY C 1300 33.52 14.07 -19.67
C GLY C 1300 34.01 12.84 -20.40
N CYS C 1301 35.26 12.43 -20.20
CA CYS C 1301 35.83 11.33 -20.97
C CYS C 1301 35.76 9.98 -20.26
N LEU C 1302 35.83 9.91 -18.94
CA LEU C 1302 35.78 8.63 -18.25
C LEU C 1302 34.33 8.16 -18.18
N GLU C 1303 33.89 7.54 -19.27
CA GLU C 1303 32.48 7.14 -19.40
C GLU C 1303 32.08 6.08 -18.38
N ASN C 1304 33.05 5.42 -17.76
CA ASN C 1304 32.72 4.32 -16.85
C ASN C 1304 32.37 4.82 -15.46
N LEU C 1305 32.54 6.12 -15.18
CA LEU C 1305 32.28 6.64 -13.83
C LEU C 1305 30.82 6.42 -13.46
N THR C 1306 30.60 5.82 -12.30
CA THR C 1306 29.26 5.43 -11.87
C THR C 1306 28.80 6.16 -10.62
N SER C 1307 29.65 6.24 -9.60
CA SER C 1307 29.29 6.90 -8.33
C SER C 1307 30.30 8.02 -8.11
N LEU C 1308 29.89 9.24 -8.48
CA LEU C 1308 30.70 10.43 -8.28
C LEU C 1308 30.21 11.18 -7.05
N ASP C 1309 31.14 11.76 -6.31
CA ASP C 1309 30.83 12.49 -5.09
C ASP C 1309 31.76 13.70 -5.00
N VAL C 1310 31.18 14.89 -5.12
CA VAL C 1310 31.93 16.13 -4.96
C VAL C 1310 31.21 17.01 -3.95
N SER C 1311 30.42 16.37 -3.08
CA SER C 1311 29.65 17.09 -2.09
C SER C 1311 30.55 17.63 -0.98
N TYR C 1312 29.99 18.50 -0.15
CA TYR C 1312 30.69 19.13 0.98
C TYR C 1312 31.86 19.99 0.53
N ASN C 1313 31.92 20.36 -0.75
CA ASN C 1313 33.01 21.18 -1.24
C ASN C 1313 32.89 22.61 -0.73
N LEU C 1314 31.69 23.18 -0.80
CA LEU C 1314 31.34 24.53 -0.38
C LEU C 1314 31.94 25.61 -1.28
N GLU C 1315 32.75 25.24 -2.27
CA GLU C 1315 33.28 26.23 -3.21
C GLU C 1315 33.32 25.68 -4.64
N LEU C 1316 32.47 24.72 -4.96
CA LEU C 1316 32.41 24.22 -6.34
C LEU C 1316 31.69 25.21 -7.25
N ARG C 1317 30.42 25.46 -6.97
CA ARG C 1317 29.58 26.49 -7.59
C ARG C 1317 29.31 26.23 -9.08
N SER C 1318 29.87 25.18 -9.67
CA SER C 1318 29.68 24.93 -11.09
C SER C 1318 29.99 23.48 -11.42
N PHE C 1319 29.13 22.85 -12.21
CA PHE C 1319 29.37 21.58 -12.88
C PHE C 1319 29.63 21.82 -14.36
N PRO C 1320 30.73 21.30 -14.91
CA PRO C 1320 30.96 21.43 -16.35
C PRO C 1320 29.90 20.70 -17.15
N ASN C 1321 29.56 21.28 -18.30
CA ASN C 1321 28.52 20.71 -19.15
C ASN C 1321 28.95 19.40 -19.81
N GLU C 1322 30.23 19.04 -19.71
CA GLU C 1322 30.75 17.87 -20.38
C GLU C 1322 30.34 16.55 -19.73
N MET C 1323 29.95 16.56 -18.45
CA MET C 1323 29.60 15.30 -17.79
C MET C 1323 28.23 14.81 -18.25
N GLY C 1324 27.51 15.61 -19.03
CA GLY C 1324 26.22 15.19 -19.58
C GLY C 1324 26.31 14.00 -20.51
N LYS C 1325 27.49 13.72 -21.08
CA LYS C 1325 27.69 12.53 -21.88
C LYS C 1325 27.83 11.28 -21.04
N LEU C 1326 27.98 11.43 -19.72
CA LEU C 1326 28.35 10.35 -18.81
C LEU C 1326 27.11 9.81 -18.10
N SER C 1327 26.31 9.06 -18.87
CA SER C 1327 25.00 8.66 -18.39
C SER C 1327 25.05 7.51 -17.38
N LYS C 1328 26.21 6.90 -17.13
CA LYS C 1328 26.26 5.73 -16.26
C LYS C 1328 26.09 6.05 -14.79
N ILE C 1329 25.93 7.33 -14.43
CA ILE C 1329 25.74 7.73 -13.04
C ILE C 1329 24.35 7.31 -12.59
N TRP C 1330 24.26 6.71 -11.40
CA TRP C 1330 22.99 6.51 -10.73
C TRP C 1330 22.89 7.27 -9.41
N ASP C 1331 24.02 7.67 -8.84
CA ASP C 1331 24.07 8.42 -7.60
C ASP C 1331 25.07 9.55 -7.72
N LEU C 1332 24.69 10.71 -7.22
CA LEU C 1332 25.54 11.91 -7.24
C LEU C 1332 25.07 12.83 -6.12
N PRO C 1333 25.59 12.66 -4.90
CA PRO C 1333 25.15 13.49 -3.77
C PRO C 1333 25.43 14.96 -4.03
N LEU C 1334 24.49 15.80 -3.60
CA LEU C 1334 24.61 17.25 -3.73
C LEU C 1334 24.49 17.92 -2.38
N ASP C 1335 25.19 17.38 -1.38
CA ASP C 1335 25.09 17.87 0.00
C ASP C 1335 26.08 19.01 0.23
N GLU C 1336 25.57 20.12 0.78
CA GLU C 1336 26.39 21.24 1.24
C GLU C 1336 27.20 21.87 0.10
N LEU C 1337 26.49 22.23 -0.96
CA LEU C 1337 27.07 23.04 -2.02
C LEU C 1337 25.94 23.66 -2.83
N HIS C 1338 26.21 24.86 -3.35
CA HIS C 1338 25.22 25.64 -4.10
C HIS C 1338 25.68 25.75 -5.54
N LEU C 1339 24.73 25.60 -6.47
CA LEU C 1339 25.02 25.59 -7.89
C LEU C 1339 24.32 26.76 -8.56
N ASN C 1340 24.38 26.78 -9.89
CA ASN C 1340 23.72 27.81 -10.69
C ASN C 1340 22.24 27.50 -10.94
N PHE C 1341 21.70 26.50 -10.25
CA PHE C 1341 20.31 26.12 -10.43
C PHE C 1341 19.79 25.55 -9.11
N ASP C 1342 18.46 25.55 -8.97
CA ASP C 1342 17.81 24.97 -7.81
C ASP C 1342 17.54 23.50 -8.09
N PHE C 1343 17.92 22.64 -7.15
CA PHE C 1343 17.79 21.19 -7.31
C PHE C 1343 16.92 20.61 -6.21
N LYS C 1344 16.59 19.33 -6.37
CA LYS C 1344 15.81 18.56 -5.41
C LYS C 1344 14.45 19.21 -5.14
N HIS C 1345 13.68 19.40 -6.22
CA HIS C 1345 12.33 19.92 -6.07
C HIS C 1345 11.36 18.79 -5.71
N ILE C 1346 11.14 17.87 -6.63
CA ILE C 1346 10.58 16.56 -6.32
C ILE C 1346 11.39 15.41 -6.90
N GLY C 1347 12.14 15.64 -7.98
CA GLY C 1347 13.00 14.61 -8.54
C GLY C 1347 14.45 14.89 -8.27
N CYS C 1348 15.21 15.25 -9.31
CA CYS C 1348 16.64 15.51 -9.21
C CYS C 1348 17.35 14.36 -8.51
N LYS C 1349 17.09 13.15 -9.01
CA LYS C 1349 17.61 11.92 -8.42
C LYS C 1349 18.99 11.56 -8.95
N ALA C 1350 19.76 12.55 -9.38
CA ALA C 1350 21.16 12.49 -9.82
C ALA C 1350 21.28 11.95 -11.25
N LYS C 1351 20.18 11.64 -11.92
CA LYS C 1351 20.23 11.27 -13.32
C LYS C 1351 19.56 12.28 -14.23
N ASP C 1352 18.52 12.97 -13.75
CA ASP C 1352 17.99 14.10 -14.51
C ASP C 1352 18.98 15.25 -14.54
N ILE C 1353 19.89 15.32 -13.57
CA ILE C 1353 20.93 16.34 -13.58
C ILE C 1353 21.87 16.14 -14.77
N ILE C 1354 22.24 14.89 -15.03
CA ILE C 1354 23.09 14.58 -16.18
C ILE C 1354 22.39 14.98 -17.46
N ARG C 1355 21.10 14.68 -17.58
CA ARG C 1355 20.35 15.04 -18.78
C ARG C 1355 20.26 16.55 -18.94
N PHE C 1356 20.03 17.27 -17.84
CA PHE C 1356 20.01 18.72 -17.89
C PHE C 1356 21.34 19.27 -18.38
N LEU C 1357 22.44 18.76 -17.83
CA LEU C 1357 23.76 19.26 -18.23
C LEU C 1357 24.05 18.93 -19.69
N GLN C 1358 23.65 17.74 -20.14
CA GLN C 1358 23.84 17.38 -21.54
C GLN C 1358 23.05 18.29 -22.46
N GLN C 1359 21.79 18.57 -22.12
CA GLN C 1359 20.99 19.46 -22.94
C GLN C 1359 21.60 20.86 -22.97
N ARG C 1360 22.13 21.32 -21.83
CA ARG C 1360 22.84 22.59 -21.81
C ARG C 1360 24.07 22.56 -22.69
N LEU C 1361 24.80 21.43 -22.70
CA LEU C 1361 25.93 21.28 -23.61
C LEU C 1361 25.50 21.37 -25.06
N LYS C 1362 24.31 20.86 -25.38
CA LYS C 1362 23.81 20.94 -26.75
C LYS C 1362 23.81 22.39 -27.23
N LYS C 1363 23.19 23.28 -26.47
CA LYS C 1363 23.23 24.71 -26.74
C LYS C 1363 22.82 25.45 -25.47
N ALA C 1364 23.73 26.22 -24.90
CA ALA C 1364 23.47 26.95 -23.67
C ALA C 1364 23.22 28.42 -23.99
N VAL C 1365 22.08 28.94 -23.56
CA VAL C 1365 21.72 30.34 -23.81
C VAL C 1365 21.36 31.02 -22.49
N PRO C 1366 21.52 32.33 -22.38
CA PRO C 1366 21.13 33.02 -21.16
C PRO C 1366 19.61 33.05 -21.00
N TYR C 1367 19.17 33.16 -19.76
CA TYR C 1367 17.75 33.22 -19.41
C TYR C 1367 17.50 34.48 -18.60
N ASN C 1368 16.50 35.25 -18.99
CA ASN C 1368 16.21 36.53 -18.35
C ASN C 1368 14.74 36.58 -17.94
N ARG C 1369 14.43 36.01 -16.78
CA ARG C 1369 13.07 36.00 -16.28
C ARG C 1369 13.12 36.11 -14.77
N MET C 1370 12.71 37.25 -14.23
CA MET C 1370 12.65 37.48 -12.80
C MET C 1370 11.19 37.58 -12.37
N LYS C 1371 10.96 37.47 -11.07
CA LYS C 1371 9.63 37.67 -10.51
C LYS C 1371 9.59 38.94 -9.69
N LEU C 1372 8.67 39.84 -10.05
CA LEU C 1372 8.48 41.12 -9.36
C LEU C 1372 7.13 41.03 -8.67
N MET C 1373 7.11 40.52 -7.44
CA MET C 1373 5.85 40.27 -6.75
C MET C 1373 5.48 41.49 -5.92
N ILE C 1374 4.69 42.38 -6.52
CA ILE C 1374 4.17 43.53 -5.81
C ILE C 1374 3.18 43.06 -4.77
N VAL C 1375 3.36 43.52 -3.53
CA VAL C 1375 2.53 43.12 -2.41
C VAL C 1375 2.16 44.34 -1.59
N GLY C 1376 0.88 44.49 -1.27
CA GLY C 1376 0.40 45.62 -0.51
C GLY C 1376 -0.51 45.23 0.64
N ASN C 1377 -1.34 46.17 1.12
CA ASN C 1377 -2.21 45.89 2.26
C ASN C 1377 -3.50 46.71 2.11
N THR C 1378 -4.58 46.03 1.75
CA THR C 1378 -5.95 46.56 1.83
C THR C 1378 -6.15 47.72 0.84
N GLY C 1379 -5.09 48.10 0.15
CA GLY C 1379 -5.18 49.20 -0.78
C GLY C 1379 -3.98 50.12 -0.68
N SER C 1380 -3.30 50.30 -1.80
CA SER C 1380 -2.14 51.18 -1.88
C SER C 1380 -1.80 51.40 -3.34
N GLY C 1381 -0.69 52.06 -3.62
CA GLY C 1381 -0.29 52.18 -5.00
C GLY C 1381 0.24 50.88 -5.55
N LYS C 1382 -0.66 49.90 -5.75
CA LYS C 1382 -0.28 48.64 -6.40
C LYS C 1382 -0.68 48.60 -7.86
N THR C 1383 -1.99 48.69 -8.14
CA THR C 1383 -2.43 48.67 -9.52
C THR C 1383 -2.16 50.00 -10.21
N THR C 1384 -2.35 51.10 -9.50
CA THR C 1384 -2.01 52.40 -10.07
C THR C 1384 -0.51 52.55 -10.28
N LEU C 1385 0.31 51.93 -9.44
CA LEU C 1385 1.74 52.01 -9.64
C LEU C 1385 2.24 51.04 -10.69
N LEU C 1386 1.61 49.85 -10.78
CA LEU C 1386 2.02 48.90 -11.79
C LEU C 1386 1.60 49.35 -13.18
N GLN C 1387 0.39 49.92 -13.30
CA GLN C 1387 -0.09 50.40 -14.59
C GLN C 1387 0.73 51.55 -15.14
N GLN C 1388 1.37 52.34 -14.28
CA GLN C 1388 2.24 53.40 -14.76
C GLN C 1388 3.71 53.00 -14.81
N LEU C 1389 4.10 51.97 -14.06
CA LEU C 1389 5.43 51.41 -14.19
C LEU C 1389 5.58 50.70 -15.53
N MET C 1390 4.48 50.15 -16.05
CA MET C 1390 4.47 49.47 -17.33
C MET C 1390 4.34 50.43 -18.51
N LYS C 1391 4.19 51.73 -18.25
CA LYS C 1391 3.96 52.74 -19.28
C LYS C 1391 2.75 52.40 -20.14
N THR C 1392 1.71 51.88 -19.49
CA THR C 1392 0.44 51.59 -20.17
C THR C 1392 -0.30 52.91 -20.41
N LYS C 1393 -0.28 53.38 -21.65
CA LYS C 1393 -0.84 54.70 -21.94
C LYS C 1393 -2.36 54.71 -21.86
N LYS C 1394 -3.01 53.59 -22.15
CA LYS C 1394 -4.47 53.60 -22.29
C LYS C 1394 -5.16 53.77 -20.94
N SER C 1395 -4.99 52.78 -20.05
CA SER C 1395 -5.71 52.74 -18.78
C SER C 1395 -7.20 53.02 -18.99
N ASP C 1396 -7.84 52.12 -19.75
CA ASP C 1396 -9.20 52.37 -20.21
C ASP C 1396 -10.18 52.51 -19.05
N LEU C 1397 -10.05 51.66 -18.04
CA LEU C 1397 -10.91 51.74 -16.86
C LEU C 1397 -10.50 52.95 -16.03
N GLY C 1398 -11.33 53.99 -16.04
CA GLY C 1398 -11.02 55.20 -15.28
C GLY C 1398 -11.01 54.99 -13.78
N MET C 1399 -11.71 53.98 -13.29
CA MET C 1399 -11.73 53.64 -11.86
C MET C 1399 -11.59 52.11 -11.77
N GLN C 1400 -10.35 51.66 -11.57
CA GLN C 1400 -10.06 50.22 -11.55
C GLN C 1400 -10.41 49.64 -10.18
N SER C 1401 -11.18 48.56 -10.18
CA SER C 1401 -11.72 48.01 -8.94
C SER C 1401 -10.63 47.25 -8.18
N ALA C 1402 -11.05 46.66 -7.06
CA ALA C 1402 -10.09 46.02 -6.16
C ALA C 1402 -9.50 44.76 -6.80
N THR C 1403 -8.23 44.51 -6.49
CA THR C 1403 -7.52 43.37 -7.06
C THR C 1403 -8.01 42.07 -6.43
N VAL C 1404 -8.30 41.09 -7.27
CA VAL C 1404 -8.76 39.77 -6.83
C VAL C 1404 -7.83 38.72 -7.42
N GLY C 1405 -7.44 37.76 -6.61
CA GLY C 1405 -6.45 36.80 -7.07
C GLY C 1405 -5.06 37.40 -6.97
N ILE C 1406 -4.27 37.25 -8.04
CA ILE C 1406 -2.98 37.93 -8.10
C ILE C 1406 -2.80 38.73 -9.39
N ASP C 1407 -3.63 38.52 -10.41
CA ASP C 1407 -3.59 39.28 -11.66
C ASP C 1407 -2.18 39.26 -12.27
N VAL C 1408 -1.74 38.04 -12.58
CA VAL C 1408 -0.41 37.85 -13.12
C VAL C 1408 -0.31 38.52 -14.48
N LYS C 1409 0.71 39.34 -14.66
CA LYS C 1409 0.98 40.01 -15.91
C LYS C 1409 2.46 39.93 -16.21
N ASP C 1410 2.79 39.98 -17.50
CA ASP C 1410 4.18 39.93 -17.93
C ASP C 1410 4.46 41.16 -18.77
N TRP C 1411 5.64 41.73 -18.58
CA TRP C 1411 5.94 42.92 -19.36
C TRP C 1411 7.41 42.91 -19.76
N PRO C 1412 7.71 43.11 -21.04
CA PRO C 1412 9.11 43.16 -21.46
C PRO C 1412 9.73 44.52 -21.20
N ILE C 1413 11.03 44.50 -20.94
CA ILE C 1413 11.82 45.71 -20.81
C ILE C 1413 13.08 45.55 -21.66
N GLN C 1414 13.15 46.29 -22.75
CA GLN C 1414 14.36 46.35 -23.57
C GLN C 1414 15.15 47.58 -23.15
N ILE C 1415 16.33 47.35 -22.57
CA ILE C 1415 17.16 48.43 -22.06
C ILE C 1415 17.94 49.03 -23.22
N ARG C 1416 17.82 50.35 -23.38
CA ARG C 1416 18.45 51.05 -24.49
C ARG C 1416 19.85 51.52 -24.10
N ASP C 1417 20.73 50.55 -23.90
CA ASP C 1417 22.10 50.81 -23.47
C ASP C 1417 23.01 49.82 -24.20
N LYS C 1418 24.25 49.70 -23.72
CA LYS C 1418 25.21 48.80 -24.36
C LYS C 1418 24.74 47.36 -24.30
N ARG C 1419 24.15 46.94 -23.17
CA ARG C 1419 23.71 45.57 -23.02
C ARG C 1419 22.41 45.36 -23.78
N LYS C 1420 22.45 44.49 -24.79
CA LYS C 1420 21.27 44.14 -25.56
C LYS C 1420 20.29 43.30 -24.76
N ARG C 1421 20.68 42.83 -23.57
CA ARG C 1421 19.86 41.93 -22.76
C ARG C 1421 18.47 42.49 -22.54
N ASP C 1422 17.46 41.84 -23.13
CA ASP C 1422 16.07 42.31 -23.04
C ASP C 1422 15.35 41.45 -22.01
N LEU C 1423 15.56 41.80 -20.73
CA LEU C 1423 14.98 41.01 -19.66
C LEU C 1423 13.47 41.20 -19.61
N VAL C 1424 12.75 40.09 -19.50
CA VAL C 1424 11.31 40.10 -19.32
C VAL C 1424 11.02 39.43 -17.99
N LEU C 1425 10.19 40.06 -17.17
CA LEU C 1425 9.89 39.60 -15.82
C LEU C 1425 8.42 39.77 -15.57
N ASN C 1426 7.83 38.85 -14.82
CA ASN C 1426 6.40 38.87 -14.57
C ASN C 1426 6.10 39.66 -13.30
N VAL C 1427 5.01 40.43 -13.33
CA VAL C 1427 4.58 41.21 -12.19
C VAL C 1427 3.31 40.57 -11.62
N TRP C 1428 3.36 40.22 -10.35
CA TRP C 1428 2.23 39.62 -9.65
C TRP C 1428 1.74 40.61 -8.61
N ASP C 1429 0.72 41.39 -8.97
CA ASP C 1429 0.13 42.29 -7.98
C ASP C 1429 -0.81 41.50 -7.08
N PHE C 1430 -0.29 41.06 -5.94
CA PHE C 1430 -1.02 40.25 -4.99
C PHE C 1430 -2.24 41.00 -4.45
N ALA C 1431 -3.08 40.30 -3.70
CA ALA C 1431 -4.34 40.86 -3.24
C ALA C 1431 -4.13 41.64 -1.94
N GLY C 1432 -4.50 42.91 -1.94
CA GLY C 1432 -4.36 43.72 -0.74
C GLY C 1432 -5.29 43.29 0.38
N ARG C 1433 -6.54 42.97 0.04
CA ARG C 1433 -7.53 42.69 1.06
C ARG C 1433 -7.17 41.43 1.84
N GLU C 1434 -7.42 41.47 3.15
CA GLU C 1434 -7.04 40.40 4.05
C GLU C 1434 -7.86 39.13 3.87
N GLU C 1435 -8.94 39.19 3.08
CA GLU C 1435 -9.75 38.01 2.86
C GLU C 1435 -8.98 36.93 2.12
N PHE C 1436 -8.19 37.31 1.12
CA PHE C 1436 -7.46 36.37 0.27
C PHE C 1436 -6.16 35.88 0.92
N TYR C 1437 -5.86 36.30 2.14
CA TYR C 1437 -4.54 36.13 2.73
C TYR C 1437 -4.14 34.68 2.92
N SER C 1438 -4.97 33.68 2.63
CA SER C 1438 -4.62 32.30 2.90
C SER C 1438 -4.21 31.52 1.67
N THR C 1439 -4.10 32.18 0.52
CA THR C 1439 -3.61 31.55 -0.70
C THR C 1439 -2.32 32.17 -1.21
N HIS C 1440 -1.96 33.35 -0.73
CA HIS C 1440 -0.76 34.03 -1.21
C HIS C 1440 0.54 33.25 -0.96
N PRO C 1441 0.77 32.62 0.20
CA PRO C 1441 2.07 31.99 0.45
C PRO C 1441 2.48 30.94 -0.58
N HIS C 1442 1.49 30.31 -1.24
CA HIS C 1442 1.81 29.39 -2.32
C HIS C 1442 2.63 30.06 -3.41
N PHE C 1443 2.45 31.36 -3.59
CA PHE C 1443 3.05 32.09 -4.70
C PHE C 1443 4.14 33.03 -4.25
N MET C 1444 4.93 32.65 -3.25
CA MET C 1444 6.08 33.43 -2.80
C MET C 1444 7.32 32.56 -2.94
N THR C 1445 7.95 32.60 -4.11
CA THR C 1445 9.09 31.76 -4.39
C THR C 1445 10.39 32.46 -4.02
N GLN C 1446 11.39 31.67 -3.64
CA GLN C 1446 12.65 32.20 -3.13
C GLN C 1446 13.37 33.07 -4.15
N ARG C 1447 13.04 32.95 -5.43
CA ARG C 1447 13.67 33.72 -6.49
C ARG C 1447 12.67 34.77 -6.94
N ALA C 1448 12.74 35.94 -6.31
CA ALA C 1448 11.83 37.02 -6.64
C ALA C 1448 12.45 38.33 -6.13
N LEU C 1449 11.84 39.43 -6.55
CA LEU C 1449 12.26 40.77 -6.16
C LEU C 1449 11.00 41.49 -5.67
N TYR C 1450 10.68 41.29 -4.40
CA TYR C 1450 9.41 41.74 -3.86
C TYR C 1450 9.35 43.26 -3.79
N LEU C 1451 8.14 43.78 -3.88
CA LEU C 1451 7.84 45.18 -3.62
C LEU C 1451 6.72 45.30 -2.60
N ALA C 1452 6.75 46.41 -1.87
CA ALA C 1452 5.71 46.73 -0.90
C ALA C 1452 5.41 48.21 -1.03
N VAL C 1453 4.17 48.59 -0.73
CA VAL C 1453 3.68 49.93 -1.03
C VAL C 1453 3.05 50.54 0.21
N TYR C 1454 3.48 51.77 0.54
CA TYR C 1454 3.17 52.37 1.84
C TYR C 1454 1.73 52.84 1.95
N ASP C 1455 1.27 53.66 1.00
CA ASP C 1455 0.14 54.56 1.17
C ASP C 1455 0.44 55.58 2.28
N LEU C 1456 1.39 56.47 1.94
CA LEU C 1456 1.97 57.44 2.87
C LEU C 1456 0.94 58.38 3.49
N SER C 1457 -0.29 58.44 2.95
CA SER C 1457 -1.29 59.35 3.49
C SER C 1457 -1.50 59.14 4.98
N LYS C 1458 -1.50 57.89 5.42
CA LYS C 1458 -1.59 57.55 6.85
C LYS C 1458 -0.21 57.35 7.46
N GLY C 1459 0.67 58.33 7.24
CA GLY C 1459 2.08 58.13 7.53
C GLY C 1459 2.35 57.88 9.00
N GLN C 1460 3.37 57.07 9.25
CA GLN C 1460 3.94 56.72 10.55
C GLN C 1460 3.00 55.76 11.28
N ALA C 1461 1.80 55.54 10.77
CA ALA C 1461 0.84 54.62 11.36
C ALA C 1461 0.51 53.43 10.47
N GLU C 1462 0.32 53.65 9.16
CA GLU C 1462 0.06 52.54 8.26
C GLU C 1462 1.30 51.66 8.10
N VAL C 1463 2.49 52.27 8.16
CA VAL C 1463 3.73 51.52 8.05
C VAL C 1463 3.85 50.49 9.16
N ASP C 1464 3.29 50.80 10.34
CA ASP C 1464 3.27 49.81 11.41
C ASP C 1464 2.47 48.59 11.01
N ALA C 1465 1.43 48.77 10.20
CA ALA C 1465 0.61 47.64 9.75
C ALA C 1465 1.23 46.87 8.61
N MET C 1466 2.33 47.36 8.04
CA MET C 1466 3.01 46.68 6.95
C MET C 1466 4.06 45.70 7.44
N LYS C 1467 4.38 45.72 8.73
CA LYS C 1467 5.34 44.78 9.29
C LYS C 1467 4.99 43.32 9.02
N PRO C 1468 3.73 42.89 9.11
CA PRO C 1468 3.43 41.49 8.75
C PRO C 1468 3.84 41.12 7.34
N TRP C 1469 3.72 42.03 6.38
CA TRP C 1469 4.09 41.68 5.01
C TRP C 1469 5.58 41.40 4.90
N LEU C 1470 6.41 42.30 5.44
CA LEU C 1470 7.85 42.08 5.38
C LEU C 1470 8.26 40.85 6.18
N PHE C 1471 7.55 40.57 7.29
CA PHE C 1471 7.82 39.36 8.04
C PHE C 1471 7.51 38.12 7.20
N ASN C 1472 6.43 38.16 6.43
CA ASN C 1472 6.10 37.04 5.55
C ASN C 1472 7.12 36.91 4.45
N ILE C 1473 7.64 38.03 3.94
CA ILE C 1473 8.69 37.96 2.93
C ILE C 1473 9.92 37.27 3.49
N LYS C 1474 10.35 37.66 4.69
CA LYS C 1474 11.47 36.99 5.33
C LYS C 1474 11.19 35.51 5.55
N ALA C 1475 9.97 35.20 6.00
CA ALA C 1475 9.62 33.81 6.30
C ALA C 1475 9.67 32.95 5.04
N ARG C 1476 9.20 33.48 3.91
CA ARG C 1476 9.13 32.67 2.70
C ARG C 1476 10.46 32.64 1.95
N ALA C 1477 11.03 33.82 1.68
CA ALA C 1477 12.27 33.91 0.91
C ALA C 1477 13.25 34.78 1.68
N SER C 1478 14.16 34.14 2.42
CA SER C 1478 15.08 34.87 3.28
C SER C 1478 15.99 35.79 2.47
N SER C 1479 16.52 35.30 1.35
CA SER C 1479 17.53 36.01 0.57
C SER C 1479 16.92 36.76 -0.60
N SER C 1480 15.70 37.28 -0.43
CA SER C 1480 15.01 37.98 -1.50
C SER C 1480 15.00 39.46 -1.20
N PRO C 1481 15.58 40.30 -2.05
CA PRO C 1481 15.57 41.74 -1.78
C PRO C 1481 14.17 42.32 -1.91
N VAL C 1482 13.89 43.32 -1.08
CA VAL C 1482 12.60 43.98 -1.03
C VAL C 1482 12.82 45.47 -1.26
N ILE C 1483 12.02 46.05 -2.14
CA ILE C 1483 12.06 47.48 -2.41
C ILE C 1483 10.73 48.06 -1.96
N LEU C 1484 10.72 48.67 -0.77
CA LEU C 1484 9.56 49.40 -0.30
C LEU C 1484 9.44 50.71 -1.07
N VAL C 1485 8.22 51.09 -1.42
CA VAL C 1485 7.98 52.32 -2.16
C VAL C 1485 6.80 53.06 -1.56
N GLY C 1486 6.95 54.37 -1.40
CA GLY C 1486 5.82 55.22 -1.09
C GLY C 1486 4.99 55.53 -2.32
N THR C 1487 3.70 55.77 -2.09
CA THR C 1487 2.75 55.89 -3.19
C THR C 1487 1.89 57.15 -3.12
N HIS C 1488 2.18 58.08 -2.20
CA HIS C 1488 1.29 59.22 -2.00
C HIS C 1488 2.11 60.42 -1.60
N LEU C 1489 2.48 61.24 -2.58
CA LEU C 1489 3.13 62.52 -2.34
C LEU C 1489 2.26 63.72 -2.68
N ASP C 1490 1.31 63.58 -3.61
CA ASP C 1490 0.37 64.67 -3.86
C ASP C 1490 -0.54 64.88 -2.65
N VAL C 1491 -0.78 63.82 -1.88
CA VAL C 1491 -1.61 63.91 -0.67
C VAL C 1491 -0.64 64.14 0.48
N SER C 1492 -0.76 65.30 1.12
CA SER C 1492 0.07 65.69 2.27
C SER C 1492 1.56 65.50 2.02
N LYS C 1498 3.74 64.68 6.15
CA LYS C 1498 3.94 63.46 6.91
C LYS C 1498 5.11 62.66 6.35
N ALA C 1499 5.98 63.34 5.61
CA ALA C 1499 7.10 62.68 4.94
C ALA C 1499 8.14 62.12 5.90
N CYS C 1500 7.93 62.26 7.20
CA CYS C 1500 8.89 61.79 8.19
C CYS C 1500 8.87 60.28 8.36
N MET C 1501 8.19 59.55 7.47
CA MET C 1501 8.19 58.09 7.54
C MET C 1501 9.58 57.51 7.28
N SER C 1502 10.48 58.28 6.66
CA SER C 1502 11.83 57.79 6.45
C SER C 1502 12.52 57.49 7.78
N LYS C 1503 12.29 58.35 8.78
CA LYS C 1503 12.93 58.16 10.08
C LYS C 1503 12.48 56.85 10.73
N ILE C 1504 11.18 56.58 10.72
CA ILE C 1504 10.70 55.34 11.34
C ILE C 1504 11.14 54.13 10.53
N THR C 1505 11.14 54.23 9.20
CA THR C 1505 11.58 53.10 8.39
C THR C 1505 13.04 52.77 8.65
N LYS C 1506 13.89 53.79 8.75
CA LYS C 1506 15.30 53.56 9.00
C LYS C 1506 15.59 53.22 10.45
N GLU C 1507 14.69 53.54 11.37
CA GLU C 1507 14.93 53.31 12.78
C GLU C 1507 14.42 51.95 13.25
N LEU C 1508 13.20 51.60 12.88
CA LEU C 1508 12.57 50.38 13.36
C LEU C 1508 12.40 49.31 12.29
N LEU C 1509 12.06 49.70 11.06
CA LEU C 1509 11.73 48.73 10.03
C LEU C 1509 12.95 48.22 9.26
N ASN C 1510 14.12 48.83 9.45
CA ASN C 1510 15.23 48.59 8.52
C ASN C 1510 15.81 47.19 8.70
N LYS C 1511 16.46 46.92 9.83
CA LYS C 1511 17.30 45.74 9.96
C LYS C 1511 17.11 45.02 11.29
N ARG C 1512 15.86 44.84 11.71
CA ARG C 1512 15.56 44.08 12.93
C ARG C 1512 14.66 42.90 12.55
N GLY C 1513 15.29 41.75 12.32
CA GLY C 1513 14.55 40.54 12.01
C GLY C 1513 13.70 40.61 10.75
N PHE C 1514 14.08 41.45 9.80
CA PHE C 1514 13.30 41.72 8.60
C PHE C 1514 14.17 41.50 7.38
N PRO C 1515 13.56 41.25 6.21
CA PRO C 1515 14.35 40.97 5.01
C PRO C 1515 15.26 42.12 4.62
N ALA C 1516 16.19 41.86 3.70
CA ALA C 1516 17.19 42.84 3.30
C ALA C 1516 16.51 43.92 2.46
N ILE C 1517 15.91 44.88 3.15
CA ILE C 1517 15.38 46.05 2.47
C ILE C 1517 16.53 46.80 1.81
N ARG C 1518 16.61 46.71 0.49
CA ARG C 1518 17.77 47.21 -0.22
C ARG C 1518 17.64 48.66 -0.66
N ASP C 1519 16.43 49.16 -0.86
CA ASP C 1519 16.23 50.55 -1.24
C ASP C 1519 14.77 50.90 -1.02
N TYR C 1520 14.50 52.20 -0.93
CA TYR C 1520 13.15 52.68 -0.73
C TYR C 1520 12.92 53.93 -1.57
N HIS C 1521 11.68 54.17 -1.94
CA HIS C 1521 11.32 55.34 -2.73
C HIS C 1521 9.97 55.90 -2.28
N PHE C 1522 9.73 57.14 -2.68
CA PHE C 1522 8.54 57.89 -2.30
C PHE C 1522 7.84 58.41 -3.55
N VAL C 1523 7.63 57.51 -4.51
CA VAL C 1523 7.09 57.91 -5.80
C VAL C 1523 5.64 58.36 -5.66
N ASN C 1524 5.21 59.22 -6.59
CA ASN C 1524 3.84 59.73 -6.54
C ASN C 1524 2.83 58.71 -7.03
N ALA C 1525 3.20 57.87 -7.98
CA ALA C 1525 2.35 56.80 -8.50
C ALA C 1525 1.03 57.34 -9.04
N THR C 1526 1.06 58.50 -9.68
CA THR C 1526 -0.12 59.03 -10.36
C THR C 1526 0.20 59.47 -11.79
N GLU C 1527 1.37 60.08 -11.99
CA GLU C 1527 1.76 60.50 -13.33
C GLU C 1527 3.26 60.32 -13.47
N GLU C 1528 3.69 60.17 -14.72
CA GLU C 1528 5.11 59.99 -15.00
C GLU C 1528 5.91 61.18 -14.49
N SER C 1529 7.03 60.89 -13.81
CA SER C 1529 7.88 61.93 -13.27
C SER C 1529 9.28 61.36 -13.08
N ASP C 1530 10.22 62.23 -12.71
CA ASP C 1530 11.58 61.80 -12.47
C ASP C 1530 11.64 60.76 -11.35
N ALA C 1531 10.70 60.82 -10.41
CA ALA C 1531 10.62 59.79 -9.38
C ALA C 1531 10.32 58.43 -9.99
N LEU C 1532 9.41 58.38 -10.96
CA LEU C 1532 9.12 57.12 -11.63
C LEU C 1532 10.34 56.61 -12.38
N ALA C 1533 11.07 57.49 -13.04
CA ALA C 1533 12.27 57.09 -13.76
C ALA C 1533 13.31 56.52 -12.79
N LYS C 1534 13.47 57.17 -11.64
CA LYS C 1534 14.39 56.65 -10.63
C LYS C 1534 13.94 55.30 -10.10
N LEU C 1535 12.63 55.13 -9.89
CA LEU C 1535 12.13 53.83 -9.44
C LEU C 1535 12.39 52.75 -10.48
N ARG C 1536 12.19 53.09 -11.75
CA ARG C 1536 12.48 52.13 -12.82
C ARG C 1536 13.94 51.76 -12.85
N LYS C 1537 14.82 52.75 -12.77
CA LYS C 1537 16.25 52.44 -12.78
C LYS C 1537 16.63 51.59 -11.59
N THR C 1538 16.05 51.89 -10.41
CA THR C 1538 16.34 51.10 -9.22
C THR C 1538 15.83 49.67 -9.37
N ILE C 1539 14.63 49.49 -9.92
CA ILE C 1539 14.06 48.15 -10.03
C ILE C 1539 14.88 47.32 -10.99
N ILE C 1540 15.33 47.92 -12.10
CA ILE C 1540 16.18 47.19 -13.04
C ILE C 1540 17.52 46.85 -12.41
N ASN C 1541 18.18 47.84 -11.78
CA ASN C 1541 19.50 47.59 -11.21
C ASN C 1541 19.46 46.56 -10.10
N GLU C 1542 18.36 46.51 -9.35
CA GLU C 1542 18.25 45.50 -8.30
C GLU C 1542 17.94 44.12 -8.89
N SER C 1543 17.18 44.07 -9.98
CA SER C 1543 16.89 42.78 -10.59
C SER C 1543 18.16 42.14 -11.15
N LEU C 1544 19.02 42.94 -11.80
CA LEU C 1544 20.22 42.39 -12.42
C LEU C 1544 21.28 41.98 -11.41
N ASN C 1545 21.32 42.59 -10.24
CA ASN C 1545 22.32 42.31 -9.23
C ASN C 1545 21.75 41.43 -8.11
N PHE C 1546 20.80 40.56 -8.46
CA PHE C 1546 20.18 39.70 -7.46
C PHE C 1546 21.22 38.83 -6.77
N LYS C 1547 21.87 37.95 -7.52
CA LYS C 1547 23.01 37.16 -7.06
C LYS C 1547 22.72 36.45 -5.74
N ILE C 1548 21.71 35.58 -5.76
CA ILE C 1548 21.52 34.66 -4.63
C ILE C 1548 22.65 33.65 -4.66
N ARG C 1549 23.34 33.52 -3.52
CA ARG C 1549 24.57 32.72 -3.42
C ARG C 1549 25.62 33.16 -4.44
N ASP C 1550 25.58 34.43 -4.83
CA ASP C 1550 26.48 35.01 -5.82
C ASP C 1550 26.44 34.20 -7.12
N GLN C 1551 25.26 34.18 -7.73
CA GLN C 1551 25.04 33.39 -8.93
C GLN C 1551 24.54 34.20 -10.12
N LEU C 1552 23.97 35.39 -9.91
CA LEU C 1552 23.48 36.25 -11.00
C LEU C 1552 22.36 35.55 -11.77
N VAL C 1553 21.23 35.40 -11.07
CA VAL C 1553 20.06 34.72 -11.62
C VAL C 1553 19.56 35.37 -12.90
N VAL C 1554 19.70 36.70 -13.03
CA VAL C 1554 19.15 37.39 -14.18
C VAL C 1554 19.80 36.94 -15.49
N GLY C 1555 20.90 36.21 -15.43
CA GLY C 1555 21.54 35.72 -16.64
C GLY C 1555 21.90 34.24 -16.60
N GLN C 1556 21.04 33.43 -15.98
CA GLN C 1556 21.34 32.03 -15.77
C GLN C 1556 21.38 31.29 -17.11
N LEU C 1557 22.17 30.22 -17.15
CA LEU C 1557 22.41 29.45 -18.36
C LEU C 1557 21.58 28.18 -18.33
N ILE C 1558 20.81 27.95 -19.39
CA ILE C 1558 20.02 26.73 -19.51
C ILE C 1558 20.10 26.23 -20.95
N PRO C 1559 19.74 24.96 -21.17
CA PRO C 1559 19.65 24.44 -22.54
C PRO C 1559 18.64 25.21 -23.37
N ASP C 1560 18.93 25.29 -24.68
CA ASP C 1560 18.02 25.99 -25.59
C ASP C 1560 16.69 25.28 -25.72
N CYS C 1561 16.63 23.99 -25.36
CA CYS C 1561 15.34 23.29 -25.36
C CYS C 1561 14.38 23.94 -24.38
N TYR C 1562 14.90 24.43 -23.24
CA TYR C 1562 14.07 25.18 -22.31
C TYR C 1562 13.49 26.43 -22.95
N VAL C 1563 14.32 27.18 -23.68
CA VAL C 1563 13.82 28.40 -24.32
C VAL C 1563 12.76 28.05 -25.35
N GLU C 1564 13.01 27.00 -26.15
CA GLU C 1564 12.05 26.63 -27.17
C GLU C 1564 10.72 26.20 -26.58
N LEU C 1565 10.76 25.41 -25.49
CA LEU C 1565 9.50 24.98 -24.88
C LEU C 1565 8.77 26.14 -24.22
N GLU C 1566 9.51 27.07 -23.60
CA GLU C 1566 8.86 28.28 -23.10
C GLU C 1566 8.19 29.04 -24.23
N LYS C 1567 8.85 29.15 -25.38
CA LYS C 1567 8.26 29.84 -26.52
C LYS C 1567 6.99 29.16 -27.00
N ILE C 1568 7.00 27.82 -27.08
CA ILE C 1568 5.84 27.13 -27.62
C ILE C 1568 4.66 27.25 -26.66
N ILE C 1569 4.92 27.17 -25.36
CA ILE C 1569 3.83 27.32 -24.40
C ILE C 1569 3.30 28.75 -24.40
N LEU C 1570 4.18 29.73 -24.58
CA LEU C 1570 3.73 31.11 -24.70
C LEU C 1570 2.84 31.30 -25.93
N SER C 1571 3.22 30.69 -27.05
CA SER C 1571 2.40 30.77 -28.25
C SER C 1571 1.05 30.08 -28.03
N GLU C 1572 1.06 28.95 -27.32
CA GLU C 1572 -0.18 28.23 -27.05
C GLU C 1572 -1.09 29.02 -26.12
N ARG C 1573 -0.52 29.86 -25.26
CA ARG C 1573 -1.34 30.62 -24.30
C ARG C 1573 -2.46 31.39 -24.98
N LYS C 1574 -2.21 31.92 -26.18
CA LYS C 1574 -3.25 32.63 -26.91
C LYS C 1574 -4.19 31.70 -27.66
N ASN C 1575 -3.95 30.38 -27.58
CA ASN C 1575 -4.76 29.38 -28.26
C ASN C 1575 -5.24 28.32 -27.28
N VAL C 1576 -5.76 28.76 -26.14
CA VAL C 1576 -6.29 27.84 -25.13
C VAL C 1576 -7.69 28.33 -24.76
N PRO C 1577 -8.64 27.44 -24.47
CA PRO C 1577 -9.99 27.90 -24.16
C PRO C 1577 -10.02 28.79 -22.93
N ILE C 1578 -10.73 29.92 -23.04
CA ILE C 1578 -10.82 30.86 -21.94
C ILE C 1578 -11.56 30.22 -20.76
N GLU C 1579 -12.61 29.45 -21.05
CA GLU C 1579 -13.41 28.86 -19.99
C GLU C 1579 -12.65 27.78 -19.24
N PHE C 1580 -11.63 27.19 -19.85
CA PHE C 1580 -10.84 26.13 -19.21
C PHE C 1580 -9.44 26.13 -19.79
N PRO C 1581 -8.56 27.02 -19.29
CA PRO C 1581 -7.21 27.13 -19.85
C PRO C 1581 -6.27 26.00 -19.46
N VAL C 1582 -6.74 24.97 -18.77
CA VAL C 1582 -5.86 23.87 -18.36
C VAL C 1582 -5.56 22.99 -19.57
N ILE C 1583 -4.32 22.54 -19.66
CA ILE C 1583 -3.87 21.63 -20.72
C ILE C 1583 -3.57 20.28 -20.09
N ASP C 1584 -4.13 19.22 -20.70
CA ASP C 1584 -3.86 17.87 -20.25
C ASP C 1584 -2.49 17.41 -20.73
N ARG C 1585 -2.00 16.32 -20.13
CA ARG C 1585 -0.68 15.80 -20.49
C ARG C 1585 -0.63 15.40 -21.95
N LYS C 1586 -1.69 14.78 -22.46
CA LYS C 1586 -1.73 14.36 -23.85
C LYS C 1586 -1.61 15.56 -24.78
N ARG C 1587 -2.24 16.67 -24.43
CA ARG C 1587 -2.13 17.88 -25.24
C ARG C 1587 -0.71 18.39 -25.28
N LEU C 1588 -0.02 18.38 -24.13
CA LEU C 1588 1.37 18.83 -24.10
C LEU C 1588 2.26 17.91 -24.92
N LEU C 1589 2.03 16.60 -24.83
CA LEU C 1589 2.81 15.68 -25.64
C LEU C 1589 2.54 15.89 -27.13
N GLN C 1590 1.30 16.14 -27.51
CA GLN C 1590 1.00 16.44 -28.91
C GLN C 1590 1.69 17.72 -29.35
N LEU C 1591 1.73 18.73 -28.46
CA LEU C 1591 2.42 19.98 -28.79
C LEU C 1591 3.90 19.75 -29.01
N VAL C 1592 4.55 18.99 -28.11
CA VAL C 1592 5.98 18.73 -28.30
C VAL C 1592 6.23 17.83 -29.50
N ARG C 1593 5.24 17.03 -29.90
CA ARG C 1593 5.39 16.24 -31.11
C ARG C 1593 5.25 17.09 -32.37
N GLU C 1594 4.38 18.11 -32.32
CA GLU C 1594 4.14 18.94 -33.50
C GLU C 1594 5.42 19.66 -33.93
N ASN C 1595 6.17 20.19 -32.97
CA ASN C 1595 7.42 20.86 -33.26
C ASN C 1595 8.57 19.86 -33.18
N GLN C 1596 9.79 20.35 -33.30
CA GLN C 1596 10.99 19.51 -33.38
C GLN C 1596 11.80 19.57 -32.09
N LEU C 1597 11.11 19.54 -30.95
CA LEU C 1597 11.78 19.60 -29.67
C LEU C 1597 12.57 18.33 -29.39
N GLN C 1598 13.56 18.45 -28.50
CA GLN C 1598 14.53 17.40 -28.25
C GLN C 1598 14.39 16.78 -26.87
N LEU C 1599 13.36 17.13 -26.11
CA LEU C 1599 13.14 16.47 -24.82
C LEU C 1599 12.34 15.20 -25.03
N ASP C 1600 12.39 14.32 -24.05
CA ASP C 1600 11.67 13.07 -24.04
C ASP C 1600 10.62 13.11 -22.93
N GLU C 1601 9.99 11.96 -22.68
CA GLU C 1601 9.04 11.85 -21.58
C GLU C 1601 9.71 12.00 -20.22
N ASN C 1602 11.04 11.94 -20.16
CA ASN C 1602 11.76 12.04 -18.90
C ASN C 1602 12.42 13.39 -18.68
N GLU C 1603 12.62 14.19 -19.72
CA GLU C 1603 13.12 15.55 -19.55
C GLU C 1603 12.00 16.53 -19.24
N LEU C 1604 10.75 16.15 -19.48
CA LEU C 1604 9.62 17.01 -19.14
C LEU C 1604 9.49 17.32 -17.65
N PRO C 1605 9.61 16.35 -16.72
CA PRO C 1605 9.35 16.68 -15.31
C PRO C 1605 10.25 17.77 -14.75
N HIS C 1606 11.52 17.81 -15.13
CA HIS C 1606 12.39 18.88 -14.65
C HIS C 1606 12.16 20.18 -15.41
N ALA C 1607 11.86 20.07 -16.70
CA ALA C 1607 11.57 21.26 -17.50
C ALA C 1607 10.38 22.02 -16.96
N VAL C 1608 9.29 21.29 -16.68
CA VAL C 1608 8.07 21.94 -16.21
C VAL C 1608 8.30 22.58 -14.85
N HIS C 1609 9.12 21.96 -14.01
CA HIS C 1609 9.32 22.54 -12.69
C HIS C 1609 10.20 23.78 -12.74
N PHE C 1610 11.25 23.77 -13.56
CA PHE C 1610 12.02 25.01 -13.70
C PHE C 1610 11.16 26.11 -14.28
N LEU C 1611 10.38 25.81 -15.32
CA LEU C 1611 9.54 26.85 -15.90
C LEU C 1611 8.48 27.32 -14.91
N ASN C 1612 8.05 26.44 -14.01
CA ASN C 1612 7.16 26.84 -12.92
C ASN C 1612 7.87 27.81 -11.99
N GLU C 1613 9.13 27.55 -11.68
CA GLU C 1613 9.92 28.46 -10.85
C GLU C 1613 10.14 29.81 -11.51
N SER C 1614 9.89 29.93 -12.82
CA SER C 1614 10.05 31.18 -13.53
C SER C 1614 8.72 31.71 -14.07
N GLY C 1615 7.61 31.29 -13.47
CA GLY C 1615 6.34 31.96 -13.67
C GLY C 1615 5.75 31.91 -15.06
N VAL C 1616 5.71 30.75 -15.70
CA VAL C 1616 4.97 30.58 -16.94
C VAL C 1616 3.81 29.62 -16.77
N LEU C 1617 4.03 28.44 -16.18
CA LEU C 1617 2.92 27.54 -15.93
C LEU C 1617 3.12 26.86 -14.59
N LEU C 1618 2.05 26.75 -13.84
CA LEU C 1618 2.06 26.09 -12.53
C LEU C 1618 1.59 24.65 -12.71
N HIS C 1619 2.45 23.71 -12.36
CA HIS C 1619 2.10 22.30 -12.39
C HIS C 1619 2.42 21.68 -11.04
N PHE C 1620 1.58 20.75 -10.62
CA PHE C 1620 1.65 20.16 -9.28
C PHE C 1620 1.89 18.67 -9.44
N GLN C 1621 3.10 18.22 -9.10
CA GLN C 1621 3.50 16.83 -9.25
C GLN C 1621 3.30 16.01 -7.97
N ASP C 1622 2.72 16.62 -6.93
CA ASP C 1622 2.55 15.91 -5.68
C ASP C 1622 1.55 14.77 -5.85
N PRO C 1623 1.92 13.53 -5.48
CA PRO C 1623 0.98 12.41 -5.66
C PRO C 1623 -0.30 12.54 -4.86
N ALA C 1624 -0.26 13.20 -3.70
CA ALA C 1624 -1.47 13.40 -2.92
C ALA C 1624 -2.48 14.22 -3.70
N LEU C 1625 -2.03 15.27 -4.37
CA LEU C 1625 -2.89 16.07 -5.25
C LEU C 1625 -2.94 15.38 -6.61
N GLN C 1626 -3.96 14.55 -6.79
CA GLN C 1626 -4.09 13.75 -8.01
C GLN C 1626 -4.50 14.63 -9.19
N LEU C 1627 -3.59 15.54 -9.54
CA LEU C 1627 -3.81 16.47 -10.65
C LEU C 1627 -2.54 16.68 -11.45
N SER C 1628 -1.64 15.69 -11.45
CA SER C 1628 -0.44 15.78 -12.27
C SER C 1628 -0.77 15.77 -13.76
N ASP C 1629 -1.90 15.18 -14.14
CA ASP C 1629 -2.33 15.21 -15.54
C ASP C 1629 -2.57 16.64 -16.01
N LEU C 1630 -3.22 17.44 -15.18
CA LEU C 1630 -3.55 18.81 -15.56
C LEU C 1630 -2.30 19.67 -15.60
N TYR C 1631 -2.24 20.56 -16.59
CA TYR C 1631 -1.19 21.57 -16.68
C TYR C 1631 -1.84 22.94 -16.81
N PHE C 1632 -1.45 23.86 -15.95
CA PHE C 1632 -2.08 25.18 -15.86
C PHE C 1632 -1.20 26.19 -16.61
N VAL C 1633 -1.53 26.41 -17.88
CA VAL C 1633 -0.97 27.51 -18.66
C VAL C 1633 -1.76 28.75 -18.29
N GLU C 1634 -1.17 29.94 -18.52
CA GLU C 1634 -1.71 31.24 -18.17
C GLU C 1634 -2.33 31.21 -16.78
N PRO C 1635 -1.51 31.17 -15.73
CA PRO C 1635 -2.04 31.05 -14.37
C PRO C 1635 -2.98 32.18 -14.00
N LYS C 1636 -2.86 33.34 -14.65
CA LYS C 1636 -3.71 34.49 -14.38
C LYS C 1636 -5.19 34.14 -14.37
N TRP C 1637 -5.55 33.00 -14.96
CA TRP C 1637 -6.89 32.46 -14.84
C TRP C 1637 -7.05 31.58 -13.61
N LEU C 1638 -6.09 30.71 -13.32
CA LEU C 1638 -6.25 29.78 -12.21
C LEU C 1638 -6.32 30.52 -10.89
N CYS C 1639 -5.45 31.52 -10.69
CA CYS C 1639 -5.51 32.29 -9.46
C CYS C 1639 -6.82 33.07 -9.39
N LYS C 1640 -7.25 33.63 -10.51
CA LYS C 1640 -8.48 34.40 -10.55
C LYS C 1640 -9.69 33.53 -10.20
N ILE C 1641 -9.63 32.24 -10.48
CA ILE C 1641 -10.73 31.34 -10.15
C ILE C 1641 -10.63 30.83 -8.71
N MET C 1642 -9.42 30.53 -8.24
CA MET C 1642 -9.24 30.08 -6.87
C MET C 1642 -9.63 31.14 -5.84
N ALA C 1643 -9.57 32.42 -6.20
CA ALA C 1643 -9.93 33.47 -5.27
C ALA C 1643 -11.40 33.86 -5.34
N GLN C 1644 -12.18 33.26 -6.24
CA GLN C 1644 -13.58 33.63 -6.36
C GLN C 1644 -14.37 33.25 -5.12
N ILE C 1645 -14.08 32.08 -4.55
CA ILE C 1645 -14.90 31.59 -3.45
C ILE C 1645 -14.74 32.47 -2.22
N LEU C 1646 -13.54 32.97 -1.97
CA LEU C 1646 -13.27 33.77 -0.77
C LEU C 1646 -14.01 35.10 -0.78
N THR C 1647 -14.56 35.52 -1.92
CA THR C 1647 -15.22 36.80 -2.04
C THR C 1647 -16.73 36.73 -1.95
N VAL C 1648 -17.36 35.69 -2.52
CA VAL C 1648 -18.81 35.60 -2.58
C VAL C 1648 -19.24 34.26 -2.00
N LYS C 1649 -20.14 34.30 -1.02
CA LYS C 1649 -20.80 33.12 -0.49
C LYS C 1649 -22.26 33.46 -0.25
N VAL C 1650 -23.15 32.61 -0.74
CA VAL C 1650 -24.60 32.85 -0.67
C VAL C 1650 -25.27 31.59 -0.16
N GLU C 1651 -26.11 31.74 0.88
CA GLU C 1651 -26.92 30.65 1.40
C GLU C 1651 -28.36 31.13 1.55
N GLY C 1652 -29.30 30.35 1.03
CA GLY C 1652 -30.71 30.68 1.21
C GLY C 1652 -31.14 30.58 2.66
N CYS C 1653 -30.64 29.56 3.36
CA CYS C 1653 -30.90 29.35 4.78
C CYS C 1653 -29.59 29.06 5.48
N PRO C 1654 -29.39 29.61 6.69
CA PRO C 1654 -28.14 29.33 7.41
C PRO C 1654 -28.05 27.89 7.90
N LYS C 1655 -28.00 26.95 6.96
CA LYS C 1655 -27.89 25.54 7.33
C LYS C 1655 -26.54 25.23 7.98
N HIS C 1656 -25.52 26.02 7.68
CA HIS C 1656 -24.20 25.82 8.25
C HIS C 1656 -23.69 27.14 8.82
N PRO C 1657 -22.89 27.09 9.87
CA PRO C 1657 -22.32 28.32 10.44
C PRO C 1657 -21.34 28.97 9.47
N LYS C 1658 -21.15 30.27 9.65
CA LYS C 1658 -20.24 31.03 8.79
C LYS C 1658 -18.84 30.44 8.84
N GLY C 1659 -18.22 30.32 7.66
CA GLY C 1659 -16.95 29.66 7.52
C GLY C 1659 -17.03 28.20 7.16
N ILE C 1660 -18.22 27.59 7.19
CA ILE C 1660 -18.41 26.19 6.85
C ILE C 1660 -19.40 26.12 5.70
N ILE C 1661 -19.00 25.48 4.60
CA ILE C 1661 -19.78 25.44 3.37
C ILE C 1661 -19.95 24.00 2.94
N SER C 1662 -21.18 23.62 2.59
CA SER C 1662 -21.44 22.28 2.09
C SER C 1662 -20.95 22.13 0.66
N ARG C 1663 -20.74 20.87 0.26
CA ARG C 1663 -20.23 20.57 -1.07
C ARG C 1663 -21.29 20.87 -2.12
N ARG C 1664 -21.14 22.00 -2.80
CA ARG C 1664 -22.07 22.47 -3.81
C ARG C 1664 -21.30 22.82 -5.06
N ASP C 1665 -21.89 22.53 -6.22
CA ASP C 1665 -21.24 22.79 -7.51
C ASP C 1665 -21.93 23.95 -8.22
N VAL C 1666 -21.13 24.85 -8.78
CA VAL C 1666 -21.63 25.98 -9.57
C VAL C 1666 -21.09 25.83 -10.99
N GLU C 1667 -21.99 25.83 -11.97
CA GLU C 1667 -21.60 25.54 -13.35
C GLU C 1667 -20.66 26.60 -13.90
N LYS C 1668 -21.00 27.89 -13.68
CA LYS C 1668 -20.22 29.02 -14.20
C LYS C 1668 -20.16 28.88 -15.72
N PHE C 1669 -18.98 28.70 -16.31
CA PHE C 1669 -18.90 28.45 -17.74
C PHE C 1669 -19.48 27.08 -18.09
N LEU C 1670 -20.11 26.99 -19.26
CA LEU C 1670 -20.74 25.77 -19.72
C LEU C 1670 -20.17 25.36 -21.07
N SER C 1671 -19.67 24.13 -21.16
CA SER C 1671 -19.20 23.53 -22.41
C SER C 1671 -18.11 24.37 -23.07
N LYS C 1672 -17.29 25.03 -22.26
CA LYS C 1672 -16.21 25.89 -22.74
C LYS C 1672 -16.72 26.96 -23.72
N ASN C 1679 -13.57 19.80 -21.52
CA ASN C 1679 -14.63 19.12 -20.79
C ASN C 1679 -14.66 19.56 -19.32
N TYR C 1680 -15.85 19.58 -18.74
CA TYR C 1680 -16.00 19.94 -17.33
C TYR C 1680 -15.42 18.83 -16.48
N MET C 1681 -14.54 19.21 -15.55
CA MET C 1681 -13.80 18.25 -14.75
C MET C 1681 -13.76 18.73 -13.29
N SER C 1682 -14.07 17.82 -12.37
CA SER C 1682 -14.20 18.18 -10.96
C SER C 1682 -12.88 18.10 -10.20
N GLN C 1683 -11.81 17.62 -10.83
CA GLN C 1683 -10.55 17.49 -10.10
C GLN C 1683 -10.02 18.86 -9.67
N TYR C 1684 -10.31 19.91 -10.44
CA TYR C 1684 -9.94 21.26 -9.96
C TYR C 1684 -10.89 21.73 -8.87
N PHE C 1685 -12.16 21.33 -8.95
CA PHE C 1685 -13.09 21.65 -7.88
C PHE C 1685 -12.62 21.08 -6.56
N LYS C 1686 -12.01 19.89 -6.59
CA LYS C 1686 -11.46 19.34 -5.34
C LYS C 1686 -10.05 19.86 -5.07
N LEU C 1687 -9.32 20.27 -6.12
CA LEU C 1687 -8.07 21.00 -5.93
C LEU C 1687 -8.29 22.22 -5.07
N LEU C 1688 -9.46 22.85 -5.20
CA LEU C 1688 -9.77 24.01 -4.38
C LEU C 1688 -9.68 23.70 -2.89
N GLU C 1689 -9.81 22.42 -2.51
CA GLU C 1689 -9.61 21.99 -1.14
C GLU C 1689 -8.23 21.38 -0.90
N LYS C 1690 -7.67 20.69 -1.89
CA LYS C 1690 -6.33 20.11 -1.71
C LYS C 1690 -5.26 21.19 -1.59
N PHE C 1691 -5.55 22.41 -2.07
CA PHE C 1691 -4.65 23.52 -1.77
C PHE C 1691 -4.70 23.92 -0.30
N GLN C 1692 -5.64 23.36 0.46
CA GLN C 1692 -5.90 23.71 1.84
C GLN C 1692 -6.46 25.13 1.98
N ILE C 1693 -6.93 25.69 0.87
CA ILE C 1693 -7.56 27.01 0.90
C ILE C 1693 -8.90 26.94 1.63
N ALA C 1694 -9.73 25.97 1.25
CA ALA C 1694 -11.10 25.89 1.77
C ALA C 1694 -11.72 24.55 1.43
N LEU C 1703 -15.70 23.76 4.10
CA LEU C 1703 -14.94 24.26 5.24
C LEU C 1703 -13.91 25.30 4.80
N VAL C 1704 -14.23 26.57 5.00
CA VAL C 1704 -13.34 27.67 4.66
C VAL C 1704 -12.76 28.22 5.96
N PRO C 1705 -11.50 27.90 6.30
CA PRO C 1705 -10.89 28.54 7.47
C PRO C 1705 -10.83 30.05 7.34
N SER C 1706 -10.74 30.59 6.13
CA SER C 1706 -10.81 32.03 5.96
C SER C 1706 -12.21 32.53 6.28
N SER C 1707 -12.28 33.58 7.09
CA SER C 1707 -13.53 34.14 7.61
C SER C 1707 -14.34 33.05 8.33
N LEU C 1708 -13.76 32.56 9.43
CA LEU C 1708 -14.35 31.49 10.22
C LEU C 1708 -14.28 31.87 11.70
N SER C 1709 -15.30 32.59 12.17
CA SER C 1709 -15.49 32.90 13.60
C SER C 1709 -14.20 33.41 14.25
N ASP C 1710 -13.78 34.60 13.80
CA ASP C 1710 -12.52 35.17 14.25
C ASP C 1710 -12.43 35.23 15.78
N HIS C 1711 -13.54 35.55 16.43
CA HIS C 1711 -13.57 35.55 17.88
C HIS C 1711 -13.58 34.12 18.41
N ARG C 1712 -12.83 33.90 19.47
CA ARG C 1712 -12.79 32.55 20.04
C ARG C 1712 -14.04 32.28 20.87
N PRO C 1713 -14.67 31.12 20.71
CA PRO C 1713 -15.78 30.77 21.60
C PRO C 1713 -15.29 30.54 23.02
N VAL C 1714 -16.17 30.79 23.99
CA VAL C 1714 -15.83 30.57 25.38
C VAL C 1714 -15.74 29.08 25.66
N ILE C 1715 -14.59 28.64 26.18
CA ILE C 1715 -14.28 27.22 26.32
C ILE C 1715 -13.59 27.02 27.67
N GLU C 1716 -14.01 25.99 28.41
CA GLU C 1716 -13.48 25.69 29.73
C GLU C 1716 -12.95 24.26 29.78
N LEU C 1717 -11.70 24.11 30.21
CA LEU C 1717 -11.08 22.81 30.34
C LEU C 1717 -11.67 22.04 31.51
N PRO C 1718 -11.79 20.72 31.41
CA PRO C 1718 -12.25 19.93 32.57
C PRO C 1718 -11.33 20.03 33.77
N HIS C 1719 -10.03 20.18 33.55
CA HIS C 1719 -9.07 20.23 34.64
C HIS C 1719 -8.03 21.31 34.36
N CYS C 1720 -7.93 22.27 35.27
CA CYS C 1720 -7.01 23.40 35.13
C CYS C 1720 -6.30 23.68 36.45
N GLU C 1721 -5.87 22.63 37.13
CA GLU C 1721 -5.21 22.76 38.42
C GLU C 1721 -3.70 22.97 38.31
N ASN C 1722 -3.22 23.37 37.13
CA ASN C 1722 -1.85 23.83 36.94
C ASN C 1722 -0.81 22.75 37.18
N SER C 1723 -1.25 21.50 37.37
CA SER C 1723 -0.31 20.41 37.62
C SER C 1723 -0.54 19.26 36.65
N GLU C 1724 -1.81 18.97 36.38
CA GLU C 1724 -2.19 17.90 35.46
C GLU C 1724 -2.11 18.34 34.00
N ILE C 1725 -1.85 19.61 33.74
CA ILE C 1725 -1.76 20.13 32.40
C ILE C 1725 -0.34 20.65 32.16
N ILE C 1726 0.08 20.60 30.91
CA ILE C 1726 1.38 21.11 30.49
C ILE C 1726 1.18 22.01 29.28
N ILE C 1727 1.91 23.12 29.23
CA ILE C 1727 1.73 24.15 28.22
C ILE C 1727 3.03 24.31 27.45
N ARG C 1728 2.92 24.65 26.17
CA ARG C 1728 4.06 25.12 25.39
C ARG C 1728 3.67 26.38 24.64
N LEU C 1729 4.65 27.25 24.44
CA LEU C 1729 4.43 28.55 23.83
C LEU C 1729 5.35 28.71 22.62
N TYR C 1730 4.82 29.36 21.58
CA TYR C 1730 5.54 29.55 20.34
C TYR C 1730 5.70 31.02 20.00
N GLU C 1731 6.18 31.83 20.95
CA GLU C 1731 6.29 33.26 20.75
C GLU C 1731 7.03 33.59 19.46
N MET C 1732 6.33 34.19 18.50
CA MET C 1732 6.87 34.63 17.24
C MET C 1732 6.34 36.02 16.92
N PRO C 1733 7.12 36.84 16.22
CA PRO C 1733 6.73 38.26 16.08
C PRO C 1733 5.39 38.48 15.42
N TYR C 1734 5.05 37.71 14.40
CA TYR C 1734 3.75 37.82 13.75
C TYR C 1734 3.39 36.49 13.08
N PHE C 1735 2.15 36.09 13.25
CA PHE C 1735 1.66 34.89 12.59
C PHE C 1735 1.67 35.11 11.09
N PRO C 1736 2.34 34.27 10.32
CA PRO C 1736 2.27 34.40 8.86
C PRO C 1736 0.84 34.17 8.37
N MET C 1737 0.51 34.86 7.28
CA MET C 1737 -0.77 34.65 6.60
C MET C 1737 -1.11 33.18 6.37
N GLY C 1738 -0.24 32.44 5.71
CA GLY C 1738 -0.62 31.08 5.38
C GLY C 1738 -0.39 30.09 6.49
N PHE C 1739 -0.46 30.55 7.73
CA PHE C 1739 -0.11 29.70 8.87
C PHE C 1739 -1.34 29.04 9.48
N TRP C 1740 -2.29 29.86 9.95
CA TRP C 1740 -3.32 29.32 10.80
C TRP C 1740 -4.29 28.43 10.03
N SER C 1741 -4.67 28.83 8.83
CA SER C 1741 -5.52 27.96 8.01
C SER C 1741 -4.79 26.68 7.67
N ARG C 1742 -3.53 26.78 7.27
CA ARG C 1742 -2.78 25.59 6.90
C ARG C 1742 -2.45 24.74 8.11
N LEU C 1743 -2.18 25.34 9.27
CA LEU C 1743 -2.01 24.54 10.49
C LEU C 1743 -3.29 23.80 10.83
N ILE C 1744 -4.43 24.48 10.74
CA ILE C 1744 -5.70 23.85 11.10
C ILE C 1744 -5.98 22.67 10.18
N ASN C 1745 -5.72 22.84 8.88
CA ASN C 1745 -5.97 21.74 7.96
C ASN C 1745 -4.92 20.64 8.11
N ARG C 1746 -3.68 21.01 8.42
CA ARG C 1746 -2.62 20.02 8.58
C ARG C 1746 -2.86 19.16 9.82
N LEU C 1747 -3.43 19.75 10.87
CA LEU C 1747 -3.80 18.94 12.04
C LEU C 1747 -4.79 17.86 11.65
N LEU C 1748 -5.80 18.21 10.86
CA LEU C 1748 -6.72 17.24 10.30
C LEU C 1748 -7.30 16.39 11.42
N GLU C 1749 -6.67 15.26 11.71
CA GLU C 1749 -7.02 14.44 12.86
C GLU C 1749 -5.73 13.95 13.51
N ILE C 1750 -5.62 14.16 14.82
CA ILE C 1750 -4.50 13.70 15.63
C ILE C 1750 -5.00 12.57 16.51
N SER C 1751 -4.48 11.36 16.31
CA SER C 1751 -5.04 10.18 16.93
C SER C 1751 -4.24 9.80 18.17
N PRO C 1752 -4.82 9.82 19.36
CA PRO C 1752 -4.16 9.21 20.53
C PRO C 1752 -4.11 7.70 20.35
N TYR C 1753 -2.88 7.18 20.26
CA TYR C 1753 -2.68 5.75 20.03
C TYR C 1753 -3.28 4.91 21.15
N ALA C 1761 -10.47 5.31 16.66
CA ALA C 1761 -11.67 5.14 17.46
C ALA C 1761 -12.74 6.16 17.08
N LEU C 1762 -13.48 6.65 18.08
CA LEU C 1762 -14.48 7.67 17.84
C LEU C 1762 -13.83 9.01 17.57
N ARG C 1763 -14.32 9.71 16.55
CA ARG C 1763 -13.74 10.99 16.17
C ARG C 1763 -13.99 12.03 17.25
N PRO C 1764 -13.03 12.91 17.52
CA PRO C 1764 -13.17 13.86 18.63
C PRO C 1764 -14.13 14.99 18.30
N ASN C 1765 -14.44 15.77 19.33
CA ASN C 1765 -15.22 16.99 19.16
C ASN C 1765 -14.34 18.06 18.53
N ARG C 1766 -14.59 18.36 17.26
CA ARG C 1766 -13.71 19.23 16.49
C ARG C 1766 -14.30 20.63 16.44
N MET C 1767 -13.56 21.61 16.93
CA MET C 1767 -13.95 23.00 16.89
C MET C 1767 -12.98 23.76 15.99
N TYR C 1768 -13.49 24.67 15.18
CA TYR C 1768 -12.70 25.33 14.16
C TYR C 1768 -12.76 26.84 14.42
N TRP C 1769 -11.88 27.31 15.29
CA TRP C 1769 -11.75 28.73 15.57
C TRP C 1769 -10.59 29.25 14.74
N ARG C 1770 -10.79 30.43 14.11
CA ARG C 1770 -9.91 30.97 13.09
C ARG C 1770 -8.44 30.73 13.40
N GLN C 1771 -8.06 30.90 14.66
CA GLN C 1771 -6.76 30.47 15.16
C GLN C 1771 -7.01 29.60 16.39
N GLY C 1772 -7.28 28.31 16.16
CA GLY C 1772 -7.56 27.41 17.27
C GLY C 1772 -8.32 26.16 16.88
N ILE C 1773 -8.12 25.08 17.62
CA ILE C 1773 -8.84 23.84 17.33
C ILE C 1773 -9.62 23.36 18.54
N TYR C 1774 -8.92 23.02 19.63
CA TYR C 1774 -9.55 22.43 20.81
C TYR C 1774 -10.37 21.19 20.44
N LEU C 1775 -9.66 20.16 20.00
CA LEU C 1775 -10.27 18.86 19.79
C LEU C 1775 -10.02 18.00 21.01
N ASN C 1776 -11.07 17.37 21.52
CA ASN C 1776 -10.99 16.59 22.75
C ASN C 1776 -11.75 15.29 22.59
N TRP C 1777 -11.33 14.29 23.37
CA TRP C 1777 -11.96 12.98 23.39
C TRP C 1777 -12.67 12.68 24.70
N SER C 1778 -12.17 13.19 25.81
CA SER C 1778 -12.69 12.90 27.13
C SER C 1778 -12.10 13.89 28.11
N PRO C 1779 -12.57 13.95 29.35
CA PRO C 1779 -11.84 14.71 30.37
C PRO C 1779 -10.44 14.20 30.62
N GLU C 1780 -10.03 13.12 29.95
CA GLU C 1780 -8.70 12.56 30.14
C GLU C 1780 -7.68 13.10 29.15
N ALA C 1781 -8.09 13.40 27.92
CA ALA C 1781 -7.16 13.85 26.88
C ALA C 1781 -7.81 14.95 26.05
N TYR C 1782 -7.06 16.00 25.75
CA TYR C 1782 -7.52 17.08 24.88
C TYR C 1782 -6.31 17.84 24.35
N CYS C 1783 -6.57 18.75 23.42
CA CYS C 1783 -5.49 19.45 22.73
C CYS C 1783 -6.00 20.80 22.25
N LEU C 1784 -5.58 21.88 22.90
CA LEU C 1784 -6.00 23.24 22.59
C LEU C 1784 -4.85 23.99 21.93
N VAL C 1785 -4.83 23.99 20.60
CA VAL C 1785 -3.83 24.75 19.85
C VAL C 1785 -4.45 26.13 19.62
N GLY C 1786 -4.33 26.97 20.63
CA GLY C 1786 -5.00 28.26 20.65
C GLY C 1786 -4.16 29.37 20.04
N SER C 1787 -4.60 30.60 20.31
CA SER C 1787 -3.86 31.79 19.92
C SER C 1787 -4.27 32.92 20.85
N GLU C 1788 -3.39 33.24 21.81
CA GLU C 1788 -3.69 34.30 22.76
C GLU C 1788 -2.56 35.32 22.72
N VAL C 1789 -2.91 36.56 23.07
CA VAL C 1789 -1.97 37.67 23.12
C VAL C 1789 -1.83 38.12 24.57
N LEU C 1790 -0.60 38.14 25.07
CA LEU C 1790 -0.33 38.57 26.43
C LEU C 1790 -0.17 40.09 26.47
N ASP C 1791 -0.73 40.70 27.51
CA ASP C 1791 -0.65 42.15 27.67
C ASP C 1791 0.80 42.60 27.84
N ASN C 1792 1.07 43.83 27.43
CA ASN C 1792 2.42 44.40 27.45
C ASN C 1792 3.39 43.53 26.64
N HIS C 1793 2.91 43.00 25.53
CA HIS C 1793 3.73 42.18 24.64
C HIS C 1793 3.14 42.26 23.24
N PRO C 1794 3.76 43.01 22.34
CA PRO C 1794 3.22 43.14 20.98
C PRO C 1794 3.26 41.86 20.18
N GLU C 1795 4.08 40.88 20.57
CA GLU C 1795 4.24 39.68 19.76
C GLU C 1795 3.02 38.78 19.89
N SER C 1796 2.95 37.78 19.02
CA SER C 1796 1.83 36.84 18.94
C SER C 1796 2.28 35.46 19.39
N PHE C 1797 1.46 34.80 20.20
CA PHE C 1797 1.79 33.51 20.79
C PHE C 1797 0.83 32.43 20.31
N LEU C 1798 1.35 31.22 20.18
CA LEU C 1798 0.56 30.03 19.85
C LEU C 1798 0.57 29.14 21.09
N LYS C 1799 -0.40 29.37 21.97
CA LYS C 1799 -0.46 28.61 23.20
C LYS C 1799 -1.05 27.23 22.92
N ILE C 1800 -0.35 26.19 23.36
CA ILE C 1800 -0.77 24.82 23.17
C ILE C 1800 -0.73 24.10 24.51
N THR C 1801 -1.86 23.54 24.91
CA THR C 1801 -1.99 22.86 26.20
C THR C 1801 -2.58 21.48 26.00
N VAL C 1802 -2.03 20.51 26.74
CA VAL C 1802 -2.51 19.14 26.74
C VAL C 1802 -2.42 18.60 28.17
N PRO C 1803 -3.23 17.62 28.54
CA PRO C 1803 -3.09 17.03 29.88
C PRO C 1803 -1.77 16.29 30.03
N SER C 1804 -1.44 15.95 31.27
CA SER C 1804 -0.22 15.21 31.57
C SER C 1804 -0.37 13.71 31.38
N CYS C 1805 -1.55 13.22 31.05
CA CYS C 1805 -1.76 11.79 30.90
C CYS C 1805 -1.02 11.29 29.66
N ARG C 1806 -0.85 9.97 29.59
CA ARG C 1806 -0.05 9.39 28.52
C ARG C 1806 -0.61 9.78 27.16
N LYS C 1807 -1.92 9.64 26.97
CA LYS C 1807 -2.56 10.09 25.74
C LYS C 1807 -2.25 11.56 25.48
N GLY C 1808 -2.21 12.37 26.54
CA GLY C 1808 -1.83 13.77 26.36
C GLY C 1808 -0.42 13.91 25.82
N CYS C 1809 0.51 13.11 26.33
CA CYS C 1809 1.88 13.17 25.82
C CYS C 1809 1.95 12.78 24.35
N ILE C 1810 1.23 11.73 23.96
CA ILE C 1810 1.22 11.35 22.55
C ILE C 1810 0.64 12.48 21.70
N LEU C 1811 -0.46 13.08 22.18
CA LEU C 1811 -1.08 14.16 21.44
C LEU C 1811 -0.12 15.33 21.27
N LEU C 1812 0.55 15.72 22.36
CA LEU C 1812 1.49 16.84 22.29
C LEU C 1812 2.63 16.53 21.34
N GLY C 1813 3.17 15.31 21.42
CA GLY C 1813 4.23 14.95 20.51
C GLY C 1813 3.81 15.08 19.06
N GLN C 1814 2.63 14.56 18.74
CA GLN C 1814 2.18 14.62 17.36
C GLN C 1814 1.93 16.06 16.90
N VAL C 1815 1.30 16.89 17.72
CA VAL C 1815 1.00 18.24 17.27
C VAL C 1815 2.26 19.09 17.19
N VAL C 1816 3.20 18.94 18.13
CA VAL C 1816 4.45 19.69 18.05
C VAL C 1816 5.23 19.26 16.81
N ASP C 1817 5.23 17.96 16.51
CA ASP C 1817 5.86 17.50 15.28
C ASP C 1817 5.20 18.14 14.06
N HIS C 1818 3.87 18.20 14.05
CA HIS C 1818 3.17 18.75 12.91
C HIS C 1818 3.46 20.23 12.72
N ILE C 1819 3.44 21.01 13.79
CA ILE C 1819 3.64 22.45 13.64
C ILE C 1819 5.09 22.73 13.27
N ASP C 1820 6.03 21.99 13.86
CA ASP C 1820 7.42 22.16 13.48
C ASP C 1820 7.65 21.76 12.03
N SER C 1821 6.98 20.70 11.57
CA SER C 1821 7.12 20.30 10.17
C SER C 1821 6.54 21.37 9.24
N LEU C 1822 5.40 21.95 9.61
CA LEU C 1822 4.83 23.02 8.80
C LEU C 1822 5.78 24.20 8.72
N MET C 1823 6.35 24.60 9.85
CA MET C 1823 7.26 25.74 9.84
C MET C 1823 8.53 25.44 9.06
N GLU C 1824 9.03 24.20 9.14
CA GLU C 1824 10.23 23.84 8.39
C GLU C 1824 9.94 23.71 6.90
N GLU C 1825 8.70 23.38 6.52
CA GLU C 1825 8.37 23.18 5.13
C GLU C 1825 8.02 24.46 4.41
N TRP C 1826 7.17 25.30 5.01
CA TRP C 1826 6.65 26.48 4.32
C TRP C 1826 7.36 27.77 4.68
N PHE C 1827 7.94 27.88 5.87
CA PHE C 1827 8.53 29.13 6.34
C PHE C 1827 9.94 28.86 6.83
N PRO C 1828 10.89 28.60 5.92
CA PRO C 1828 12.26 28.39 6.35
C PRO C 1828 12.91 29.64 6.92
N GLY C 1829 12.36 30.81 6.63
CA GLY C 1829 12.98 32.03 7.11
C GLY C 1829 12.97 32.14 8.62
N LEU C 1830 11.87 31.74 9.24
CA LEU C 1830 11.75 31.83 10.69
C LEU C 1830 12.75 30.92 11.36
N LEU C 1831 12.64 29.61 11.14
CA LEU C 1831 13.45 28.62 11.83
C LEU C 1831 14.86 28.54 11.23
N GLU C 1832 15.53 29.68 11.23
CA GLU C 1832 16.88 29.81 10.69
C GLU C 1832 17.67 30.70 11.63
N ILE C 1833 18.58 30.10 12.40
CA ILE C 1833 19.37 30.84 13.38
C ILE C 1833 20.26 31.83 12.63
N ASP C 1834 20.04 33.11 12.87
CA ASP C 1834 20.82 34.17 12.24
C ASP C 1834 22.10 34.37 13.04
N ILE C 1835 23.22 33.92 12.49
CA ILE C 1835 24.51 34.07 13.17
C ILE C 1835 24.86 35.54 13.30
N CYS C 1836 24.61 36.33 12.25
CA CYS C 1836 24.84 37.77 12.31
C CYS C 1836 23.96 38.39 13.38
N GLY C 1837 24.56 39.12 14.30
CA GLY C 1837 23.84 39.67 15.43
C GLY C 1837 23.75 38.68 16.57
N GLU C 1838 22.60 38.03 16.71
CA GLU C 1838 22.41 37.01 17.73
C GLU C 1838 21.37 36.01 17.24
N GLY C 1839 21.38 34.82 17.84
CA GLY C 1839 20.49 33.76 17.43
C GLY C 1839 19.07 33.96 17.90
N GLU C 1840 18.42 35.02 17.42
CA GLU C 1840 17.03 35.27 17.77
C GLU C 1840 16.10 34.19 17.23
N THR C 1841 16.35 33.77 15.98
CA THR C 1841 15.66 32.74 15.20
C THR C 1841 14.16 32.97 15.11
N LEU C 1842 13.65 34.12 15.57
CA LEU C 1842 12.29 34.56 15.31
C LEU C 1842 11.24 33.61 15.86
N LEU C 1843 11.65 32.54 16.54
CA LEU C 1843 10.73 31.54 17.05
C LEU C 1843 11.24 31.13 18.43
N LYS C 1844 10.82 31.88 19.45
CA LYS C 1844 11.24 31.61 20.82
C LYS C 1844 10.27 30.61 21.43
N LYS C 1845 10.44 29.35 21.05
CA LYS C 1845 9.54 28.31 21.50
C LYS C 1845 9.77 28.09 23.00
N TRP C 1846 8.89 28.67 23.80
CA TRP C 1846 8.97 28.59 25.25
C TRP C 1846 8.45 27.25 25.77
N ALA C 1847 8.63 27.05 27.07
CA ALA C 1847 8.04 25.92 27.79
C ALA C 1847 7.69 26.41 29.18
N LEU C 1848 6.42 26.30 29.55
CA LEU C 1848 5.93 26.81 30.83
C LEU C 1848 5.88 25.69 31.85
N TYR C 1849 6.30 26.00 33.08
CA TYR C 1849 6.32 25.03 34.17
C TYR C 1849 6.10 25.74 35.50
N SER C 1850 5.71 24.95 36.49
CA SER C 1850 5.42 25.46 37.83
C SER C 1850 5.94 24.49 38.88
N PHE C 1851 6.81 24.99 39.76
CA PHE C 1851 7.30 24.16 40.86
C PHE C 1851 6.19 23.83 41.85
N ASN C 1852 5.39 24.82 42.23
CA ASN C 1852 4.30 24.61 43.18
C ASN C 1852 3.20 23.81 42.48
N ASP C 1853 2.95 22.60 42.98
CA ASP C 1853 1.94 21.73 42.39
C ASP C 1853 0.55 22.29 42.71
N GLY C 1854 -0.02 23.03 41.75
CA GLY C 1854 -1.32 23.63 41.96
C GLY C 1854 -1.24 24.99 42.63
N GLU C 1855 -1.98 25.96 42.11
CA GLU C 1855 -2.02 27.32 42.67
C GLU C 1855 -0.63 27.92 42.77
N GLU C 1856 0.20 27.67 41.75
CA GLU C 1856 1.54 28.21 41.74
C GLU C 1856 1.57 29.72 41.53
N HIS C 1857 0.48 30.29 41.02
CA HIS C 1857 0.28 31.72 40.79
C HIS C 1857 1.20 32.26 39.70
N GLN C 1858 2.04 31.44 39.08
CA GLN C 1858 2.98 31.91 38.07
C GLN C 1858 3.51 30.71 37.29
N LYS C 1859 3.61 30.88 35.98
CA LYS C 1859 4.23 29.89 35.10
C LYS C 1859 5.56 30.46 34.64
N ILE C 1860 6.64 29.71 34.87
CA ILE C 1860 7.99 30.21 34.63
C ILE C 1860 8.43 29.79 33.24
N LEU C 1861 8.92 30.75 32.46
CA LEU C 1861 9.44 30.45 31.14
C LEU C 1861 10.79 29.74 31.23
N LEU C 1862 11.04 28.86 30.26
CA LEU C 1862 12.38 28.31 30.03
C LEU C 1862 12.49 27.93 28.58
N ASP C 1863 13.47 28.50 27.89
CA ASP C 1863 13.64 28.25 26.46
C ASP C 1863 13.84 26.77 26.19
N ASP C 1864 13.23 26.29 25.11
CA ASP C 1864 13.32 24.88 24.78
C ASP C 1864 14.74 24.49 24.38
N LEU C 1865 15.52 25.43 23.84
CA LEU C 1865 16.88 25.10 23.43
C LEU C 1865 17.74 24.71 24.63
N MET C 1866 17.67 25.50 25.70
CA MET C 1866 18.46 25.19 26.88
C MET C 1866 17.95 23.94 27.59
N LYS C 1867 16.64 23.66 27.51
CA LYS C 1867 16.12 22.44 28.09
C LYS C 1867 16.61 21.21 27.34
N LYS C 1868 16.57 21.25 26.00
CA LYS C 1868 17.07 20.11 25.25
C LYS C 1868 18.59 20.01 25.40
N ALA C 1869 19.25 21.12 25.69
CA ALA C 1869 20.64 21.06 26.11
C ALA C 1869 20.80 20.34 27.44
N GLU C 1870 19.75 20.33 28.28
CA GLU C 1870 19.77 19.57 29.51
C GLU C 1870 19.35 18.14 29.26
N GLU C 1871 20.01 17.47 28.32
CA GLU C 1871 19.79 16.06 28.05
C GLU C 1871 20.77 15.15 28.78
N GLY C 1872 21.82 15.72 29.39
CA GLY C 1872 22.74 14.91 30.17
C GLY C 1872 22.11 14.26 31.38
N ASP C 1873 21.02 14.82 31.87
CA ASP C 1873 20.24 14.27 32.96
C ASP C 1873 18.79 14.16 32.54
N LEU C 1874 18.00 13.49 33.38
CA LEU C 1874 16.57 13.34 33.14
C LEU C 1874 15.72 14.29 33.98
N LEU C 1875 16.30 14.95 34.97
CA LEU C 1875 15.55 15.70 35.96
C LEU C 1875 16.06 17.14 35.99
N VAL C 1876 15.14 18.09 35.90
CA VAL C 1876 15.48 19.52 35.86
C VAL C 1876 15.13 20.15 37.20
N ASN C 1877 16.05 20.94 37.73
CA ASN C 1877 15.87 21.56 39.03
C ASN C 1877 16.32 23.01 38.95
N PRO C 1878 15.77 23.89 39.81
CA PRO C 1878 16.25 25.27 39.86
C PRO C 1878 17.49 25.41 40.72
N ASP C 1879 17.90 26.66 40.97
CA ASP C 1879 19.05 26.89 41.84
C ASP C 1879 18.83 26.33 43.23
N GLN C 1880 17.58 26.29 43.69
CA GLN C 1880 17.24 25.64 44.95
C GLN C 1880 16.85 24.19 44.66
N PRO C 1881 17.75 23.23 44.88
CA PRO C 1881 17.58 21.88 44.35
C PRO C 1881 16.82 20.90 45.24
N ARG C 1882 16.15 21.35 46.30
CA ARG C 1882 15.44 20.39 47.14
C ARG C 1882 14.14 19.93 46.48
N LEU C 1883 13.53 20.78 45.65
CA LEU C 1883 12.28 20.44 44.97
C LEU C 1883 12.51 20.42 43.46
N THR C 1884 12.06 19.35 42.84
CA THR C 1884 12.37 19.07 41.44
C THR C 1884 11.11 18.68 40.69
N ILE C 1885 11.13 18.92 39.38
CA ILE C 1885 10.03 18.59 38.48
C ILE C 1885 10.59 17.76 37.34
N PRO C 1886 9.96 16.65 36.98
CA PRO C 1886 10.51 15.84 35.88
C PRO C 1886 10.35 16.54 34.53
N ILE C 1887 11.36 16.36 33.68
CA ILE C 1887 11.29 16.92 32.32
C ILE C 1887 10.15 16.28 31.54
N SER C 1888 9.99 14.97 31.66
CA SER C 1888 8.99 14.25 30.89
C SER C 1888 7.57 14.70 31.19
N GLN C 1889 7.36 15.39 32.30
CA GLN C 1889 6.07 15.96 32.64
C GLN C 1889 5.96 17.43 32.25
N ILE C 1890 7.00 18.00 31.65
CA ILE C 1890 7.03 19.42 31.29
C ILE C 1890 7.23 19.56 29.78
N ALA C 1891 7.82 18.55 29.16
CA ALA C 1891 8.02 18.54 27.71
C ALA C 1891 8.28 17.11 27.26
N PRO C 1892 7.23 16.33 27.07
CA PRO C 1892 7.43 14.94 26.64
C PRO C 1892 7.86 14.83 25.18
N ASP C 1893 8.25 15.94 24.58
CA ASP C 1893 8.78 15.91 23.22
C ASP C 1893 10.30 15.75 23.19
N LEU C 1894 11.01 16.36 24.15
CA LEU C 1894 12.45 16.16 24.24
C LEU C 1894 12.78 14.73 24.66
N ILE C 1895 12.17 14.26 25.75
CA ILE C 1895 12.26 12.85 26.12
C ILE C 1895 11.37 12.05 25.18
N LEU C 1896 11.92 10.99 24.61
CA LEU C 1896 11.12 10.14 23.74
C LEU C 1896 10.15 9.32 24.57
N ALA C 1897 9.15 10.00 25.16
CA ALA C 1897 8.18 9.37 26.02
C ALA C 1897 6.78 9.30 25.42
N ASP C 1898 6.53 10.02 24.32
CA ASP C 1898 5.19 10.04 23.74
C ASP C 1898 4.81 8.72 23.08
N LEU C 1899 5.78 7.87 22.79
CA LEU C 1899 5.50 6.60 22.12
C LEU C 1899 5.11 5.53 23.15
N PRO C 1900 4.52 4.41 22.69
CA PRO C 1900 4.19 3.31 23.60
C PRO C 1900 5.26 3.01 24.64
N ARG C 1901 4.82 2.71 25.87
CA ARG C 1901 5.71 2.65 27.01
C ARG C 1901 6.61 1.41 27.01
N ASN C 1902 6.41 0.48 26.08
CA ASN C 1902 7.23 -0.73 26.04
C ASN C 1902 8.52 -0.54 25.27
N ILE C 1903 8.80 0.65 24.76
CA ILE C 1903 10.02 0.89 23.98
C ILE C 1903 10.94 1.88 24.68
N MET C 1904 10.84 2.02 26.00
CA MET C 1904 11.75 2.88 26.75
C MET C 1904 13.17 2.32 26.73
N LEU C 1905 14.13 3.22 26.88
CA LEU C 1905 15.54 2.82 26.84
C LEU C 1905 15.89 1.95 28.03
N ASN C 1906 15.58 2.42 29.24
CA ASN C 1906 15.98 1.76 30.48
C ASN C 1906 17.49 1.52 30.49
N ASN C 1907 18.23 2.63 30.48
CA ASN C 1907 19.67 2.58 30.29
C ASN C 1907 20.40 1.91 31.44
N ASP C 1908 19.72 1.68 32.57
CA ASP C 1908 20.39 1.08 33.72
C ASP C 1908 20.90 -0.32 33.40
N GLU C 1909 20.09 -1.14 32.72
CA GLU C 1909 20.47 -2.51 32.40
C GLU C 1909 21.15 -2.65 31.06
N LEU C 1910 21.35 -1.56 30.32
CA LEU C 1910 22.00 -1.61 29.01
C LEU C 1910 23.51 -1.75 29.21
N GLU C 1911 24.01 -2.97 29.16
CA GLU C 1911 25.45 -3.24 29.18
C GLU C 1911 25.99 -2.90 27.80
N PHE C 1912 26.43 -1.66 27.62
CA PHE C 1912 26.83 -1.17 26.31
C PHE C 1912 28.15 -0.43 26.43
N GLU C 1913 28.95 -0.47 25.37
CA GLU C 1913 30.23 0.23 25.31
C GLU C 1913 30.53 0.56 23.86
N GLN C 1914 30.43 1.85 23.51
CA GLN C 1914 30.61 2.29 22.13
C GLN C 1914 32.05 2.16 21.67
N ALA C 1915 33.00 2.38 22.57
CA ALA C 1915 34.41 2.50 22.18
C ALA C 1915 34.95 1.28 21.45
N PRO C 1916 34.74 0.04 21.92
CA PRO C 1916 35.31 -1.10 21.20
C PRO C 1916 34.75 -1.24 19.80
N GLU C 1917 35.63 -1.64 18.88
CA GLU C 1917 35.23 -1.91 17.51
C GLU C 1917 35.07 -3.40 17.23
N PHE C 1918 35.39 -4.27 18.19
CA PHE C 1918 35.04 -5.68 18.02
C PHE C 1918 33.59 -5.96 18.35
N LEU C 1919 32.91 -5.02 19.00
CA LEU C 1919 31.46 -5.04 19.13
C LEU C 1919 30.78 -4.36 17.95
N LEU C 1920 31.56 -3.79 17.04
CA LEU C 1920 31.06 -3.22 15.79
C LEU C 1920 30.86 -4.28 14.70
N GLY C 1921 31.22 -5.54 14.98
CA GLY C 1921 31.21 -6.61 14.00
C GLY C 1921 30.01 -6.69 13.09
N ASP C 1922 28.86 -6.25 13.58
CA ASP C 1922 27.66 -6.19 12.76
C ASP C 1922 27.85 -5.11 11.69
N GLY C 1923 28.06 -5.54 10.45
CA GLY C 1923 28.31 -4.60 9.36
C GLY C 1923 29.75 -4.13 9.32
N SER C 1924 30.32 -4.04 8.12
CA SER C 1924 31.70 -3.61 7.96
C SER C 1924 31.78 -2.10 8.14
N PHE C 1925 32.59 -1.66 9.11
CA PHE C 1925 32.70 -0.27 9.53
C PHE C 1925 31.36 0.45 9.56
N GLY C 1926 30.33 -0.23 10.04
CA GLY C 1926 28.99 0.33 10.11
C GLY C 1926 28.73 1.03 11.42
N SER C 1927 27.49 1.52 11.56
CA SER C 1927 27.06 2.23 12.76
C SER C 1927 26.23 1.36 13.69
N VAL C 1928 26.01 0.09 13.34
CA VAL C 1928 25.25 -0.83 14.17
C VAL C 1928 26.24 -1.67 14.97
N TYR C 1929 26.10 -1.65 16.30
CA TYR C 1929 27.02 -2.29 17.21
C TYR C 1929 26.34 -3.48 17.87
N ARG C 1930 27.02 -4.05 18.86
CA ARG C 1930 26.51 -5.17 19.63
C ARG C 1930 26.66 -4.84 21.11
N ALA C 1931 25.61 -5.12 21.89
CA ALA C 1931 25.64 -4.89 23.32
C ALA C 1931 24.65 -5.84 23.99
N ALA C 1932 24.60 -5.77 25.32
CA ALA C 1932 23.69 -6.59 26.10
C ALA C 1932 22.56 -5.75 26.65
N TYR C 1933 21.36 -6.33 26.65
CA TYR C 1933 20.15 -5.61 27.07
C TYR C 1933 19.15 -6.62 27.59
N GLU C 1934 18.72 -6.43 28.84
CA GLU C 1934 17.77 -7.30 29.53
C GLU C 1934 18.30 -8.73 29.69
N GLY C 1935 19.62 -8.92 29.58
CA GLY C 1935 20.22 -10.23 29.75
C GLY C 1935 20.52 -10.97 28.47
N GLU C 1936 20.06 -10.49 27.32
CA GLU C 1936 20.31 -11.14 26.04
C GLU C 1936 21.12 -10.24 25.12
N GLU C 1937 21.84 -10.87 24.20
CA GLU C 1937 22.64 -10.13 23.23
C GLU C 1937 21.74 -9.44 22.22
N VAL C 1938 22.01 -8.16 21.97
CA VAL C 1938 21.23 -7.38 21.02
C VAL C 1938 22.19 -6.60 20.14
N ALA C 1939 21.67 -6.14 19.00
CA ALA C 1939 22.42 -5.32 18.06
C ALA C 1939 21.91 -3.89 18.19
N VAL C 1940 22.72 -3.03 18.74
CA VAL C 1940 22.37 -1.63 18.89
C VAL C 1940 22.86 -0.86 17.68
N LYS C 1941 22.13 0.18 17.31
CA LYS C 1941 22.44 1.03 16.17
C LYS C 1941 22.68 2.45 16.68
N ILE C 1942 23.91 2.94 16.50
CA ILE C 1942 24.26 4.28 16.94
C ILE C 1942 23.89 5.28 15.86
N PHE C 1943 23.16 6.33 16.24
CA PHE C 1943 22.78 7.38 15.30
C PHE C 1943 23.85 8.45 15.24
N ASN C 1944 24.12 8.93 14.02
CA ASN C 1944 25.09 9.98 13.78
C ASN C 1944 24.41 11.34 13.95
N LYS C 1945 25.11 12.40 13.56
CA LYS C 1945 24.57 13.76 13.66
C LYS C 1945 23.62 14.10 12.53
N HIS C 1946 23.54 13.27 11.49
CA HIS C 1946 22.67 13.57 10.36
C HIS C 1946 21.21 13.58 10.75
N THR C 1947 20.79 12.62 11.58
CA THR C 1947 19.39 12.48 11.94
C THR C 1947 19.05 13.44 13.08
N SER C 1948 18.09 14.32 12.84
CA SER C 1948 17.63 15.25 13.86
C SER C 1948 16.56 14.60 14.72
N LEU C 1949 16.28 15.23 15.86
CA LEU C 1949 15.36 14.64 16.83
C LEU C 1949 13.97 14.47 16.23
N ARG C 1950 13.51 15.47 15.48
CA ARG C 1950 12.21 15.35 14.81
C ARG C 1950 12.23 14.20 13.81
N LEU C 1951 13.31 14.09 13.03
CA LEU C 1951 13.39 13.00 12.06
C LEU C 1951 13.43 11.65 12.75
N LEU C 1952 14.19 11.54 13.83
CA LEU C 1952 14.29 10.26 14.53
C LEU C 1952 12.95 9.86 15.12
N ARG C 1953 12.23 10.81 15.72
CA ARG C 1953 10.94 10.42 16.29
C ARG C 1953 9.93 10.14 15.20
N GLN C 1954 10.02 10.82 14.05
CA GLN C 1954 9.15 10.49 12.94
C GLN C 1954 9.39 9.07 12.45
N GLU C 1955 10.66 8.66 12.40
CA GLU C 1955 10.96 7.28 12.04
C GLU C 1955 10.42 6.31 13.07
N LEU C 1956 10.66 6.57 14.35
CA LEU C 1956 10.34 5.56 15.35
C LEU C 1956 8.85 5.48 15.63
N VAL C 1957 8.11 6.57 15.40
CA VAL C 1957 6.66 6.51 15.62
C VAL C 1957 6.01 5.58 14.61
N VAL C 1958 6.48 5.57 13.38
CA VAL C 1958 5.95 4.64 12.40
C VAL C 1958 6.57 3.25 12.57
N LEU C 1959 7.80 3.17 13.08
CA LEU C 1959 8.40 1.87 13.31
C LEU C 1959 7.86 1.18 14.54
N CYS C 1960 7.17 1.91 15.42
CA CYS C 1960 6.66 1.37 16.66
C CYS C 1960 5.35 0.62 16.49
N HIS C 1961 4.83 0.49 15.28
CA HIS C 1961 3.61 -0.28 15.03
C HIS C 1961 3.72 -1.08 13.74
N LEU C 1962 4.87 -1.74 13.51
CA LEU C 1962 4.97 -2.71 12.44
C LEU C 1962 4.81 -4.14 12.96
N HIS C 1963 5.70 -4.56 13.87
CA HIS C 1963 5.51 -5.73 14.71
C HIS C 1963 5.19 -6.98 13.89
N HIS C 1964 6.15 -7.39 13.07
CA HIS C 1964 5.82 -8.62 12.34
C HIS C 1964 6.97 -9.61 12.45
N PRO C 1965 6.66 -10.91 12.61
CA PRO C 1965 7.70 -11.87 13.01
C PRO C 1965 8.90 -11.94 12.08
N SER C 1966 8.72 -11.80 10.77
CA SER C 1966 9.82 -11.85 9.81
C SER C 1966 10.35 -10.44 9.53
N LEU C 1967 10.25 -9.55 10.51
CA LEU C 1967 10.72 -8.18 10.40
C LEU C 1967 11.46 -7.84 11.67
N ILE C 1968 12.54 -7.06 11.55
CA ILE C 1968 13.27 -6.64 12.75
C ILE C 1968 12.38 -5.72 13.57
N SER C 1969 12.30 -5.99 14.87
CA SER C 1969 11.38 -5.29 15.76
C SER C 1969 12.17 -4.48 16.77
N LEU C 1970 11.80 -3.21 16.90
CA LEU C 1970 12.49 -2.32 17.83
C LEU C 1970 12.25 -2.76 19.27
N LEU C 1971 13.34 -2.83 20.03
CA LEU C 1971 13.29 -3.27 21.42
C LEU C 1971 13.42 -2.12 22.39
N ALA C 1972 14.33 -1.18 22.14
CA ALA C 1972 14.54 -0.06 23.03
C ALA C 1972 15.07 1.13 22.24
N ALA C 1973 14.94 2.31 22.83
CA ALA C 1973 15.46 3.54 22.27
C ALA C 1973 15.46 4.59 23.36
N GLY C 1974 16.41 5.51 23.28
CA GLY C 1974 16.50 6.54 24.29
C GLY C 1974 17.49 7.62 23.91
N ILE C 1975 17.79 8.46 24.89
CA ILE C 1975 18.68 9.58 24.71
C ILE C 1975 19.96 9.32 25.50
N ARG C 1976 20.90 10.26 25.42
CA ARG C 1976 22.20 10.30 26.08
C ARG C 1976 23.06 9.08 25.75
N PRO C 1977 23.57 8.95 24.51
CA PRO C 1977 23.28 9.71 23.29
C PRO C 1977 22.08 9.15 22.56
N ARG C 1978 21.95 9.41 21.25
CA ARG C 1978 20.83 8.91 20.46
C ARG C 1978 21.23 7.59 19.81
N MET C 1979 20.61 6.49 20.23
CA MET C 1979 20.76 5.23 19.51
C MET C 1979 19.39 4.59 19.29
N LEU C 1980 19.41 3.42 18.66
CA LEU C 1980 18.22 2.60 18.51
C LEU C 1980 18.62 1.15 18.78
N VAL C 1981 17.75 0.42 19.45
CA VAL C 1981 18.01 -0.96 19.83
C VAL C 1981 17.03 -1.86 19.09
N MET C 1982 17.57 -2.80 18.32
CA MET C 1982 16.79 -3.79 17.60
C MET C 1982 17.33 -5.18 17.91
N GLU C 1983 16.65 -6.19 17.39
CA GLU C 1983 17.08 -7.57 17.60
C GLU C 1983 18.38 -7.85 16.86
N LEU C 1984 19.19 -8.73 17.43
CA LEU C 1984 20.49 -9.08 16.87
C LEU C 1984 20.34 -10.24 15.89
N ALA C 1985 20.87 -10.05 14.68
CA ALA C 1985 20.86 -11.10 13.67
C ALA C 1985 22.12 -11.95 13.83
N SER C 1986 21.98 -13.09 14.49
CA SER C 1986 23.14 -13.92 14.82
C SER C 1986 23.88 -14.36 13.58
N LYS C 1987 23.14 -14.76 12.54
CA LYS C 1987 23.76 -15.16 11.29
C LYS C 1987 24.04 -13.99 10.36
N GLY C 1988 23.59 -12.79 10.71
CA GLY C 1988 23.90 -11.63 9.90
C GLY C 1988 23.11 -11.58 8.61
N SER C 1989 23.52 -10.68 7.74
CA SER C 1989 22.80 -10.45 6.49
C SER C 1989 22.97 -11.62 5.53
N LEU C 1990 21.93 -11.84 4.72
CA LEU C 1990 21.86 -13.01 3.86
C LEU C 1990 22.94 -12.99 2.78
N ASP C 1991 23.42 -11.81 2.39
CA ASP C 1991 24.38 -11.74 1.30
C ASP C 1991 25.64 -12.52 1.62
N ARG C 1992 26.16 -12.38 2.85
CA ARG C 1992 27.37 -13.09 3.22
C ARG C 1992 27.14 -14.60 3.16
N LEU C 1993 25.98 -15.06 3.62
CA LEU C 1993 25.72 -16.49 3.65
C LEU C 1993 25.53 -17.06 2.26
N LEU C 1994 24.97 -16.28 1.33
CA LEU C 1994 24.86 -16.76 -0.04
C LEU C 1994 26.12 -16.54 -0.85
N GLN C 1995 27.11 -15.81 -0.33
CA GLN C 1995 28.36 -15.62 -1.06
C GLN C 1995 29.51 -16.46 -0.55
N GLN C 1996 29.52 -16.87 0.72
CA GLN C 1996 30.60 -17.71 1.20
C GLN C 1996 30.16 -18.87 2.08
N ASP C 1997 28.86 -19.03 2.35
CA ASP C 1997 28.33 -20.16 3.11
C ASP C 1997 27.25 -20.87 2.31
N LYS C 1998 27.53 -21.09 1.02
CA LYS C 1998 26.55 -21.76 0.15
C LYS C 1998 26.28 -23.19 0.59
N ALA C 1999 27.28 -23.85 1.20
CA ALA C 1999 27.08 -25.22 1.66
C ALA C 1999 25.99 -25.29 2.72
N SER C 2000 25.73 -24.19 3.43
CA SER C 2000 24.61 -24.15 4.35
C SER C 2000 23.28 -24.23 3.61
N LEU C 2001 23.21 -23.66 2.41
CA LEU C 2001 22.03 -23.79 1.57
C LEU C 2001 21.88 -25.23 1.08
N THR C 2002 20.72 -25.83 1.30
CA THR C 2002 20.50 -27.24 0.98
C THR C 2002 19.14 -27.46 0.33
N ARG C 2003 18.77 -26.58 -0.60
CA ARG C 2003 17.59 -26.70 -1.46
C ARG C 2003 16.27 -26.57 -0.70
N THR C 2004 16.31 -26.36 0.62
CA THR C 2004 15.08 -26.18 1.37
C THR C 2004 14.98 -24.85 2.12
N LEU C 2005 16.06 -24.36 2.71
CA LEU C 2005 16.04 -23.13 3.48
C LEU C 2005 15.79 -21.91 2.60
N GLN C 2006 16.11 -22.02 1.31
CA GLN C 2006 15.74 -20.98 0.35
C GLN C 2006 14.24 -20.76 0.39
N HIS C 2007 13.49 -21.86 0.42
CA HIS C 2007 12.04 -21.78 0.47
C HIS C 2007 11.55 -21.09 1.73
N ARG C 2008 12.12 -21.42 2.88
CA ARG C 2008 11.69 -20.79 4.12
C ARG C 2008 12.02 -19.31 4.15
N ILE C 2009 13.21 -18.95 3.66
CA ILE C 2009 13.59 -17.54 3.61
C ILE C 2009 12.65 -16.78 2.70
N ALA C 2010 12.34 -17.36 1.54
CA ALA C 2010 11.39 -16.74 0.62
C ALA C 2010 10.02 -16.59 1.29
N LEU C 2011 9.59 -17.61 2.02
CA LEU C 2011 8.32 -17.55 2.73
C LEU C 2011 8.31 -16.39 3.71
N HIS C 2012 9.38 -16.22 4.47
CA HIS C 2012 9.40 -15.21 5.51
C HIS C 2012 9.42 -13.81 4.91
N VAL C 2013 10.23 -13.60 3.87
CA VAL C 2013 10.27 -12.28 3.25
C VAL C 2013 8.96 -12.01 2.52
N ALA C 2014 8.34 -13.05 1.94
CA ALA C 2014 7.04 -12.88 1.30
C ALA C 2014 5.97 -12.52 2.31
N ASP C 2015 6.01 -13.14 3.50
CA ASP C 2015 5.09 -12.76 4.56
C ASP C 2015 5.30 -11.32 4.99
N GLY C 2016 6.57 -10.90 5.11
CA GLY C 2016 6.83 -9.51 5.45
C GLY C 2016 6.31 -8.55 4.39
N LEU C 2017 6.55 -8.88 3.12
CA LEU C 2017 6.07 -8.05 2.04
C LEU C 2017 4.54 -7.97 2.04
N ARG C 2018 3.87 -9.13 2.23
CA ARG C 2018 2.42 -9.15 2.25
C ARG C 2018 1.87 -8.32 3.41
N TYR C 2019 2.48 -8.45 4.59
CA TYR C 2019 2.01 -7.69 5.74
C TYR C 2019 2.22 -6.20 5.53
N LEU C 2020 3.39 -5.81 5.01
CA LEU C 2020 3.64 -4.39 4.74
C LEU C 2020 2.67 -3.84 3.71
N HIS C 2021 2.43 -4.60 2.64
CA HIS C 2021 1.50 -4.16 1.61
C HIS C 2021 0.09 -4.02 2.17
N SER C 2022 -0.31 -4.95 3.05
CA SER C 2022 -1.59 -4.82 3.74
C SER C 2022 -1.63 -3.58 4.62
N ALA C 2023 -0.48 -3.07 5.04
CA ALA C 2023 -0.38 -1.81 5.76
C ALA C 2023 -0.18 -0.62 4.83
N MET C 2024 -0.28 -0.85 3.52
CA MET C 2024 -0.11 0.20 2.51
C MET C 2024 1.27 0.84 2.61
N ILE C 2025 2.28 0.01 2.83
CA ILE C 2025 3.68 0.43 2.84
C ILE C 2025 4.48 -0.58 2.04
N ILE C 2026 5.25 -0.10 1.07
CA ILE C 2026 6.10 -0.96 0.26
C ILE C 2026 7.56 -0.69 0.61
N TYR C 2027 8.36 -1.76 0.55
CA TYR C 2027 9.75 -1.69 0.99
C TYR C 2027 10.58 -0.78 0.09
N ARG C 2028 10.42 -0.90 -1.24
CA ARG C 2028 11.07 -0.06 -2.23
C ARG C 2028 12.59 -0.25 -2.28
N ASP C 2029 13.12 -1.07 -1.37
CA ASP C 2029 14.55 -1.36 -1.35
C ASP C 2029 14.73 -2.72 -0.68
N LEU C 2030 14.85 -3.76 -1.49
CA LEU C 2030 14.89 -5.14 -0.99
C LEU C 2030 16.04 -5.87 -1.69
N LYS C 2031 17.15 -6.02 -0.98
CA LYS C 2031 18.36 -6.64 -1.49
C LYS C 2031 18.79 -7.72 -0.52
N PRO C 2032 19.63 -8.66 -0.96
CA PRO C 2032 20.14 -9.67 -0.02
C PRO C 2032 20.91 -9.06 1.13
N HIS C 2033 21.36 -7.82 0.98
CA HIS C 2033 21.94 -7.06 2.09
C HIS C 2033 20.89 -6.66 3.12
N ASN C 2034 19.61 -6.82 2.82
CA ASN C 2034 18.53 -6.41 3.73
C ASN C 2034 17.77 -7.59 4.32
N VAL C 2035 18.15 -8.82 4.00
CA VAL C 2035 17.52 -10.00 4.57
C VAL C 2035 18.38 -10.44 5.74
N LEU C 2036 17.95 -10.12 6.96
CA LEU C 2036 18.69 -10.46 8.16
C LEU C 2036 18.23 -11.82 8.65
N LEU C 2037 19.17 -12.74 8.81
CA LEU C 2037 18.88 -14.09 9.21
C LEU C 2037 19.12 -14.27 10.70
N PHE C 2038 18.52 -15.31 11.27
CA PHE C 2038 18.66 -15.59 12.69
C PHE C 2038 19.09 -17.02 12.98
N THR C 2039 18.72 -17.98 12.15
CA THR C 2039 19.16 -19.36 12.31
C THR C 2039 19.22 -20.02 10.95
N LEU C 2040 20.03 -21.07 10.86
CA LEU C 2040 20.12 -21.87 9.67
C LEU C 2040 19.46 -23.24 9.81
N TYR C 2041 18.77 -23.48 10.92
CA TYR C 2041 18.03 -24.72 11.07
C TYR C 2041 16.70 -24.56 10.34
N PRO C 2042 16.48 -25.26 9.23
CA PRO C 2042 15.29 -24.95 8.41
C PRO C 2042 13.99 -25.11 9.15
N ASN C 2043 13.90 -26.10 10.04
CA ASN C 2043 12.66 -26.36 10.76
C ASN C 2043 12.54 -25.42 11.95
N ALA C 2044 12.61 -24.12 11.69
CA ALA C 2044 12.54 -23.10 12.73
C ALA C 2044 11.35 -22.18 12.47
N ALA C 2045 10.80 -21.65 13.56
CA ALA C 2045 9.64 -20.77 13.44
C ALA C 2045 10.01 -19.41 12.85
N ILE C 2046 11.10 -18.80 13.33
CA ILE C 2046 11.55 -17.51 12.87
C ILE C 2046 12.92 -17.69 12.24
N ILE C 2047 13.03 -17.43 10.95
CA ILE C 2047 14.29 -17.64 10.25
C ILE C 2047 14.76 -16.36 9.58
N ALA C 2048 13.97 -15.84 8.66
CA ALA C 2048 14.38 -14.69 7.87
C ALA C 2048 13.70 -13.42 8.38
N LYS C 2049 14.42 -12.31 8.26
CA LYS C 2049 13.90 -11.02 8.72
C LYS C 2049 14.39 -9.94 7.77
N ILE C 2050 13.49 -9.08 7.33
CA ILE C 2050 13.83 -7.95 6.47
C ILE C 2050 13.86 -6.69 7.32
N ALA C 2051 14.89 -5.87 7.12
CA ALA C 2051 15.04 -4.66 7.93
C ALA C 2051 13.91 -3.69 7.61
N ASP C 2052 13.26 -3.17 8.65
CA ASP C 2052 12.23 -2.17 8.47
C ASP C 2052 12.78 -0.76 8.53
N TYR C 2053 14.10 -0.61 8.69
CA TYR C 2053 14.72 0.71 8.73
C TYR C 2053 14.70 1.38 7.36
N GLY C 2054 14.63 0.60 6.28
CA GLY C 2054 14.64 1.19 4.96
C GLY C 2054 13.41 2.04 4.68
N ILE C 2055 12.23 1.53 5.04
CA ILE C 2055 11.00 2.28 4.82
C ILE C 2055 10.97 3.52 5.70
N ALA C 2056 11.49 3.41 6.93
CA ALA C 2056 11.57 4.57 7.80
C ALA C 2056 12.49 5.64 7.23
N GLN C 2057 13.65 5.23 6.71
CA GLN C 2057 14.56 6.18 6.08
C GLN C 2057 13.95 6.81 4.83
N TYR C 2058 13.22 6.04 4.04
CA TYR C 2058 12.58 6.59 2.86
C TYR C 2058 11.52 7.61 3.23
N CYS C 2059 10.62 7.26 4.15
CA CYS C 2059 9.51 8.13 4.49
C CYS C 2059 9.94 9.30 5.38
N CYS C 2060 11.12 9.23 6.01
CA CYS C 2060 11.54 10.33 6.87
C CYS C 2060 12.04 11.51 6.06
N ARG C 2061 12.92 11.26 5.10
CA ARG C 2061 13.50 12.29 4.25
C ARG C 2061 13.22 11.93 2.79
N MET C 2062 12.31 12.67 2.17
CA MET C 2062 11.94 12.42 0.78
C MET C 2062 12.50 13.48 -0.15
N THR C 2066 17.92 6.32 -0.38
CA THR C 2066 18.09 5.28 -1.39
C THR C 2066 16.75 4.89 -2.01
N SER C 2067 15.89 5.89 -2.24
CA SER C 2067 14.59 5.63 -2.86
C SER C 2067 14.75 5.12 -4.29
N GLU C 2068 15.84 5.51 -4.96
CA GLU C 2068 16.08 5.04 -6.32
C GLU C 2068 16.43 3.56 -6.37
N GLY C 2069 16.84 2.97 -5.25
CA GLY C 2069 17.12 1.55 -5.19
C GLY C 2069 18.50 1.20 -5.73
N THR C 2070 18.96 0.01 -5.36
CA THR C 2070 20.23 -0.49 -5.86
C THR C 2070 20.10 -0.78 -7.36
N PRO C 2071 21.05 -0.33 -8.18
CA PRO C 2071 20.96 -0.60 -9.63
C PRO C 2071 20.89 -2.07 -9.97
N GLY C 2072 21.62 -2.91 -9.22
CA GLY C 2072 21.62 -4.34 -9.52
C GLY C 2072 20.27 -4.99 -9.31
N PHE C 2073 19.62 -4.67 -8.18
CA PHE C 2073 18.30 -5.22 -7.88
C PHE C 2073 17.29 -4.06 -7.94
N ARG C 2074 16.76 -3.83 -9.14
CA ARG C 2074 15.82 -2.74 -9.34
C ARG C 2074 14.79 -3.13 -10.38
N ALA C 2075 13.56 -2.68 -10.16
CA ALA C 2075 12.48 -2.94 -11.11
C ALA C 2075 12.70 -2.11 -12.38
N PRO C 2076 12.22 -2.61 -13.52
CA PRO C 2076 12.35 -1.83 -14.76
C PRO C 2076 11.65 -0.48 -14.71
N GLU C 2077 10.54 -0.38 -13.98
CA GLU C 2077 9.78 0.87 -13.92
C GLU C 2077 10.37 1.89 -12.94
N VAL C 2078 11.30 1.47 -12.09
CA VAL C 2078 11.87 2.37 -11.09
C VAL C 2078 13.17 3.00 -11.58
N ALA C 2079 14.06 2.20 -12.18
CA ALA C 2079 15.32 2.74 -12.70
C ALA C 2079 15.06 3.76 -13.80
N ARG C 2080 14.10 3.47 -14.69
CA ARG C 2080 13.74 4.42 -15.72
C ARG C 2080 13.16 5.69 -15.11
N GLY C 2081 12.31 5.54 -14.09
CA GLY C 2081 11.77 6.68 -13.38
C GLY C 2081 10.65 7.43 -14.09
N ASN C 2082 10.17 6.91 -15.22
CA ASN C 2082 9.12 7.61 -15.96
C ASN C 2082 7.76 7.43 -15.30
N VAL C 2083 7.51 6.26 -14.72
CA VAL C 2083 6.21 5.93 -14.13
C VAL C 2083 6.36 5.84 -12.62
N ILE C 2084 5.27 6.16 -11.91
CA ILE C 2084 5.29 6.06 -10.45
C ILE C 2084 5.44 4.61 -10.03
N TYR C 2085 5.89 4.41 -8.80
CA TYR C 2085 6.20 3.10 -8.26
C TYR C 2085 4.98 2.50 -7.57
N ASN C 2086 5.01 1.17 -7.42
CA ASN C 2086 3.91 0.44 -6.81
C ASN C 2086 4.47 -0.84 -6.17
N GLN C 2087 3.57 -1.68 -5.68
CA GLN C 2087 3.98 -2.94 -5.07
C GLN C 2087 4.58 -3.89 -6.10
N GLN C 2088 4.34 -3.67 -7.38
CA GLN C 2088 4.90 -4.54 -8.41
C GLN C 2088 6.41 -4.42 -8.48
N ALA C 2089 6.97 -3.26 -8.13
CA ALA C 2089 8.42 -3.15 -8.00
C ALA C 2089 8.93 -4.05 -6.89
N ASP C 2090 8.22 -4.10 -5.75
CA ASP C 2090 8.58 -5.02 -4.68
C ASP C 2090 8.46 -6.46 -5.14
N VAL C 2091 7.44 -6.78 -5.93
CA VAL C 2091 7.29 -8.13 -6.48
C VAL C 2091 8.48 -8.47 -7.37
N TYR C 2092 8.91 -7.53 -8.21
CA TYR C 2092 10.06 -7.76 -9.07
C TYR C 2092 11.33 -7.98 -8.25
N SER C 2093 11.52 -7.18 -7.20
CA SER C 2093 12.69 -7.38 -6.35
C SER C 2093 12.63 -8.72 -5.63
N PHE C 2094 11.43 -9.15 -5.23
CA PHE C 2094 11.29 -10.47 -4.61
C PHE C 2094 11.64 -11.57 -5.60
N GLY C 2095 11.21 -11.42 -6.86
CA GLY C 2095 11.61 -12.37 -7.87
C GLY C 2095 13.11 -12.37 -8.10
N LEU C 2096 13.74 -11.19 -8.02
CA LEU C 2096 15.19 -11.13 -8.10
C LEU C 2096 15.84 -11.86 -6.93
N LEU C 2097 15.29 -11.72 -5.74
CA LEU C 2097 15.79 -12.48 -4.59
C LEU C 2097 15.64 -13.97 -4.83
N LEU C 2098 14.51 -14.39 -5.40
CA LEU C 2098 14.34 -15.79 -5.74
C LEU C 2098 15.40 -16.26 -6.73
N TYR C 2099 15.67 -15.45 -7.76
CA TYR C 2099 16.68 -15.81 -8.75
C TYR C 2099 18.05 -15.94 -8.08
N ASP C 2100 18.41 -14.98 -7.23
CA ASP C 2100 19.72 -15.01 -6.60
C ASP C 2100 19.83 -16.18 -5.63
N ILE C 2101 18.79 -16.42 -4.84
CA ILE C 2101 18.83 -17.51 -3.86
C ILE C 2101 18.84 -18.86 -4.56
N LEU C 2102 18.29 -18.93 -5.78
CA LEU C 2102 18.45 -20.14 -6.57
C LEU C 2102 19.89 -20.25 -7.10
N THR C 2103 20.48 -19.13 -7.50
CA THR C 2103 21.87 -19.16 -7.94
C THR C 2103 22.85 -19.18 -6.77
N THR C 2104 22.36 -18.98 -5.54
CA THR C 2104 23.20 -18.93 -4.34
C THR C 2104 24.36 -17.95 -4.53
N GLY C 2105 24.00 -16.72 -4.84
CA GLY C 2105 25.00 -15.68 -5.06
C GLY C 2105 25.86 -15.89 -6.29
N GLY C 2106 25.28 -16.39 -7.38
CA GLY C 2106 26.01 -16.55 -8.61
C GLY C 2106 25.98 -15.30 -9.46
N ARG C 2107 24.83 -14.62 -9.46
CA ARG C 2107 24.68 -13.41 -10.25
C ARG C 2107 25.44 -12.24 -9.64
N ILE C 2108 25.52 -12.19 -8.30
CA ILE C 2108 26.19 -11.08 -7.64
C ILE C 2108 27.69 -11.13 -7.92
N VAL C 2109 28.27 -12.32 -7.92
CA VAL C 2109 29.69 -12.46 -8.23
C VAL C 2109 29.98 -11.98 -9.64
N GLU C 2110 29.14 -12.37 -10.61
CA GLU C 2110 29.34 -11.93 -11.97
C GLU C 2110 29.09 -10.43 -12.13
N GLY C 2111 28.25 -9.85 -11.27
CA GLY C 2111 27.93 -8.44 -11.37
C GLY C 2111 28.88 -7.51 -10.67
N LEU C 2112 29.64 -8.04 -9.70
CA LEU C 2112 30.60 -7.21 -8.98
C LEU C 2112 31.77 -6.78 -9.85
N LYS C 2113 32.11 -7.57 -10.87
CA LYS C 2113 33.18 -7.23 -11.79
C LYS C 2113 32.69 -6.54 -13.06
N PHE C 2114 31.37 -6.47 -13.26
CA PHE C 2114 30.79 -5.82 -14.44
C PHE C 2114 29.47 -5.16 -14.04
N PRO C 2115 29.54 -4.06 -13.30
CA PRO C 2115 28.30 -3.49 -12.74
C PRO C 2115 27.37 -2.88 -13.77
N ASN C 2116 27.91 -2.16 -14.77
CA ASN C 2116 27.07 -1.54 -15.77
C ASN C 2116 26.26 -2.57 -16.55
N GLU C 2117 26.91 -3.64 -17.01
CA GLU C 2117 26.19 -4.75 -17.61
C GLU C 2117 25.31 -5.48 -16.61
N PHE C 2118 25.75 -5.60 -15.36
CA PHE C 2118 24.94 -6.25 -14.33
C PHE C 2118 23.61 -5.55 -14.15
N ASP C 2119 23.56 -4.24 -14.39
CA ASP C 2119 22.30 -3.50 -14.32
C ASP C 2119 21.56 -3.50 -15.65
N GLU C 2120 22.26 -3.28 -16.76
CA GLU C 2120 21.61 -3.14 -18.06
C GLU C 2120 21.13 -4.47 -18.62
N LEU C 2121 21.54 -5.60 -18.02
CA LEU C 2121 21.02 -6.89 -18.45
C LEU C 2121 19.75 -7.26 -17.70
N GLU C 2122 19.67 -6.91 -16.41
CA GLU C 2122 18.48 -7.18 -15.62
C GLU C 2122 17.43 -6.09 -15.73
N ILE C 2123 17.75 -4.95 -16.34
CA ILE C 2123 16.74 -3.90 -16.50
C ILE C 2123 15.61 -4.38 -17.39
N GLN C 2124 15.89 -5.25 -18.35
CA GLN C 2124 14.85 -5.91 -19.13
C GLN C 2124 14.68 -7.35 -18.68
N GLY C 2125 13.52 -7.91 -18.99
CA GLY C 2125 13.21 -9.27 -18.59
C GLY C 2125 13.91 -10.33 -19.42
N LYS C 2126 15.24 -10.27 -19.47
CA LYS C 2126 16.04 -11.19 -20.26
C LYS C 2126 17.10 -11.88 -19.40
N LEU C 2127 16.79 -12.15 -18.14
CA LEU C 2127 17.74 -12.85 -17.28
C LEU C 2127 17.93 -14.28 -17.78
N PRO C 2128 19.16 -14.78 -17.81
CA PRO C 2128 19.42 -16.09 -18.40
C PRO C 2128 18.88 -17.22 -17.53
N ASP C 2129 18.87 -18.41 -18.11
CA ASP C 2129 18.41 -19.60 -17.42
C ASP C 2129 19.36 -19.91 -16.27
N PRO C 2130 18.89 -19.98 -15.03
CA PRO C 2130 19.80 -20.25 -13.91
C PRO C 2130 20.51 -21.59 -14.01
N VAL C 2131 19.85 -22.62 -14.54
CA VAL C 2131 20.46 -23.94 -14.61
C VAL C 2131 21.57 -23.97 -15.65
N LYS C 2132 21.36 -23.33 -16.80
CA LYS C 2132 22.35 -23.36 -17.86
C LYS C 2132 23.60 -22.56 -17.48
N GLU C 2133 23.42 -21.34 -17.00
CA GLU C 2133 24.55 -20.48 -16.69
C GLU C 2133 25.24 -20.86 -15.39
N TYR C 2134 24.49 -21.29 -14.38
CA TYR C 2134 25.04 -21.57 -13.06
C TYR C 2134 24.74 -23.01 -12.67
N GLY C 2135 25.76 -23.70 -12.15
CA GLY C 2135 25.59 -25.06 -11.70
C GLY C 2135 24.81 -25.15 -10.40
N CYS C 2136 23.57 -25.63 -10.48
CA CYS C 2136 22.70 -25.73 -9.33
C CYS C 2136 21.53 -26.64 -9.66
N ALA C 2137 20.75 -26.98 -8.64
CA ALA C 2137 19.54 -27.75 -8.86
C ALA C 2137 18.57 -26.94 -9.71
N PRO C 2138 17.96 -27.53 -10.75
CA PRO C 2138 17.07 -26.74 -11.61
C PRO C 2138 15.90 -26.11 -10.87
N TRP C 2139 15.08 -26.93 -10.20
CA TRP C 2139 13.89 -26.48 -9.47
C TRP C 2139 13.10 -25.45 -10.26
N PRO C 2140 12.81 -25.71 -11.55
CA PRO C 2140 12.26 -24.63 -12.40
C PRO C 2140 10.83 -24.24 -12.08
N MET C 2141 10.18 -24.89 -11.10
CA MET C 2141 8.85 -24.43 -10.73
C MET C 2141 8.91 -23.00 -10.23
N VAL C 2142 9.84 -22.73 -9.30
CA VAL C 2142 9.99 -21.39 -8.78
C VAL C 2142 10.52 -20.45 -9.86
N GLU C 2143 11.13 -21.00 -10.91
CA GLU C 2143 11.46 -20.19 -12.08
C GLU C 2143 10.21 -19.70 -12.80
N LYS C 2144 9.14 -20.50 -12.84
CA LYS C 2144 7.88 -20.00 -13.39
C LYS C 2144 7.35 -18.87 -12.53
N LEU C 2145 7.45 -19.00 -11.21
CA LEU C 2145 7.07 -17.91 -10.32
C LEU C 2145 7.91 -16.67 -10.60
N ILE C 2146 9.20 -16.86 -10.85
CA ILE C 2146 10.09 -15.73 -11.14
C ILE C 2146 9.67 -15.05 -12.43
N LYS C 2147 9.47 -15.82 -13.49
CA LYS C 2147 9.05 -15.26 -14.77
C LYS C 2147 7.72 -14.54 -14.64
N GLN C 2148 6.83 -15.03 -13.77
CA GLN C 2148 5.63 -14.27 -13.43
C GLN C 2148 5.99 -12.96 -12.76
N CYS C 2149 6.98 -12.98 -11.88
CA CYS C 2149 7.44 -11.78 -11.19
C CYS C 2149 8.51 -11.01 -11.95
N LEU C 2150 9.01 -11.56 -13.06
CA LEU C 2150 9.99 -10.89 -13.90
C LEU C 2150 9.34 -10.13 -15.04
N LYS C 2151 8.02 -10.24 -15.18
CA LYS C 2151 7.31 -9.61 -16.28
C LYS C 2151 7.51 -8.10 -16.27
N GLU C 2152 7.67 -7.52 -17.47
CA GLU C 2152 7.87 -6.07 -17.57
C GLU C 2152 6.61 -5.31 -17.19
N ASN C 2153 5.44 -5.87 -17.52
CA ASN C 2153 4.18 -5.22 -17.17
C ASN C 2153 3.96 -5.31 -15.67
N PRO C 2154 3.81 -4.19 -14.96
CA PRO C 2154 3.63 -4.24 -13.50
C PRO C 2154 2.39 -5.00 -13.08
N GLN C 2155 1.22 -4.58 -13.57
CA GLN C 2155 -0.04 -5.18 -13.17
C GLN C 2155 -0.13 -6.66 -13.53
N GLU C 2156 0.58 -7.10 -14.57
CA GLU C 2156 0.61 -8.51 -14.91
C GLU C 2156 1.33 -9.36 -13.89
N ARG C 2157 2.25 -8.78 -13.12
CA ARG C 2157 2.93 -9.51 -12.06
C ARG C 2157 1.96 -9.80 -10.92
N PRO C 2158 2.01 -10.99 -10.34
CA PRO C 2158 1.13 -11.30 -9.21
C PRO C 2158 1.43 -10.42 -8.01
N THR C 2159 0.39 -10.12 -7.24
CA THR C 2159 0.56 -9.34 -6.03
C THR C 2159 1.25 -10.20 -4.96
N SER C 2160 1.70 -9.52 -3.89
CA SER C 2160 2.44 -10.21 -2.84
C SER C 2160 1.60 -11.26 -2.15
N ALA C 2161 0.31 -10.99 -1.97
CA ALA C 2161 -0.57 -11.97 -1.32
C ALA C 2161 -0.63 -13.27 -2.12
N GLN C 2162 -0.78 -13.16 -3.45
CA GLN C 2162 -0.88 -14.36 -4.28
C GLN C 2162 0.41 -15.16 -4.26
N VAL C 2163 1.56 -14.49 -4.40
CA VAL C 2163 2.82 -15.21 -4.42
C VAL C 2163 3.11 -15.84 -3.06
N PHE C 2164 2.71 -15.16 -1.97
CA PHE C 2164 2.88 -15.75 -0.65
C PHE C 2164 1.99 -16.98 -0.49
N ASP C 2165 0.73 -16.89 -0.94
CA ASP C 2165 -0.17 -18.03 -0.82
C ASP C 2165 0.32 -19.22 -1.63
N ILE C 2166 0.74 -18.99 -2.88
CA ILE C 2166 1.24 -20.08 -3.69
C ILE C 2166 2.54 -20.60 -3.10
N LEU C 2167 3.30 -19.73 -2.43
CA LEU C 2167 4.46 -20.19 -1.66
C LEU C 2167 4.01 -20.88 -0.38
N ASN C 2168 2.87 -20.46 0.18
CA ASN C 2168 2.39 -21.05 1.44
C ASN C 2168 2.08 -22.52 1.28
N SER C 2169 1.69 -22.96 0.08
CA SER C 2169 1.44 -24.39 -0.16
C SER C 2169 2.72 -25.17 0.05
N ALA C 2170 2.63 -26.27 0.80
CA ALA C 2170 3.80 -27.10 1.08
C ALA C 2170 4.22 -27.94 -0.10
N GLU C 2171 3.48 -27.86 -1.20
CA GLU C 2171 3.79 -28.76 -2.34
C GLU C 2171 4.82 -28.08 -3.25
N LEU C 2172 4.93 -26.76 -3.15
CA LEU C 2172 5.83 -26.03 -4.08
C LEU C 2172 7.30 -26.41 -3.92
N VAL C 2173 7.79 -26.55 -2.68
CA VAL C 2173 9.25 -26.82 -2.52
C VAL C 2173 9.51 -28.19 -3.17
N CYS C 2174 8.58 -29.11 -2.92
CA CYS C 2174 8.57 -30.51 -3.44
C CYS C 2174 8.42 -30.57 -4.97
N LEU C 2175 7.63 -29.69 -5.58
CA LEU C 2175 7.43 -29.88 -7.04
C LEU C 2175 8.65 -29.27 -7.71
N THR C 2176 9.57 -30.15 -8.12
CA THR C 2176 10.81 -29.68 -8.74
C THR C 2176 10.56 -29.00 -10.07
N ARG C 2177 9.67 -29.55 -10.91
CA ARG C 2177 9.58 -28.96 -12.27
C ARG C 2177 8.39 -29.40 -13.13
N ARG C 2178 8.37 -28.91 -14.38
CA ARG C 2178 7.30 -29.21 -15.34
C ARG C 2178 7.92 -29.26 -16.73
N ILE C 2179 7.61 -30.32 -17.48
CA ILE C 2179 8.15 -30.51 -18.82
C ILE C 2179 6.98 -30.50 -19.80
N LEU C 2180 7.00 -29.57 -20.75
CA LEU C 2180 5.99 -29.50 -21.79
C LEU C 2180 6.47 -30.28 -23.00
N LEU C 2181 5.97 -31.50 -23.15
CA LEU C 2181 6.34 -32.32 -24.28
C LEU C 2181 5.70 -31.76 -25.55
N PRO C 2182 6.41 -31.82 -26.70
CA PRO C 2182 5.95 -31.14 -27.92
C PRO C 2182 4.51 -31.41 -28.35
N LYS C 2183 4.06 -30.60 -29.30
CA LYS C 2183 2.64 -30.42 -29.59
C LYS C 2183 1.97 -31.71 -30.03
N ASN C 2184 0.77 -31.95 -29.49
CA ASN C 2184 -0.16 -32.96 -29.99
C ASN C 2184 0.44 -34.37 -29.97
N VAL C 2185 0.71 -34.86 -28.75
CA VAL C 2185 1.18 -36.22 -28.53
C VAL C 2185 0.43 -36.81 -27.35
N ILE C 2186 0.14 -38.11 -27.42
CA ILE C 2186 -0.61 -38.83 -26.39
C ILE C 2186 0.27 -39.97 -25.88
N VAL C 2187 0.36 -40.10 -24.55
CA VAL C 2187 1.17 -41.13 -23.91
C VAL C 2187 0.39 -41.63 -22.70
N GLU C 2188 0.49 -42.93 -22.38
CA GLU C 2188 -0.27 -43.49 -21.28
C GLU C 2188 0.56 -44.40 -20.39
N CYS C 2189 1.88 -44.49 -20.62
CA CYS C 2189 2.71 -45.41 -19.87
C CYS C 2189 4.04 -44.74 -19.58
N MET C 2190 4.70 -45.21 -18.54
CA MET C 2190 5.95 -44.59 -18.10
C MET C 2190 6.68 -45.55 -17.19
N VAL C 2191 8.00 -45.47 -17.21
CA VAL C 2191 8.86 -46.24 -16.33
C VAL C 2191 10.09 -45.42 -16.01
N ALA C 2192 10.51 -45.45 -14.75
CA ALA C 2192 11.68 -44.72 -14.31
C ALA C 2192 12.91 -45.63 -14.33
N THR C 2193 14.08 -45.02 -14.19
CA THR C 2193 15.35 -45.74 -14.12
C THR C 2193 16.01 -45.41 -12.80
N HIS C 2194 16.28 -46.43 -11.99
CA HIS C 2194 16.85 -46.23 -10.66
C HIS C 2194 18.27 -46.75 -10.53
N HIS C 2195 18.62 -47.79 -11.29
CA HIS C 2195 19.95 -48.38 -11.18
C HIS C 2195 21.04 -47.39 -11.57
N ASN C 2196 20.82 -46.64 -12.66
CA ASN C 2196 21.75 -45.59 -13.07
C ASN C 2196 21.36 -44.29 -12.38
N SER C 2197 21.55 -44.28 -11.06
CA SER C 2197 21.13 -43.15 -10.23
C SER C 2197 21.94 -41.90 -10.48
N ARG C 2198 23.08 -41.99 -11.17
CA ARG C 2198 23.87 -40.81 -11.48
C ARG C 2198 23.06 -39.83 -12.32
N ASN C 2199 22.37 -40.34 -13.34
CA ASN C 2199 21.45 -39.55 -14.15
C ASN C 2199 20.35 -40.47 -14.65
N ALA C 2200 19.11 -40.12 -14.35
CA ALA C 2200 17.96 -40.95 -14.69
C ALA C 2200 17.12 -40.29 -15.77
N SER C 2201 16.91 -41.02 -16.86
CA SER C 2201 16.06 -40.57 -17.95
C SER C 2201 14.72 -41.27 -17.86
N ILE C 2202 13.71 -40.70 -18.50
CA ILE C 2202 12.34 -41.19 -18.41
C ILE C 2202 11.92 -41.76 -19.76
N TRP C 2203 11.38 -42.97 -19.73
CA TRP C 2203 10.94 -43.66 -20.94
C TRP C 2203 9.42 -43.62 -21.00
N LEU C 2204 8.87 -43.11 -22.10
CA LEU C 2204 7.44 -42.98 -22.29
C LEU C 2204 6.99 -43.85 -23.46
N GLY C 2205 5.67 -43.95 -23.62
CA GLY C 2205 5.10 -44.67 -24.75
C GLY C 2205 4.46 -43.75 -25.75
N CYS C 2206 3.45 -44.24 -26.47
CA CYS C 2206 2.77 -43.42 -27.47
C CYS C 2206 1.30 -43.83 -27.50
N GLY C 2207 0.44 -42.83 -27.66
CA GLY C 2207 -0.99 -43.07 -27.78
C GLY C 2207 -1.61 -42.30 -28.92
N HIS C 2208 -0.85 -41.35 -29.48
CA HIS C 2208 -1.33 -40.57 -30.61
C HIS C 2208 -1.38 -41.39 -31.89
N THR C 2209 -0.68 -42.51 -31.95
CA THR C 2209 -0.69 -43.40 -33.10
C THR C 2209 -1.20 -44.77 -32.68
N ASP C 2210 -2.00 -45.39 -33.55
CA ASP C 2210 -2.51 -46.73 -33.28
C ASP C 2210 -1.40 -47.76 -33.23
N ARG C 2211 -0.24 -47.46 -33.80
CA ARG C 2211 0.93 -48.33 -33.75
C ARG C 2211 1.87 -47.89 -32.63
N GLY C 2212 2.80 -48.78 -32.29
CA GLY C 2212 3.72 -48.50 -31.21
C GLY C 2212 4.88 -47.61 -31.64
N GLN C 2213 5.29 -46.76 -30.71
CA GLN C 2213 6.43 -45.86 -30.94
C GLN C 2213 7.01 -45.51 -29.59
N LEU C 2214 8.22 -45.98 -29.31
CA LEU C 2214 8.84 -45.68 -28.03
C LEU C 2214 9.23 -44.21 -27.97
N SER C 2215 9.11 -43.64 -26.77
CA SER C 2215 9.34 -42.22 -26.55
C SER C 2215 10.41 -42.05 -25.48
N PHE C 2216 11.67 -42.04 -25.90
CA PHE C 2216 12.78 -41.77 -25.00
C PHE C 2216 12.80 -40.28 -24.65
N LEU C 2217 12.87 -39.98 -23.37
CA LEU C 2217 12.92 -38.60 -22.90
C LEU C 2217 13.95 -38.48 -21.79
N ASP C 2218 14.87 -37.54 -21.93
CA ASP C 2218 15.88 -37.32 -20.90
C ASP C 2218 15.42 -36.21 -19.95
N LEU C 2219 16.09 -36.14 -18.80
CA LEU C 2219 15.75 -35.17 -17.77
C LEU C 2219 16.81 -34.11 -17.56
N ASN C 2220 18.09 -34.46 -17.69
CA ASN C 2220 19.14 -33.46 -17.58
C ASN C 2220 19.21 -32.57 -18.82
N THR C 2221 18.72 -33.08 -19.96
CA THR C 2221 18.70 -32.31 -21.20
C THR C 2221 17.30 -32.02 -21.72
N GLU C 2222 16.28 -32.69 -21.17
CA GLU C 2222 14.89 -32.49 -21.61
C GLU C 2222 14.72 -32.79 -23.09
N GLY C 2223 15.50 -33.74 -23.59
CA GLY C 2223 15.47 -34.06 -25.00
C GLY C 2223 14.56 -35.21 -25.35
N TYR C 2224 13.39 -34.88 -25.90
CA TYR C 2224 12.42 -35.91 -26.28
C TYR C 2224 12.75 -36.46 -27.66
N THR C 2225 12.70 -37.79 -27.78
CA THR C 2225 12.90 -38.46 -29.06
C THR C 2225 11.79 -39.49 -29.25
N SER C 2226 11.46 -39.73 -30.52
CA SER C 2226 10.42 -40.67 -30.90
C SER C 2226 11.01 -41.76 -31.78
N GLU C 2227 10.65 -43.01 -31.50
CA GLU C 2227 11.12 -44.13 -32.30
C GLU C 2227 10.00 -45.15 -32.44
N GLU C 2228 9.49 -45.29 -33.67
CA GLU C 2228 8.43 -46.26 -33.94
C GLU C 2228 9.01 -47.67 -33.84
N VAL C 2229 8.46 -48.47 -32.92
CA VAL C 2229 9.00 -49.80 -32.67
C VAL C 2229 7.97 -50.90 -32.78
N ALA C 2230 6.68 -50.62 -32.69
CA ALA C 2230 5.65 -51.65 -32.74
C ALA C 2230 4.58 -51.29 -33.76
N ASP C 2231 4.08 -52.30 -34.46
CA ASP C 2231 2.98 -52.12 -35.40
C ASP C 2231 1.66 -51.83 -34.71
N SER C 2232 1.56 -52.07 -33.40
CA SER C 2232 0.36 -51.80 -32.63
C SER C 2232 0.74 -50.97 -31.41
N ARG C 2233 -0.23 -50.17 -30.94
CA ARG C 2233 0.05 -49.23 -29.86
C ARG C 2233 0.51 -49.95 -28.60
N ILE C 2234 1.57 -49.43 -28.00
CA ILE C 2234 2.12 -49.96 -26.75
C ILE C 2234 1.39 -49.32 -25.59
N LEU C 2235 0.87 -50.15 -24.68
CA LEU C 2235 0.08 -49.65 -23.55
C LEU C 2235 0.88 -49.50 -22.27
N CYS C 2236 1.92 -50.32 -22.06
CA CYS C 2236 2.68 -50.26 -20.83
C CYS C 2236 4.13 -50.65 -21.12
N LEU C 2237 5.00 -50.25 -20.20
CA LEU C 2237 6.42 -50.57 -20.25
C LEU C 2237 6.85 -51.14 -18.92
N ALA C 2238 8.08 -51.65 -18.88
CA ALA C 2238 8.67 -52.13 -17.65
C ALA C 2238 10.19 -52.13 -17.80
N LEU C 2239 10.88 -52.05 -16.67
CA LEU C 2239 12.33 -52.09 -16.62
C LEU C 2239 12.78 -53.34 -15.88
N VAL C 2240 13.58 -54.16 -16.54
CA VAL C 2240 14.19 -55.35 -15.95
C VAL C 2240 15.69 -55.14 -16.01
N HIS C 2241 16.36 -55.26 -14.86
CA HIS C 2241 17.79 -55.03 -14.80
C HIS C 2241 18.51 -56.30 -14.37
N LEU C 2242 19.67 -56.55 -14.99
CA LEU C 2242 20.46 -57.73 -14.69
C LEU C 2242 21.74 -57.31 -14.01
N PRO C 2243 22.01 -57.77 -12.79
CA PRO C 2243 23.30 -57.44 -12.15
C PRO C 2243 24.50 -57.91 -12.94
N VAL C 2244 24.38 -59.02 -13.67
CA VAL C 2244 25.45 -59.49 -14.54
C VAL C 2244 25.38 -58.75 -15.86
N GLU C 2245 26.54 -58.61 -16.51
CA GLU C 2245 26.69 -58.00 -17.83
C GLU C 2245 26.42 -56.51 -17.82
N LYS C 2246 25.98 -55.98 -16.68
CA LYS C 2246 25.79 -54.55 -16.46
C LYS C 2246 24.91 -53.92 -17.55
N GLU C 2247 23.66 -54.36 -17.59
CA GLU C 2247 22.71 -53.84 -18.57
C GLU C 2247 21.31 -53.89 -17.98
N SER C 2248 20.41 -53.12 -18.59
CA SER C 2248 19.01 -53.05 -18.16
C SER C 2248 18.12 -53.14 -19.40
N TRP C 2249 17.62 -54.33 -19.68
CA TRP C 2249 16.68 -54.52 -20.78
C TRP C 2249 15.37 -53.78 -20.50
N ILE C 2250 14.72 -53.34 -21.57
CA ILE C 2250 13.42 -52.69 -21.48
C ILE C 2250 12.42 -53.52 -22.25
N VAL C 2251 11.39 -54.01 -21.55
CA VAL C 2251 10.35 -54.83 -22.14
C VAL C 2251 9.11 -53.96 -22.32
N SER C 2252 8.23 -54.42 -23.21
CA SER C 2252 7.02 -53.65 -23.52
C SER C 2252 5.90 -54.60 -23.89
N GLY C 2253 4.67 -54.13 -23.71
CA GLY C 2253 3.49 -54.88 -24.10
C GLY C 2253 2.54 -54.01 -24.90
N THR C 2254 1.98 -54.57 -25.97
CA THR C 2254 1.12 -53.84 -26.88
C THR C 2254 -0.22 -54.55 -27.00
N GLN C 2255 -1.13 -53.95 -27.77
CA GLN C 2255 -2.47 -54.49 -27.90
C GLN C 2255 -2.47 -55.77 -28.74
N SER C 2256 -1.42 -56.00 -29.52
CA SER C 2256 -1.30 -57.23 -30.29
C SER C 2256 -0.67 -58.37 -29.50
N GLY C 2257 -0.23 -58.11 -28.27
CA GLY C 2257 0.43 -59.13 -27.48
C GLY C 2257 1.88 -59.36 -27.83
N THR C 2258 2.49 -58.45 -28.60
CA THR C 2258 3.90 -58.54 -28.96
C THR C 2258 4.74 -58.03 -27.81
N LEU C 2259 5.28 -58.95 -27.02
CA LEU C 2259 6.16 -58.58 -25.90
C LEU C 2259 7.54 -58.28 -26.44
N LEU C 2260 7.89 -57.00 -26.50
CA LEU C 2260 9.11 -56.53 -27.13
C LEU C 2260 10.14 -56.15 -26.09
N VAL C 2261 11.39 -56.57 -26.32
CA VAL C 2261 12.50 -56.32 -25.40
C VAL C 2261 13.55 -55.52 -26.15
N ILE C 2262 14.05 -54.45 -25.52
CA ILE C 2262 15.05 -53.58 -26.12
C ILE C 2262 16.12 -53.28 -25.07
N ASN C 2263 17.37 -53.21 -25.53
CA ASN C 2263 18.48 -52.86 -24.66
C ASN C 2263 18.39 -51.40 -24.22
N THR C 2264 19.13 -51.07 -23.17
CA THR C 2264 19.17 -49.70 -22.69
C THR C 2264 19.94 -48.80 -23.65
N GLU C 2265 21.22 -49.10 -23.88
CA GLU C 2265 22.06 -48.25 -24.70
C GLU C 2265 22.04 -48.62 -26.18
N ASP C 2266 21.46 -49.76 -26.53
CA ASP C 2266 21.36 -50.19 -27.93
C ASP C 2266 19.92 -50.10 -28.39
N GLY C 2267 19.69 -49.33 -29.45
CA GLY C 2267 18.38 -49.21 -30.07
C GLY C 2267 18.10 -50.19 -31.18
N LYS C 2268 19.01 -51.14 -31.42
CA LYS C 2268 18.85 -52.12 -32.49
C LYS C 2268 18.74 -53.55 -32.00
N LYS C 2269 19.25 -53.86 -30.81
CA LYS C 2269 19.18 -55.21 -30.25
C LYS C 2269 17.77 -55.42 -29.70
N ARG C 2270 16.83 -55.63 -30.62
CA ARG C 2270 15.43 -55.81 -30.28
C ARG C 2270 15.00 -57.22 -30.65
N HIS C 2271 14.43 -57.94 -29.68
CA HIS C 2271 13.95 -59.30 -29.90
C HIS C 2271 12.61 -59.43 -29.20
N THR C 2272 11.54 -59.59 -29.97
CA THR C 2272 10.21 -59.72 -29.39
C THR C 2272 10.06 -61.09 -28.73
N LEU C 2273 9.32 -61.13 -27.62
CA LEU C 2273 9.02 -62.37 -26.94
C LEU C 2273 7.87 -63.06 -27.66
N GLU C 2274 7.28 -64.08 -27.03
CA GLU C 2274 6.16 -64.78 -27.63
C GLU C 2274 5.01 -63.82 -27.91
N LYS C 2275 4.38 -63.99 -29.07
CA LYS C 2275 3.24 -63.16 -29.46
C LYS C 2275 2.04 -63.58 -28.63
N MET C 2276 1.62 -62.75 -27.68
CA MET C 2276 0.56 -63.15 -26.77
C MET C 2276 -0.79 -62.79 -27.40
N THR C 2277 -1.78 -63.65 -27.15
CA THR C 2277 -2.98 -63.64 -28.00
C THR C 2277 -3.76 -62.34 -27.90
N ASP C 2278 -3.76 -61.69 -26.74
CA ASP C 2278 -4.62 -60.54 -26.50
C ASP C 2278 -3.78 -59.30 -26.19
N SER C 2279 -4.46 -58.24 -25.76
CA SER C 2279 -3.82 -56.95 -25.53
C SER C 2279 -3.16 -56.92 -24.15
N VAL C 2280 -1.87 -56.63 -24.13
CA VAL C 2280 -1.12 -56.56 -22.87
C VAL C 2280 -1.51 -55.29 -22.14
N THR C 2281 -1.83 -55.42 -20.86
CA THR C 2281 -2.28 -54.29 -20.06
C THR C 2281 -1.30 -53.87 -18.96
N CYS C 2282 -0.43 -54.77 -18.52
CA CYS C 2282 0.50 -54.44 -17.44
C CYS C 2282 1.77 -55.26 -17.60
N LEU C 2283 2.87 -54.70 -17.09
CA LEU C 2283 4.16 -55.38 -17.04
C LEU C 2283 4.85 -55.01 -15.73
N TYR C 2284 5.26 -56.03 -15.00
CA TYR C 2284 5.82 -55.80 -13.67
C TYR C 2284 7.14 -56.52 -13.51
N CYS C 2285 8.10 -55.83 -12.89
CA CYS C 2285 9.37 -56.41 -12.49
C CYS C 2285 9.36 -56.54 -10.98
N ASN C 2286 9.68 -57.74 -10.49
CA ASN C 2286 9.51 -58.09 -9.10
C ASN C 2286 10.86 -58.39 -8.44
N SER C 2287 10.81 -58.83 -7.18
CA SER C 2287 11.99 -59.16 -6.40
C SER C 2287 11.70 -60.44 -5.61
N PHE C 2288 12.05 -61.58 -6.19
CA PHE C 2288 11.95 -62.88 -5.52
C PHE C 2288 13.35 -63.50 -5.48
N SER C 2289 13.93 -63.57 -4.29
CA SER C 2289 15.23 -64.21 -4.07
C SER C 2289 15.07 -65.59 -3.43
N LYS C 2290 14.05 -66.33 -3.84
CA LYS C 2290 13.72 -67.62 -3.23
C LYS C 2290 14.78 -68.69 -3.47
N GLN C 2291 15.68 -68.50 -4.43
CA GLN C 2291 16.70 -69.50 -4.75
C GLN C 2291 18.01 -69.25 -4.00
N SER C 2292 17.93 -68.59 -2.83
CA SER C 2292 19.09 -68.26 -2.01
C SER C 2292 20.12 -67.44 -2.78
N LYS C 2293 19.67 -66.63 -3.73
CA LYS C 2293 20.55 -65.79 -4.53
C LYS C 2293 19.74 -64.65 -5.10
N GLN C 2294 20.43 -63.59 -5.53
CA GLN C 2294 19.76 -62.45 -6.14
C GLN C 2294 19.07 -62.87 -7.42
N LYS C 2295 17.74 -62.89 -7.41
CA LYS C 2295 16.95 -63.37 -8.54
C LYS C 2295 15.76 -62.44 -8.74
N ASN C 2296 15.30 -62.35 -9.98
CA ASN C 2296 14.13 -61.56 -10.31
C ASN C 2296 13.33 -62.30 -11.37
N PHE C 2297 12.04 -61.97 -11.46
CA PHE C 2297 11.13 -62.56 -12.44
C PHE C 2297 10.55 -61.44 -13.29
N LEU C 2298 9.52 -61.78 -14.07
CA LEU C 2298 8.76 -60.80 -14.82
C LEU C 2298 7.30 -61.22 -14.80
N LEU C 2299 6.40 -60.25 -14.86
CA LEU C 2299 4.97 -60.49 -14.85
C LEU C 2299 4.31 -59.69 -15.96
N VAL C 2300 3.43 -60.34 -16.71
CA VAL C 2300 2.75 -59.72 -17.85
C VAL C 2300 1.26 -59.65 -17.53
N GLY C 2301 0.74 -58.43 -17.40
CA GLY C 2301 -0.68 -58.22 -17.26
C GLY C 2301 -1.35 -58.08 -18.61
N THR C 2302 -2.31 -58.96 -18.90
CA THR C 2302 -2.92 -59.02 -20.23
C THR C 2302 -4.44 -59.06 -20.11
N ALA C 2303 -5.11 -58.98 -21.25
CA ALA C 2303 -6.55 -58.86 -21.33
C ALA C 2303 -7.29 -60.19 -21.14
N ASP C 2304 -6.62 -61.22 -20.63
CA ASP C 2304 -7.28 -62.49 -20.36
C ASP C 2304 -6.95 -63.08 -18.99
N GLY C 2305 -6.06 -62.47 -18.22
CA GLY C 2305 -5.66 -63.03 -16.96
C GLY C 2305 -4.60 -64.10 -17.04
N LYS C 2306 -4.02 -64.32 -18.21
CA LYS C 2306 -2.95 -65.30 -18.38
C LYS C 2306 -1.63 -64.67 -17.96
N LEU C 2307 -0.99 -65.23 -16.94
CA LEU C 2307 0.26 -64.68 -16.42
C LEU C 2307 1.44 -65.35 -17.13
N ALA C 2308 2.05 -64.63 -18.06
CA ALA C 2308 3.28 -65.08 -18.71
C ALA C 2308 4.46 -64.64 -17.84
N ILE C 2309 4.72 -65.42 -16.80
CA ILE C 2309 5.79 -65.10 -15.86
C ILE C 2309 7.12 -65.59 -16.40
N PHE C 2310 8.10 -64.69 -16.41
CA PHE C 2310 9.42 -65.01 -16.95
C PHE C 2310 10.49 -64.85 -15.87
N GLU C 2311 11.76 -64.99 -16.26
CA GLU C 2311 12.88 -64.86 -15.36
C GLU C 2311 13.69 -63.61 -15.71
N ASP C 2312 14.58 -63.23 -14.79
CA ASP C 2312 15.40 -62.04 -14.99
C ASP C 2312 16.32 -62.20 -16.19
N LYS C 2313 16.99 -63.35 -16.31
CA LYS C 2313 18.03 -63.52 -17.31
C LYS C 2313 17.55 -64.16 -18.60
N THR C 2314 16.30 -64.61 -18.66
CA THR C 2314 15.81 -65.29 -19.85
C THR C 2314 15.28 -64.34 -20.91
N VAL C 2315 15.23 -63.04 -20.63
CA VAL C 2315 14.67 -62.09 -21.60
C VAL C 2315 15.61 -61.87 -22.78
N LYS C 2316 16.89 -62.23 -22.65
CA LYS C 2316 17.82 -62.02 -23.75
C LYS C 2316 17.46 -62.85 -24.97
N LEU C 2317 17.10 -64.12 -24.77
CA LEU C 2317 16.84 -65.01 -25.88
C LEU C 2317 15.51 -64.69 -26.54
N LYS C 2318 15.47 -64.85 -27.87
CA LYS C 2318 14.25 -64.60 -28.62
C LYS C 2318 13.15 -65.59 -28.19
N GLY C 2319 11.96 -65.05 -27.94
CA GLY C 2319 10.84 -65.89 -27.54
C GLY C 2319 11.08 -66.57 -26.21
N ALA C 2320 11.13 -65.80 -25.13
CA ALA C 2320 11.41 -66.35 -23.81
C ALA C 2320 10.35 -67.37 -23.41
N ALA C 2321 10.80 -68.45 -22.79
CA ALA C 2321 9.90 -69.51 -22.33
C ALA C 2321 9.33 -69.13 -20.97
N PRO C 2322 8.03 -68.98 -20.83
CA PRO C 2322 7.46 -68.61 -19.52
C PRO C 2322 7.65 -69.73 -18.51
N LEU C 2323 7.87 -69.32 -17.25
CA LEU C 2323 8.04 -70.30 -16.18
C LEU C 2323 6.69 -70.87 -15.74
N LYS C 2324 5.80 -69.99 -15.29
CA LYS C 2324 4.48 -70.40 -14.82
C LYS C 2324 3.42 -69.58 -15.56
N ILE C 2325 2.85 -70.17 -16.62
CA ILE C 2325 1.74 -69.58 -17.35
C ILE C 2325 0.49 -69.78 -16.49
N LEU C 2326 -0.03 -68.70 -15.92
CA LEU C 2326 -1.15 -68.77 -14.99
C LEU C 2326 -2.33 -67.99 -15.59
N ASN C 2327 -3.25 -68.70 -16.21
CA ASN C 2327 -4.46 -68.09 -16.75
C ASN C 2327 -5.45 -67.92 -15.60
N ILE C 2328 -5.54 -66.70 -15.06
CA ILE C 2328 -6.36 -66.45 -13.89
C ILE C 2328 -7.78 -66.07 -14.33
N GLY C 2329 -7.89 -65.00 -15.11
CA GLY C 2329 -9.17 -64.48 -15.53
C GLY C 2329 -9.71 -65.15 -16.78
N ASN C 2330 -10.75 -64.54 -17.34
CA ASN C 2330 -11.40 -65.03 -18.54
C ASN C 2330 -11.32 -63.96 -19.63
N VAL C 2331 -12.00 -64.22 -20.75
CA VAL C 2331 -12.04 -63.25 -21.83
C VAL C 2331 -12.81 -62.01 -21.40
N SER C 2332 -13.88 -62.19 -20.63
CA SER C 2332 -14.67 -61.08 -20.12
C SER C 2332 -14.18 -60.56 -18.77
N THR C 2333 -13.15 -61.17 -18.20
CA THR C 2333 -12.56 -60.75 -16.93
C THR C 2333 -11.06 -60.55 -17.15
N PRO C 2334 -10.66 -59.43 -17.73
CA PRO C 2334 -9.23 -59.20 -18.01
C PRO C 2334 -8.48 -58.71 -16.79
N LEU C 2335 -7.16 -58.67 -16.93
CA LEU C 2335 -6.24 -58.21 -15.90
C LEU C 2335 -5.62 -56.88 -16.32
N MET C 2336 -5.64 -55.89 -15.42
CA MET C 2336 -5.11 -54.58 -15.78
C MET C 2336 -4.25 -53.93 -14.72
N CYS C 2337 -3.90 -54.60 -13.62
CA CYS C 2337 -3.10 -53.92 -12.61
C CYS C 2337 -2.35 -54.92 -11.76
N LEU C 2338 -1.19 -54.47 -11.27
CA LEU C 2338 -0.36 -55.26 -10.36
C LEU C 2338 0.22 -54.32 -9.31
N SER C 2339 0.64 -54.90 -8.19
CA SER C 2339 1.26 -54.13 -7.11
C SER C 2339 2.11 -55.09 -6.28
N GLU C 2340 2.98 -54.52 -5.44
CA GLU C 2340 3.90 -55.30 -4.64
C GLU C 2340 3.70 -54.96 -3.17
N SER C 2341 4.09 -55.90 -2.31
CA SER C 2341 3.92 -55.73 -0.87
C SER C 2341 4.77 -54.58 -0.35
N THR C 2342 4.25 -53.90 0.67
CA THR C 2342 4.95 -52.76 1.25
C THR C 2342 6.12 -53.18 2.13
N ASN C 2343 6.16 -54.43 2.57
CA ASN C 2343 7.22 -54.92 3.44
C ASN C 2343 7.83 -56.19 2.86
N SER C 2344 9.02 -56.52 3.33
CA SER C 2344 9.75 -57.68 2.85
C SER C 2344 9.72 -58.86 3.80
N THR C 2345 9.13 -58.72 5.00
CA THR C 2345 9.09 -59.82 5.94
C THR C 2345 8.05 -60.87 5.55
N GLU C 2346 7.17 -60.56 4.61
CA GLU C 2346 6.16 -61.50 4.13
C GLU C 2346 6.56 -62.17 2.83
N ARG C 2347 7.85 -62.19 2.52
CA ARG C 2347 8.38 -62.81 1.29
C ARG C 2347 7.80 -62.16 0.04
N ASN C 2348 7.43 -60.88 0.14
CA ASN C 2348 6.94 -60.08 -0.97
C ASN C 2348 5.72 -60.72 -1.63
N VAL C 2349 4.64 -60.79 -0.87
CA VAL C 2349 3.38 -61.32 -1.39
C VAL C 2349 2.83 -60.33 -2.41
N MET C 2350 2.47 -60.83 -3.59
CA MET C 2350 2.07 -59.97 -4.69
C MET C 2350 0.58 -60.04 -4.95
N TRP C 2351 -0.04 -58.87 -5.10
CA TRP C 2351 -1.48 -58.74 -5.19
C TRP C 2351 -1.82 -58.07 -6.51
N GLY C 2352 -2.58 -58.76 -7.34
CA GLY C 2352 -2.97 -58.24 -8.65
C GLY C 2352 -4.47 -58.24 -8.80
N GLY C 2353 -4.97 -57.34 -9.65
CA GLY C 2353 -6.38 -57.19 -9.87
C GLY C 2353 -6.80 -57.56 -11.27
N CYS C 2354 -7.54 -58.66 -11.39
CA CYS C 2354 -8.10 -59.12 -12.65
C CYS C 2354 -9.59 -58.86 -12.66
N GLY C 2355 -10.07 -58.17 -13.69
CA GLY C 2355 -11.47 -57.81 -13.76
C GLY C 2355 -11.90 -56.95 -12.60
N THR C 2356 -12.68 -57.53 -11.69
CA THR C 2356 -13.18 -56.82 -10.52
C THR C 2356 -12.70 -57.39 -9.19
N LYS C 2357 -12.41 -58.68 -9.12
CA LYS C 2357 -12.01 -59.33 -7.88
C LYS C 2357 -10.50 -59.23 -7.71
N ILE C 2358 -10.05 -59.28 -6.47
CA ILE C 2358 -8.62 -59.17 -6.17
C ILE C 2358 -8.08 -60.53 -5.76
N PHE C 2359 -6.83 -60.79 -6.10
CA PHE C 2359 -6.22 -62.11 -5.95
C PHE C 2359 -4.71 -61.99 -5.82
N SER C 2360 -4.09 -62.94 -5.14
CA SER C 2360 -2.68 -62.84 -4.80
C SER C 2360 -2.04 -64.22 -4.78
N PHE C 2361 -0.71 -64.24 -4.89
CA PHE C 2361 0.06 -65.47 -4.82
C PHE C 2361 1.28 -65.24 -3.92
N SER C 2362 2.24 -66.13 -4.05
CA SER C 2362 3.55 -66.07 -3.41
C SER C 2362 4.54 -66.75 -4.36
N ASN C 2363 5.69 -67.16 -3.82
CA ASN C 2363 6.65 -67.90 -4.65
C ASN C 2363 6.04 -69.19 -5.19
N ASP C 2364 4.99 -69.70 -4.53
CA ASP C 2364 4.27 -70.84 -5.06
C ASP C 2364 3.51 -70.51 -6.35
N PHE C 2365 3.22 -69.23 -6.59
CA PHE C 2365 2.49 -68.79 -7.78
C PHE C 2365 1.14 -69.48 -7.91
N THR C 2366 0.42 -69.57 -6.79
CA THR C 2366 -0.93 -70.11 -6.75
C THR C 2366 -1.86 -69.08 -6.13
N ILE C 2367 -3.12 -69.08 -6.56
CA ILE C 2367 -4.09 -68.10 -6.09
C ILE C 2367 -4.29 -68.26 -4.60
N GLN C 2368 -3.83 -67.26 -3.83
CA GLN C 2368 -3.95 -67.31 -2.38
C GLN C 2368 -5.29 -66.79 -1.88
N LYS C 2369 -5.85 -65.78 -2.55
CA LYS C 2369 -7.13 -65.22 -2.15
C LYS C 2369 -7.97 -64.94 -3.39
N LEU C 2370 -9.29 -64.95 -3.22
CA LEU C 2370 -10.24 -64.73 -4.29
C LEU C 2370 -11.30 -63.73 -3.85
N ILE C 2371 -10.84 -62.62 -3.26
CA ILE C 2371 -11.77 -61.65 -2.67
C ILE C 2371 -12.57 -60.97 -3.76
N GLU C 2372 -13.89 -60.93 -3.59
CA GLU C 2372 -14.80 -60.31 -4.52
C GLU C 2372 -15.26 -58.96 -3.97
N THR C 2373 -15.31 -57.96 -4.85
CA THR C 2373 -15.70 -56.62 -4.46
C THR C 2373 -17.10 -56.23 -4.89
N ARG C 2374 -17.66 -56.89 -5.91
CA ARG C 2374 -19.02 -56.56 -6.34
C ARG C 2374 -20.04 -56.88 -5.25
N THR C 2375 -19.86 -58.00 -4.55
CA THR C 2375 -20.78 -58.41 -3.49
C THR C 2375 -20.51 -57.57 -2.24
N SER C 2376 -21.01 -56.34 -2.29
CA SER C 2376 -20.85 -55.39 -1.19
C SER C 2376 -22.19 -55.16 -0.50
N GLN C 2377 -22.16 -55.09 0.82
CA GLN C 2377 -23.37 -54.91 1.62
C GLN C 2377 -23.66 -53.45 1.94
N LEU C 2378 -22.87 -52.51 1.39
CA LEU C 2378 -23.08 -51.09 1.63
C LEU C 2378 -23.32 -50.37 0.29
N PHE C 2379 -24.21 -50.93 -0.52
CA PHE C 2379 -24.43 -50.44 -1.87
C PHE C 2379 -24.95 -49.01 -1.91
N SER C 2380 -24.10 -48.07 -2.33
CA SER C 2380 -24.53 -46.72 -2.67
C SER C 2380 -24.73 -46.55 -4.17
N TYR C 2381 -23.94 -47.24 -4.99
CA TYR C 2381 -24.13 -47.27 -6.43
C TYR C 2381 -23.51 -48.55 -6.96
N ALA C 2382 -24.09 -49.07 -8.05
CA ALA C 2382 -23.70 -50.38 -8.54
C ALA C 2382 -22.39 -50.33 -9.32
N ALA C 2383 -22.34 -49.52 -10.38
CA ALA C 2383 -21.19 -49.53 -11.27
C ALA C 2383 -19.91 -49.03 -10.58
N PHE C 2384 -20.04 -48.31 -9.47
CA PHE C 2384 -18.84 -47.91 -8.74
C PHE C 2384 -18.13 -49.12 -8.14
N SER C 2385 -18.84 -50.24 -7.99
CA SER C 2385 -18.23 -51.50 -7.58
C SER C 2385 -18.38 -52.60 -8.62
N ASP C 2386 -19.36 -52.49 -9.52
CA ASP C 2386 -19.57 -53.49 -10.57
C ASP C 2386 -18.89 -53.03 -11.87
N SER C 2387 -17.57 -52.97 -11.82
CA SER C 2387 -16.78 -52.52 -12.97
C SER C 2387 -15.39 -53.13 -12.86
N ASN C 2388 -14.61 -52.97 -13.93
CA ASN C 2388 -13.26 -53.48 -13.96
C ASN C 2388 -12.37 -52.70 -13.00
N ILE C 2389 -11.42 -53.41 -12.37
CA ILE C 2389 -10.47 -52.75 -11.49
C ILE C 2389 -9.56 -51.83 -12.29
N ILE C 2390 -8.92 -50.89 -11.57
CA ILE C 2390 -7.94 -49.99 -12.16
C ILE C 2390 -6.63 -50.04 -11.39
N THR C 2391 -6.67 -49.83 -10.08
CA THR C 2391 -5.47 -49.74 -9.27
C THR C 2391 -5.62 -50.56 -7.99
N VAL C 2392 -4.48 -51.00 -7.47
CA VAL C 2392 -4.41 -51.73 -6.21
C VAL C 2392 -3.09 -51.37 -5.54
N VAL C 2393 -3.12 -51.22 -4.22
CA VAL C 2393 -1.92 -50.95 -3.43
C VAL C 2393 -1.91 -51.90 -2.24
N VAL C 2394 -0.72 -52.36 -1.87
CA VAL C 2394 -0.54 -53.31 -0.78
C VAL C 2394 0.02 -52.56 0.42
N ASP C 2395 -0.75 -52.53 1.51
CA ASP C 2395 -0.35 -51.87 2.74
C ASP C 2395 -1.02 -52.61 3.89
N THR C 2396 -1.10 -51.97 5.06
CA THR C 2396 -1.88 -52.53 6.15
C THR C 2396 -3.33 -52.75 5.75
N ALA C 2397 -3.83 -51.94 4.82
CA ALA C 2397 -5.14 -52.13 4.21
C ALA C 2397 -5.00 -52.11 2.70
N LEU C 2398 -6.07 -52.46 2.01
CA LEU C 2398 -6.09 -52.51 0.55
C LEU C 2398 -7.00 -51.41 0.02
N TYR C 2399 -6.48 -50.58 -0.88
CA TYR C 2399 -7.24 -49.53 -1.51
C TYR C 2399 -7.48 -49.91 -2.97
N ILE C 2400 -8.75 -49.96 -3.36
CA ILE C 2400 -9.14 -50.42 -4.68
C ILE C 2400 -9.95 -49.31 -5.36
N ALA C 2401 -9.59 -48.99 -6.60
CA ALA C 2401 -10.32 -48.03 -7.41
C ALA C 2401 -10.76 -48.67 -8.71
N LYS C 2402 -12.01 -48.45 -9.07
CA LYS C 2402 -12.61 -49.03 -10.26
C LYS C 2402 -12.59 -48.02 -11.39
N GLN C 2403 -13.01 -48.46 -12.58
CA GLN C 2403 -13.07 -47.57 -13.72
C GLN C 2403 -14.20 -46.56 -13.53
N ASN C 2404 -13.87 -45.27 -13.70
CA ASN C 2404 -14.82 -44.18 -13.48
C ASN C 2404 -15.44 -44.27 -12.08
N SER C 2405 -14.61 -44.60 -11.09
CA SER C 2405 -15.08 -44.77 -9.73
C SER C 2405 -14.50 -43.67 -8.85
N PRO C 2406 -15.23 -42.59 -8.59
CA PRO C 2406 -14.74 -41.53 -7.71
C PRO C 2406 -14.73 -41.90 -6.24
N VAL C 2407 -15.01 -43.14 -5.90
CA VAL C 2407 -15.00 -43.63 -4.53
C VAL C 2407 -13.96 -44.73 -4.44
N VAL C 2408 -13.12 -44.68 -3.41
CA VAL C 2408 -12.09 -45.68 -3.20
C VAL C 2408 -12.50 -46.59 -2.04
N GLU C 2409 -12.33 -47.88 -2.24
CA GLU C 2409 -12.75 -48.89 -1.27
C GLU C 2409 -11.55 -49.35 -0.46
N VAL C 2410 -11.76 -49.53 0.83
CA VAL C 2410 -10.70 -49.98 1.75
C VAL C 2410 -11.02 -51.41 2.13
N TRP C 2411 -10.18 -52.34 1.70
CA TRP C 2411 -10.31 -53.75 2.03
C TRP C 2411 -9.28 -54.17 3.08
N ASP C 2412 -9.52 -55.32 3.68
CA ASP C 2412 -8.62 -55.89 4.68
C ASP C 2412 -8.01 -57.17 4.16
N LYS C 2413 -6.73 -57.38 4.46
CA LYS C 2413 -6.04 -58.58 3.98
C LYS C 2413 -6.55 -59.83 4.69
N LYS C 2414 -6.69 -59.78 6.00
CA LYS C 2414 -7.08 -60.98 6.76
C LYS C 2414 -8.59 -61.18 6.76
N THR C 2415 -9.33 -60.22 7.29
CA THR C 2415 -10.78 -60.38 7.41
C THR C 2415 -11.49 -60.27 6.07
N GLU C 2416 -10.87 -59.66 5.07
CA GLU C 2416 -11.44 -59.53 3.73
C GLU C 2416 -12.80 -58.83 3.77
N LYS C 2417 -12.85 -57.69 4.45
CA LYS C 2417 -14.06 -56.90 4.57
C LYS C 2417 -13.77 -55.46 4.17
N LEU C 2418 -14.83 -54.75 3.79
CA LEU C 2418 -14.73 -53.35 3.38
C LEU C 2418 -14.66 -52.48 4.64
N CYS C 2419 -13.44 -52.30 5.14
CA CYS C 2419 -13.24 -51.50 6.35
C CYS C 2419 -13.51 -50.02 6.12
N GLY C 2420 -13.36 -49.54 4.88
CA GLY C 2420 -13.56 -48.13 4.60
C GLY C 2420 -14.01 -47.90 3.17
N LEU C 2421 -14.70 -46.78 2.99
CA LEU C 2421 -15.24 -46.36 1.69
C LEU C 2421 -15.07 -44.84 1.62
N ILE C 2422 -13.96 -44.40 1.03
CA ILE C 2422 -13.64 -42.98 0.92
C ILE C 2422 -14.06 -42.51 -0.46
N ASP C 2423 -14.84 -41.43 -0.51
CA ASP C 2423 -15.32 -40.85 -1.74
C ASP C 2423 -14.53 -39.58 -2.05
N CYS C 2424 -14.00 -39.51 -3.26
CA CYS C 2424 -13.24 -38.32 -3.66
C CYS C 2424 -14.14 -37.09 -3.72
N VAL C 2425 -15.34 -37.24 -4.29
CA VAL C 2425 -16.27 -36.13 -4.34
C VAL C 2425 -16.67 -35.66 -2.95
N HIS C 2426 -16.67 -36.58 -1.97
CA HIS C 2426 -17.00 -36.24 -0.59
C HIS C 2426 -16.04 -35.20 -0.03
N PHE C 2427 -14.87 -35.05 -0.63
CA PHE C 2427 -13.97 -33.95 -0.34
C PHE C 2427 -13.86 -32.94 -1.47
N LEU C 2428 -14.06 -33.36 -2.72
CA LEU C 2428 -13.89 -32.45 -3.86
C LEU C 2428 -14.99 -31.39 -3.89
N ARG C 2429 -16.22 -31.76 -3.54
CA ARG C 2429 -17.31 -30.81 -3.64
C ARG C 2429 -17.24 -29.72 -2.57
N GLU C 2430 -16.34 -29.84 -1.60
CA GLU C 2430 -16.23 -28.87 -0.51
C GLU C 2430 -15.29 -27.72 -0.81
N VAL C 2431 -14.54 -27.76 -1.92
CA VAL C 2431 -13.55 -26.73 -2.21
C VAL C 2431 -13.99 -25.89 -3.39
N MET C 2432 -14.84 -26.45 -4.24
CA MET C 2432 -15.34 -25.71 -5.41
C MET C 2432 -16.83 -25.41 -5.26
N SER C 2446 -17.70 -33.15 -13.49
CA SER C 2446 -16.50 -33.97 -13.62
C SER C 2446 -15.89 -34.27 -12.26
N GLY C 2447 -14.81 -35.04 -12.25
CA GLY C 2447 -14.14 -35.40 -11.02
C GLY C 2447 -14.29 -36.87 -10.68
N ARG C 2448 -13.24 -37.65 -10.96
CA ARG C 2448 -13.27 -39.09 -10.73
C ARG C 2448 -11.84 -39.59 -10.63
N VAL C 2449 -11.70 -40.82 -10.14
CA VAL C 2449 -10.37 -41.41 -9.98
C VAL C 2449 -9.80 -41.77 -11.35
N LYS C 2450 -8.57 -41.32 -11.60
CA LYS C 2450 -7.86 -41.64 -12.83
C LYS C 2450 -6.65 -42.55 -12.63
N THR C 2451 -5.95 -42.40 -11.51
CA THR C 2451 -4.76 -43.20 -11.23
C THR C 2451 -4.49 -43.13 -9.73
N LEU C 2452 -3.69 -44.09 -9.25
CA LEU C 2452 -3.39 -44.21 -7.83
C LEU C 2452 -1.90 -44.45 -7.65
N CYS C 2453 -1.39 -44.04 -6.48
CA CYS C 2453 0.00 -44.30 -6.12
C CYS C 2453 0.16 -44.11 -4.62
N LEU C 2454 0.69 -45.13 -3.94
CA LEU C 2454 0.85 -45.11 -2.50
C LEU C 2454 2.31 -44.90 -2.13
N GLN C 2455 2.54 -44.21 -1.03
CA GLN C 2455 3.89 -44.01 -0.50
C GLN C 2455 4.32 -45.27 0.25
N LYS C 2456 5.49 -45.21 0.88
CA LYS C 2456 5.98 -46.35 1.65
C LYS C 2456 5.04 -46.71 2.79
N ASN C 2457 4.82 -45.77 3.71
CA ASN C 2457 3.98 -46.05 4.86
C ASN C 2457 3.24 -44.83 5.40
N THR C 2458 3.33 -43.67 4.77
CA THR C 2458 2.86 -42.43 5.36
C THR C 2458 1.61 -41.86 4.69
N ALA C 2459 1.64 -41.67 3.37
CA ALA C 2459 0.56 -40.95 2.69
C ALA C 2459 0.11 -41.73 1.47
N LEU C 2460 -1.08 -41.38 1.00
CA LEU C 2460 -1.64 -41.91 -0.23
C LEU C 2460 -2.05 -40.77 -1.14
N TRP C 2461 -1.89 -40.97 -2.44
CA TRP C 2461 -2.24 -39.97 -3.43
C TRP C 2461 -3.29 -40.55 -4.37
N ILE C 2462 -4.36 -39.80 -4.60
CA ILE C 2462 -5.40 -40.19 -5.54
C ILE C 2462 -5.35 -39.21 -6.71
N GLY C 2463 -5.22 -39.75 -7.92
CA GLY C 2463 -5.16 -38.93 -9.11
C GLY C 2463 -6.53 -38.65 -9.69
N THR C 2464 -7.07 -37.48 -9.41
CA THR C 2464 -8.40 -37.12 -9.91
C THR C 2464 -8.37 -36.93 -11.42
N GLY C 2465 -9.51 -37.25 -12.05
CA GLY C 2465 -9.64 -37.06 -13.49
C GLY C 2465 -9.49 -35.61 -13.92
N GLY C 2466 -9.68 -34.67 -13.00
CA GLY C 2466 -9.40 -33.28 -13.25
C GLY C 2466 -8.00 -32.90 -12.81
N GLY C 2467 -7.82 -31.62 -12.54
CA GLY C 2467 -6.53 -31.09 -12.13
C GLY C 2467 -6.41 -30.88 -10.65
N HIS C 2468 -6.86 -31.85 -9.86
CA HIS C 2468 -6.78 -31.79 -8.41
C HIS C 2468 -6.03 -33.01 -7.88
N ILE C 2469 -5.08 -32.74 -6.98
CA ILE C 2469 -4.37 -33.79 -6.24
C ILE C 2469 -4.83 -33.74 -4.79
N LEU C 2470 -5.19 -34.89 -4.25
CA LEU C 2470 -5.54 -35.02 -2.85
C LEU C 2470 -4.49 -35.86 -2.15
N LEU C 2471 -4.06 -35.40 -0.97
CA LEU C 2471 -3.10 -36.12 -0.14
C LEU C 2471 -3.88 -36.89 0.92
N LEU C 2472 -3.76 -38.22 0.88
CA LEU C 2472 -4.52 -39.09 1.77
C LEU C 2472 -3.58 -39.70 2.79
N ASP C 2473 -3.78 -39.37 4.06
CA ASP C 2473 -3.10 -40.05 5.15
C ASP C 2473 -3.94 -41.25 5.57
N LEU C 2474 -3.41 -42.45 5.37
CA LEU C 2474 -4.14 -43.67 5.69
C LEU C 2474 -4.12 -43.97 7.19
N SER C 2475 -3.38 -43.22 7.99
CA SER C 2475 -3.21 -43.56 9.40
C SER C 2475 -4.40 -43.10 10.24
N THR C 2476 -4.61 -41.79 10.33
CA THR C 2476 -5.66 -41.25 11.19
C THR C 2476 -6.65 -40.35 10.46
N ARG C 2477 -6.17 -39.40 9.66
CA ARG C 2477 -7.01 -38.38 9.05
C ARG C 2477 -6.97 -38.53 7.54
N ARG C 2478 -8.15 -38.55 6.90
CA ARG C 2478 -8.21 -38.85 5.48
C ARG C 2478 -7.63 -37.73 4.64
N LEU C 2479 -8.26 -36.56 4.68
CA LEU C 2479 -7.84 -35.44 3.85
C LEU C 2479 -6.64 -34.75 4.46
N ILE C 2480 -5.61 -34.54 3.64
CA ILE C 2480 -4.48 -33.70 4.03
C ILE C 2480 -4.47 -32.39 3.28
N ARG C 2481 -4.57 -32.43 1.96
CA ARG C 2481 -4.64 -31.20 1.18
C ARG C 2481 -5.05 -31.52 -0.24
N VAL C 2482 -5.74 -30.56 -0.86
CA VAL C 2482 -6.13 -30.61 -2.26
C VAL C 2482 -5.31 -29.58 -3.02
N ILE C 2483 -4.57 -30.03 -4.03
CA ILE C 2483 -3.71 -29.17 -4.82
C ILE C 2483 -4.35 -29.07 -6.21
N TYR C 2484 -4.99 -27.93 -6.47
CA TYR C 2484 -5.67 -27.67 -7.73
C TYR C 2484 -4.98 -26.52 -8.47
N ASN C 2485 -5.62 -26.07 -9.56
CA ASN C 2485 -5.24 -24.90 -10.35
C ASN C 2485 -3.87 -25.04 -11.01
N PHE C 2486 -3.24 -26.21 -10.93
CA PHE C 2486 -1.96 -26.42 -11.58
C PHE C 2486 -2.11 -27.02 -12.97
N CYS C 2487 -3.06 -27.92 -13.16
CA CYS C 2487 -3.33 -28.53 -14.46
C CYS C 2487 -4.85 -28.71 -14.58
N ASN C 2488 -5.27 -29.44 -15.61
CA ASN C 2488 -6.68 -29.64 -15.88
C ASN C 2488 -7.13 -31.09 -15.78
N SER C 2489 -6.22 -32.06 -15.96
CA SER C 2489 -6.60 -33.48 -15.91
C SER C 2489 -5.32 -34.29 -15.70
N VAL C 2490 -5.29 -35.08 -14.63
CA VAL C 2490 -4.11 -35.83 -14.21
C VAL C 2490 -4.16 -37.24 -14.81
N ARG C 2491 -3.15 -37.60 -15.59
CA ARG C 2491 -3.30 -38.82 -16.40
C ARG C 2491 -2.43 -39.97 -15.86
N VAL C 2492 -1.20 -39.67 -15.42
CA VAL C 2492 -0.29 -40.67 -14.86
C VAL C 2492 0.04 -40.29 -13.43
N MET C 2493 0.57 -41.25 -12.66
CA MET C 2493 0.92 -41.02 -11.26
C MET C 2493 1.90 -42.09 -10.79
N MET C 2494 3.19 -41.76 -10.71
CA MET C 2494 4.21 -42.72 -10.28
C MET C 2494 5.45 -41.98 -9.83
N THR C 2495 6.28 -42.65 -9.02
CA THR C 2495 7.47 -42.07 -8.41
C THR C 2495 8.74 -42.46 -9.14
N ALA C 2496 9.87 -41.92 -8.67
CA ALA C 2496 11.16 -42.14 -9.29
C ALA C 2496 12.27 -41.73 -8.30
N GLN C 2497 13.49 -41.64 -8.83
CA GLN C 2497 14.62 -41.07 -8.11
C GLN C 2497 15.62 -40.53 -9.13
N LEU C 2498 16.12 -39.31 -8.90
CA LEU C 2498 16.92 -38.62 -9.90
C LEU C 2498 18.11 -37.93 -9.26
N GLY C 2499 19.30 -38.16 -9.84
CA GLY C 2499 20.49 -37.37 -9.60
C GLY C 2499 20.77 -36.90 -8.19
N SER C 2500 20.96 -37.85 -7.27
CA SER C 2500 21.29 -37.60 -5.88
C SER C 2500 20.14 -36.95 -5.12
N LEU C 2501 19.05 -36.64 -5.83
CA LEU C 2501 17.79 -36.25 -5.21
C LEU C 2501 16.78 -37.39 -5.33
N LYS C 2502 17.09 -38.49 -4.66
CA LYS C 2502 16.29 -39.70 -4.77
C LYS C 2502 14.85 -39.44 -4.33
N ASN C 2503 13.99 -40.42 -4.64
CA ASN C 2503 12.62 -40.47 -4.15
C ASN C 2503 11.84 -39.21 -4.53
N VAL C 2504 11.66 -39.07 -5.84
CA VAL C 2504 10.91 -37.97 -6.43
C VAL C 2504 9.81 -38.58 -7.30
N MET C 2505 8.59 -38.06 -7.17
CA MET C 2505 7.47 -38.67 -7.88
C MET C 2505 7.05 -37.80 -9.06
N LEU C 2506 6.46 -38.45 -10.06
CA LEU C 2506 6.25 -37.85 -11.38
C LEU C 2506 4.79 -37.89 -11.77
N VAL C 2507 4.29 -36.76 -12.29
CA VAL C 2507 2.95 -36.66 -12.86
C VAL C 2507 3.04 -36.07 -14.26
N LEU C 2508 2.09 -36.43 -15.12
CA LEU C 2508 1.96 -35.89 -16.46
C LEU C 2508 0.51 -35.48 -16.65
N GLY C 2509 0.23 -34.19 -16.45
CA GLY C 2509 -1.12 -33.66 -16.57
C GLY C 2509 -1.31 -32.90 -17.88
N TYR C 2510 -2.56 -32.50 -18.10
CA TYR C 2510 -2.89 -31.73 -19.29
C TYR C 2510 -3.25 -30.31 -18.87
N ASN C 2511 -3.09 -29.36 -19.79
CA ASN C 2511 -3.59 -28.00 -19.65
C ASN C 2511 -4.19 -27.59 -20.99
N ARG C 2512 -5.47 -27.91 -21.19
CA ARG C 2512 -6.13 -27.63 -22.46
C ARG C 2512 -6.44 -26.15 -22.60
N LYS C 2513 -6.32 -25.64 -23.82
CA LYS C 2513 -6.57 -24.22 -24.10
C LYS C 2513 -7.72 -24.06 -25.09
N GLU C 2523 -6.19 -30.02 -29.07
CA GLU C 2523 -4.86 -29.65 -28.64
C GLU C 2523 -4.57 -30.19 -27.25
N ILE C 2524 -3.85 -31.32 -27.19
CA ILE C 2524 -3.52 -31.97 -25.93
C ILE C 2524 -2.05 -31.72 -25.63
N GLN C 2525 -1.78 -31.14 -24.46
CA GLN C 2525 -0.42 -30.87 -24.00
C GLN C 2525 -0.18 -31.66 -22.72
N SER C 2526 0.49 -32.79 -22.85
CA SER C 2526 0.80 -33.63 -21.70
C SER C 2526 1.89 -32.99 -20.86
N CYS C 2527 1.49 -32.13 -19.92
CA CYS C 2527 2.44 -31.40 -19.09
C CYS C 2527 3.05 -32.35 -18.08
N LEU C 2528 4.25 -32.85 -18.41
CA LEU C 2528 4.99 -33.72 -17.52
C LEU C 2528 5.56 -32.88 -16.37
N THR C 2529 5.13 -33.18 -15.15
CA THR C 2529 5.49 -32.38 -13.98
C THR C 2529 6.06 -33.26 -12.88
N VAL C 2530 7.13 -32.77 -12.24
CA VAL C 2530 7.99 -33.59 -11.39
C VAL C 2530 7.90 -33.06 -9.95
N TRP C 2531 7.54 -33.95 -9.02
CA TRP C 2531 7.27 -33.61 -7.63
C TRP C 2531 8.01 -34.56 -6.71
N ASP C 2532 8.96 -34.04 -5.94
CA ASP C 2532 9.64 -34.87 -4.96
C ASP C 2532 8.65 -35.39 -3.92
N ILE C 2533 8.90 -36.62 -3.44
CA ILE C 2533 7.98 -37.31 -2.48
C ILE C 2533 8.39 -37.09 -1.01
N ASN C 2534 9.46 -36.35 -0.71
CA ASN C 2534 10.01 -36.24 0.68
C ASN C 2534 8.96 -35.59 1.59
N LEU C 2535 8.17 -34.64 1.09
CA LEU C 2535 7.21 -33.83 1.89
C LEU C 2535 6.16 -34.48 2.83
N PRO C 2536 5.77 -35.77 2.88
CA PRO C 2536 4.70 -36.17 3.83
C PRO C 2536 4.98 -35.70 5.24
N HIS C 2537 6.25 -35.66 5.63
CA HIS C 2537 6.62 -34.96 6.86
C HIS C 2537 6.53 -33.45 6.65
N GLU C 2538 7.04 -32.95 5.53
CA GLU C 2538 7.04 -31.51 5.28
C GLU C 2538 5.63 -30.97 5.07
N VAL C 2539 4.79 -31.71 4.35
CA VAL C 2539 3.44 -31.22 4.06
C VAL C 2539 2.68 -30.96 5.34
N GLN C 2540 3.01 -31.67 6.41
CA GLN C 2540 2.44 -31.40 7.72
C GLN C 2540 3.36 -30.56 8.60
N ASN C 2541 4.68 -30.67 8.44
CA ASN C 2541 5.59 -29.86 9.23
C ASN C 2541 5.49 -28.38 8.85
N LEU C 2542 5.38 -28.09 7.55
CA LEU C 2542 5.25 -26.70 7.14
C LEU C 2542 3.93 -26.11 7.61
N GLU C 2543 2.84 -26.84 7.44
CA GLU C 2543 1.56 -26.32 7.93
C GLU C 2543 1.59 -26.17 9.45
N LYS C 2544 2.29 -27.07 10.13
CA LYS C 2544 2.60 -26.84 11.54
C LYS C 2544 3.45 -25.59 11.70
N HIS C 2545 4.27 -25.26 10.69
CA HIS C 2545 4.98 -23.99 10.71
C HIS C 2545 4.10 -22.83 10.26
N ILE C 2546 2.94 -23.12 9.65
CA ILE C 2546 2.00 -22.05 9.34
C ILE C 2546 1.04 -21.82 10.50
N GLU C 2547 0.54 -22.90 11.11
CA GLU C 2547 -0.39 -22.73 12.22
C GLU C 2547 0.32 -22.07 13.41
N VAL C 2548 1.60 -22.40 13.63
CA VAL C 2548 2.37 -21.67 14.61
C VAL C 2548 2.75 -20.29 14.09
N ARG C 2549 2.78 -20.12 12.76
CA ARG C 2549 3.00 -18.79 12.19
C ARG C 2549 1.81 -17.88 12.42
N LYS C 2550 0.61 -18.39 12.15
CA LYS C 2550 -0.60 -17.57 12.26
C LYS C 2550 -0.83 -17.14 13.71
N GLU C 2551 -0.51 -18.02 14.66
CA GLU C 2551 -0.83 -17.72 16.06
C GLU C 2551 0.00 -16.54 16.57
N LEU C 2552 1.31 -16.52 16.29
CA LEU C 2552 2.09 -15.36 16.73
C LEU C 2552 2.00 -14.23 15.72
N ALA C 2553 1.48 -14.48 14.52
CA ALA C 2553 1.08 -13.39 13.66
C ALA C 2553 -0.22 -12.75 14.15
N GLU C 2554 -0.94 -13.42 15.05
CA GLU C 2554 -2.14 -12.89 15.67
C GLU C 2554 -1.98 -12.68 17.19
N LYS C 2555 -0.96 -13.29 17.80
CA LYS C 2555 -0.77 -13.19 19.25
C LYS C 2555 -0.28 -11.82 19.66
N MET C 2556 0.94 -11.47 19.26
CA MET C 2556 1.64 -10.30 19.75
C MET C 2556 1.25 -9.04 18.99
N ARG C 2557 0.19 -9.11 18.18
CA ARG C 2557 -0.54 -7.93 17.77
C ARG C 2557 -1.29 -7.26 18.92
N ARG C 2558 -1.49 -7.98 20.03
CA ARG C 2558 -2.08 -7.38 21.23
C ARG C 2558 -1.23 -6.25 21.79
N THR C 2559 0.04 -6.15 21.38
CA THR C 2559 0.86 -4.99 21.72
C THR C 2559 0.30 -3.72 21.09
N SER C 2560 -0.17 -3.80 19.85
CA SER C 2560 -0.80 -2.64 19.21
C SER C 2560 -2.07 -2.24 19.94
N VAL C 2561 -2.88 -3.23 20.34
CA VAL C 2561 -4.08 -2.94 21.12
C VAL C 2561 -3.70 -2.43 22.50
N GLU C 2562 -2.89 -3.19 23.23
CA GLU C 2562 -2.43 -2.80 24.55
C GLU C 2562 -1.09 -3.48 24.88
PB GDP D . -5.76 46.75 -4.79
O1B GDP D . -4.70 46.29 -5.75
O2B GDP D . -6.85 45.71 -4.71
O3B GDP D . -5.17 46.91 -3.41
O3A GDP D . -6.35 48.15 -5.30
PA GDP D . -5.33 49.38 -5.36
O1A GDP D . -4.23 49.10 -6.35
O2A GDP D . -4.76 49.58 -3.98
O5' GDP D . -6.16 50.68 -5.81
C5' GDP D . -5.44 51.90 -6.03
C4' GDP D . -6.27 53.12 -5.63
O4' GDP D . -5.43 54.03 -4.90
C3' GDP D . -6.77 53.88 -6.84
O3' GDP D . -8.20 53.81 -6.92
C2' GDP D . -6.33 55.32 -6.65
O2' GDP D . -7.45 56.20 -6.75
C1' GDP D . -5.74 55.38 -5.26
N9 GDP D . -4.54 56.25 -5.22
C8 GDP D . -3.26 55.84 -5.18
N7 GDP D . -2.41 56.90 -5.15
C5 GDP D . -3.14 58.02 -5.18
C6 GDP D . -2.88 59.47 -5.16
O6 GDP D . -1.71 59.91 -5.12
N1 GDP D . -3.92 60.31 -5.19
C2 GDP D . -5.20 59.86 -5.23
N2 GDP D . -6.20 60.78 -5.26
N3 GDP D . -5.51 58.54 -5.25
C4 GDP D . -4.55 57.59 -5.22
#